data_2W2T
# 
_entry.id   2W2T 
# 
_audit_conform.dict_name       mmcif_pdbx.dic 
_audit_conform.dict_version    5.391 
_audit_conform.dict_location   http://mmcif.pdb.org/dictionaries/ascii/mmcif_pdbx.dic 
# 
loop_
_database_2.database_id 
_database_2.database_code 
_database_2.pdbx_database_accession 
_database_2.pdbx_DOI 
PDB   2W2T         pdb_00002w2t 10.2210/pdb2w2t/pdb 
PDBE  EBI-38026    ?            ?                   
WWPDB D_1290038026 ?            ?                   
# 
loop_
_pdbx_audit_revision_history.ordinal 
_pdbx_audit_revision_history.data_content_type 
_pdbx_audit_revision_history.major_revision 
_pdbx_audit_revision_history.minor_revision 
_pdbx_audit_revision_history.revision_date 
1 'Structure model' 1 0 2009-05-05 
2 'Structure model' 1 1 2011-05-08 
3 'Structure model' 1 2 2011-07-13 
4 'Structure model' 1 3 2019-05-15 
5 'Structure model' 1 4 2024-05-01 
# 
_pdbx_audit_revision_details.ordinal             1 
_pdbx_audit_revision_details.revision_ordinal    1 
_pdbx_audit_revision_details.data_content_type   'Structure model' 
_pdbx_audit_revision_details.provider            repository 
_pdbx_audit_revision_details.type                'Initial release' 
_pdbx_audit_revision_details.description         ? 
_pdbx_audit_revision_details.details             ? 
# 
loop_
_pdbx_audit_revision_group.ordinal 
_pdbx_audit_revision_group.revision_ordinal 
_pdbx_audit_revision_group.data_content_type 
_pdbx_audit_revision_group.group 
1  2 'Structure model' 'Version format compliance' 
2  3 'Structure model' 'Version format compliance' 
3  4 'Structure model' 'Data collection'           
4  4 'Structure model' 'Experimental preparation'  
5  4 'Structure model' Other                       
6  5 'Structure model' 'Data collection'           
7  5 'Structure model' 'Database references'       
8  5 'Structure model' 'Derived calculations'      
9  5 'Structure model' Other                       
10 5 'Structure model' 'Refinement description'    
# 
loop_
_pdbx_audit_revision_category.ordinal 
_pdbx_audit_revision_category.revision_ordinal 
_pdbx_audit_revision_category.data_content_type 
_pdbx_audit_revision_category.category 
1  4 'Structure model' exptl_crystal_grow            
2  4 'Structure model' pdbx_database_proc            
3  4 'Structure model' pdbx_database_status          
4  5 'Structure model' chem_comp_atom                
5  5 'Structure model' chem_comp_bond                
6  5 'Structure model' database_2                    
7  5 'Structure model' pdbx_database_status          
8  5 'Structure model' pdbx_initial_refinement_model 
9  5 'Structure model' pdbx_struct_conn_angle        
10 5 'Structure model' struct_conn                   
11 5 'Structure model' struct_site                   
# 
loop_
_pdbx_audit_revision_item.ordinal 
_pdbx_audit_revision_item.revision_ordinal 
_pdbx_audit_revision_item.data_content_type 
_pdbx_audit_revision_item.item 
1  4 'Structure model' '_exptl_crystal_grow.temp'                    
2  4 'Structure model' '_pdbx_database_status.recvd_author_approval' 
3  5 'Structure model' '_database_2.pdbx_DOI'                        
4  5 'Structure model' '_database_2.pdbx_database_accession'         
5  5 'Structure model' '_pdbx_database_status.status_code_sf'        
6  5 'Structure model' '_pdbx_struct_conn_angle.ptnr1_auth_comp_id'  
7  5 'Structure model' '_pdbx_struct_conn_angle.ptnr1_auth_seq_id'   
8  5 'Structure model' '_pdbx_struct_conn_angle.ptnr1_label_asym_id' 
9  5 'Structure model' '_pdbx_struct_conn_angle.ptnr1_label_atom_id' 
10 5 'Structure model' '_pdbx_struct_conn_angle.ptnr1_label_comp_id' 
11 5 'Structure model' '_pdbx_struct_conn_angle.ptnr1_label_seq_id'  
12 5 'Structure model' '_pdbx_struct_conn_angle.ptnr3_auth_comp_id'  
13 5 'Structure model' '_pdbx_struct_conn_angle.ptnr3_auth_seq_id'   
14 5 'Structure model' '_pdbx_struct_conn_angle.ptnr3_label_asym_id' 
15 5 'Structure model' '_pdbx_struct_conn_angle.ptnr3_label_atom_id' 
16 5 'Structure model' '_pdbx_struct_conn_angle.ptnr3_label_comp_id' 
17 5 'Structure model' '_pdbx_struct_conn_angle.ptnr3_label_seq_id'  
18 5 'Structure model' '_pdbx_struct_conn_angle.value'               
19 5 'Structure model' '_struct_conn.pdbx_dist_value'                
20 5 'Structure model' '_struct_conn.ptnr1_auth_comp_id'             
21 5 'Structure model' '_struct_conn.ptnr1_auth_seq_id'              
22 5 'Structure model' '_struct_conn.ptnr1_label_asym_id'            
23 5 'Structure model' '_struct_conn.ptnr1_label_atom_id'            
24 5 'Structure model' '_struct_conn.ptnr1_label_comp_id'            
25 5 'Structure model' '_struct_conn.ptnr1_label_seq_id'             
26 5 'Structure model' '_struct_conn.ptnr2_auth_comp_id'             
27 5 'Structure model' '_struct_conn.ptnr2_auth_seq_id'              
28 5 'Structure model' '_struct_conn.ptnr2_label_asym_id'            
29 5 'Structure model' '_struct_conn.ptnr2_label_atom_id'            
30 5 'Structure model' '_struct_conn.ptnr2_label_comp_id'            
31 5 'Structure model' '_struct_conn.ptnr2_label_seq_id'             
32 5 'Structure model' '_struct_site.pdbx_auth_asym_id'              
33 5 'Structure model' '_struct_site.pdbx_auth_comp_id'              
34 5 'Structure model' '_struct_site.pdbx_auth_seq_id'               
# 
_pdbx_database_status.status_code                     REL 
_pdbx_database_status.entry_id                        2W2T 
_pdbx_database_status.deposit_site                    PDBE 
_pdbx_database_status.process_site                    PDBE 
_pdbx_database_status.SG_entry                        . 
_pdbx_database_status.recvd_initial_deposition_date   2008-11-04 
_pdbx_database_status.pdb_format_compatible           Y 
_pdbx_database_status.status_code_sf                  REL 
_pdbx_database_status.status_code_mr                  ? 
_pdbx_database_status.status_code_cs                  ? 
_pdbx_database_status.methods_development_category    ? 
_pdbx_database_status.status_code_nmr_data            ? 
# 
_pdbx_database_related.db_name        PDB 
_pdbx_database_related.db_id          1DS6 
_pdbx_database_related.content_type   unspecified 
_pdbx_database_related.details        'CRYSTAL STRUCTURE OF A RAC-RHOGDI COMPLEX' 
# 
loop_
_audit_author.name 
_audit_author.pdbx_ordinal 
'Opaleye, O.'  1 
'Bunney, T.D.' 2 
'Roe, S.M.'    3 
'Pearl, L.H.'  4 
# 
_citation.id                        primary 
_citation.title                     
'Structural Insights Into Formation of an Active Signaling Complex between Rac and Phospholipase C Gamma 2.' 
_citation.journal_abbrev            Mol.Cell 
_citation.journal_volume            34 
_citation.page_first                223 
_citation.page_last                 ? 
_citation.year                      2009 
_citation.journal_id_ASTM           MOCEFL 
_citation.country                   US 
_citation.journal_id_ISSN           1097-2765 
_citation.journal_id_CSD            2168 
_citation.book_publisher            ? 
_citation.pdbx_database_id_PubMed   19394299 
_citation.pdbx_database_id_DOI      10.1016/J.MOLCEL.2009.02.023 
# 
loop_
_citation_author.citation_id 
_citation_author.name 
_citation_author.ordinal 
_citation_author.identifier_ORCID 
primary 'Bunney, T.D.'       1  ? 
primary 'Opaleye, O.'        2  ? 
primary 'Roe, S.M.'          3  ? 
primary 'Vatter, P.'         4  ? 
primary 'Baxendale, R.W.'    5  ? 
primary 'Walliser, C.'       6  ? 
primary 'Everett, K.L.'      7  ? 
primary 'Josephs, M.B.'      8  ? 
primary 'Christow, C.'       9  ? 
primary 'Rodrigues-Lima, F.' 10 ? 
primary 'Gierschik, P.'      11 ? 
primary 'Pearl, L.H.'        12 ? 
primary 'Katan, M.'          13 ? 
# 
loop_
_entity.id 
_entity.type 
_entity.src_method 
_entity.pdbx_description 
_entity.formula_weight 
_entity.pdbx_number_of_molecules 
_entity.pdbx_ec 
_entity.pdbx_mutation 
_entity.pdbx_fragment 
_entity.details 
1 polymer     man 'RAS-RELATED C3 BOTULINUM TOXIN SUBSTRATE 2' 20310.297 1   ? YES 'RESIDUES 2-179' ? 
2 non-polymer syn 'MAGNESIUM ION'                              24.305    1   ? ?   ?                ? 
3 non-polymer syn "GUANOSINE-5'-DIPHOSPHATE"                   443.201   1   ? ?   ?                ? 
4 water       nat water                                        18.015    137 ? ?   ?                ? 
# 
_entity_name_com.entity_id   1 
_entity_name_com.name        'P21-RAC2, SMALL G PROTEIN, GX, RAC2' 
# 
_entity_poly.entity_id                      1 
_entity_poly.type                           'polypeptide(L)' 
_entity_poly.nstd_linkage                   no 
_entity_poly.nstd_monomer                   no 
_entity_poly.pdbx_seq_one_letter_code       
;GGGSGGSQAIKCVVVGDVAVGKTCLLISYTTNAFPGEYIPTVFDNYSANVMVDSKPVNLGLWDTAGQEDYDRLRPLSYPQ
TDVFLICFSLVSPASYENVRAKWFPEVRHHCPSTPIILVGTKLDLRDDKDTIEKLKEKKLAPITYPQGLALAKEIDSVKY
LECSALTQRGLKTVFDEAIRAVLCP
;
_entity_poly.pdbx_seq_one_letter_code_can   
;GGGSGGSQAIKCVVVGDVAVGKTCLLISYTTNAFPGEYIPTVFDNYSANVMVDSKPVNLGLWDTAGQEDYDRLRPLSYPQ
TDVFLICFSLVSPASYENVRAKWFPEVRHHCPSTPIILVGTKLDLRDDKDTIEKLKEKKLAPITYPQGLALAKEIDSVKY
LECSALTQRGLKTVFDEAIRAVLCP
;
_entity_poly.pdbx_strand_id                 A 
_entity_poly.pdbx_target_identifier         ? 
# 
loop_
_pdbx_entity_nonpoly.entity_id 
_pdbx_entity_nonpoly.name 
_pdbx_entity_nonpoly.comp_id 
2 'MAGNESIUM ION'            MG  
3 "GUANOSINE-5'-DIPHOSPHATE" GDP 
4 water                      HOH 
# 
loop_
_entity_poly_seq.entity_id 
_entity_poly_seq.num 
_entity_poly_seq.mon_id 
_entity_poly_seq.hetero 
1 1   GLY n 
1 2   GLY n 
1 3   GLY n 
1 4   SER n 
1 5   GLY n 
1 6   GLY n 
1 7   SER n 
1 8   GLN n 
1 9   ALA n 
1 10  ILE n 
1 11  LYS n 
1 12  CYS n 
1 13  VAL n 
1 14  VAL n 
1 15  VAL n 
1 16  GLY n 
1 17  ASP n 
1 18  VAL n 
1 19  ALA n 
1 20  VAL n 
1 21  GLY n 
1 22  LYS n 
1 23  THR n 
1 24  CYS n 
1 25  LEU n 
1 26  LEU n 
1 27  ILE n 
1 28  SER n 
1 29  TYR n 
1 30  THR n 
1 31  THR n 
1 32  ASN n 
1 33  ALA n 
1 34  PHE n 
1 35  PRO n 
1 36  GLY n 
1 37  GLU n 
1 38  TYR n 
1 39  ILE n 
1 40  PRO n 
1 41  THR n 
1 42  VAL n 
1 43  PHE n 
1 44  ASP n 
1 45  ASN n 
1 46  TYR n 
1 47  SER n 
1 48  ALA n 
1 49  ASN n 
1 50  VAL n 
1 51  MET n 
1 52  VAL n 
1 53  ASP n 
1 54  SER n 
1 55  LYS n 
1 56  PRO n 
1 57  VAL n 
1 58  ASN n 
1 59  LEU n 
1 60  GLY n 
1 61  LEU n 
1 62  TRP n 
1 63  ASP n 
1 64  THR n 
1 65  ALA n 
1 66  GLY n 
1 67  GLN n 
1 68  GLU n 
1 69  ASP n 
1 70  TYR n 
1 71  ASP n 
1 72  ARG n 
1 73  LEU n 
1 74  ARG n 
1 75  PRO n 
1 76  LEU n 
1 77  SER n 
1 78  TYR n 
1 79  PRO n 
1 80  GLN n 
1 81  THR n 
1 82  ASP n 
1 83  VAL n 
1 84  PHE n 
1 85  LEU n 
1 86  ILE n 
1 87  CYS n 
1 88  PHE n 
1 89  SER n 
1 90  LEU n 
1 91  VAL n 
1 92  SER n 
1 93  PRO n 
1 94  ALA n 
1 95  SER n 
1 96  TYR n 
1 97  GLU n 
1 98  ASN n 
1 99  VAL n 
1 100 ARG n 
1 101 ALA n 
1 102 LYS n 
1 103 TRP n 
1 104 PHE n 
1 105 PRO n 
1 106 GLU n 
1 107 VAL n 
1 108 ARG n 
1 109 HIS n 
1 110 HIS n 
1 111 CYS n 
1 112 PRO n 
1 113 SER n 
1 114 THR n 
1 115 PRO n 
1 116 ILE n 
1 117 ILE n 
1 118 LEU n 
1 119 VAL n 
1 120 GLY n 
1 121 THR n 
1 122 LYS n 
1 123 LEU n 
1 124 ASP n 
1 125 LEU n 
1 126 ARG n 
1 127 ASP n 
1 128 ASP n 
1 129 LYS n 
1 130 ASP n 
1 131 THR n 
1 132 ILE n 
1 133 GLU n 
1 134 LYS n 
1 135 LEU n 
1 136 LYS n 
1 137 GLU n 
1 138 LYS n 
1 139 LYS n 
1 140 LEU n 
1 141 ALA n 
1 142 PRO n 
1 143 ILE n 
1 144 THR n 
1 145 TYR n 
1 146 PRO n 
1 147 GLN n 
1 148 GLY n 
1 149 LEU n 
1 150 ALA n 
1 151 LEU n 
1 152 ALA n 
1 153 LYS n 
1 154 GLU n 
1 155 ILE n 
1 156 ASP n 
1 157 SER n 
1 158 VAL n 
1 159 LYS n 
1 160 TYR n 
1 161 LEU n 
1 162 GLU n 
1 163 CYS n 
1 164 SER n 
1 165 ALA n 
1 166 LEU n 
1 167 THR n 
1 168 GLN n 
1 169 ARG n 
1 170 GLY n 
1 171 LEU n 
1 172 LYS n 
1 173 THR n 
1 174 VAL n 
1 175 PHE n 
1 176 ASP n 
1 177 GLU n 
1 178 ALA n 
1 179 ILE n 
1 180 ARG n 
1 181 ALA n 
1 182 VAL n 
1 183 LEU n 
1 184 CYS n 
1 185 PRO n 
# 
_entity_src_gen.entity_id                          1 
_entity_src_gen.pdbx_src_id                        1 
_entity_src_gen.pdbx_alt_source_flag               sample 
_entity_src_gen.pdbx_seq_type                      ? 
_entity_src_gen.pdbx_beg_seq_num                   ? 
_entity_src_gen.pdbx_end_seq_num                   ? 
_entity_src_gen.gene_src_common_name               HUMAN 
_entity_src_gen.gene_src_genus                     ? 
_entity_src_gen.pdbx_gene_src_gene                 ? 
_entity_src_gen.gene_src_species                   ? 
_entity_src_gen.gene_src_strain                    ? 
_entity_src_gen.gene_src_tissue                    ? 
_entity_src_gen.gene_src_tissue_fraction           ? 
_entity_src_gen.gene_src_details                   ? 
_entity_src_gen.pdbx_gene_src_fragment             ? 
_entity_src_gen.pdbx_gene_src_scientific_name      'HOMO SAPIENS' 
_entity_src_gen.pdbx_gene_src_ncbi_taxonomy_id     9606 
_entity_src_gen.pdbx_gene_src_variant              ? 
_entity_src_gen.pdbx_gene_src_cell_line            ? 
_entity_src_gen.pdbx_gene_src_atcc                 ? 
_entity_src_gen.pdbx_gene_src_organ                ? 
_entity_src_gen.pdbx_gene_src_organelle            ? 
_entity_src_gen.pdbx_gene_src_cell                 ? 
_entity_src_gen.pdbx_gene_src_cellular_location    ? 
_entity_src_gen.host_org_common_name               ? 
_entity_src_gen.pdbx_host_org_scientific_name      'SPODOPTERA FRUGIPERDA' 
_entity_src_gen.pdbx_host_org_ncbi_taxonomy_id     7108 
_entity_src_gen.host_org_genus                     ? 
_entity_src_gen.pdbx_host_org_gene                 ? 
_entity_src_gen.pdbx_host_org_organ                ? 
_entity_src_gen.host_org_species                   ? 
_entity_src_gen.pdbx_host_org_tissue               ? 
_entity_src_gen.pdbx_host_org_tissue_fraction      ? 
_entity_src_gen.pdbx_host_org_strain               ? 
_entity_src_gen.pdbx_host_org_variant              ? 
_entity_src_gen.pdbx_host_org_cell_line            SF9 
_entity_src_gen.pdbx_host_org_atcc                 ? 
_entity_src_gen.pdbx_host_org_culture_collection   ? 
_entity_src_gen.pdbx_host_org_cell                 ? 
_entity_src_gen.pdbx_host_org_organelle            ? 
_entity_src_gen.pdbx_host_org_cellular_location    ? 
_entity_src_gen.pdbx_host_org_vector_type          BACULOVIRUS 
_entity_src_gen.pdbx_host_org_vector               ? 
_entity_src_gen.host_org_details                   ? 
_entity_src_gen.expression_system_id               ? 
_entity_src_gen.plasmid_name                       ? 
_entity_src_gen.plasmid_details                    ? 
_entity_src_gen.pdbx_description                   ? 
# 
loop_
_chem_comp.id 
_chem_comp.type 
_chem_comp.mon_nstd_flag 
_chem_comp.name 
_chem_comp.pdbx_synonyms 
_chem_comp.formula 
_chem_comp.formula_weight 
ALA 'L-peptide linking' y ALANINE                    ? 'C3 H7 N O2'        89.093  
ARG 'L-peptide linking' y ARGININE                   ? 'C6 H15 N4 O2 1'    175.209 
ASN 'L-peptide linking' y ASPARAGINE                 ? 'C4 H8 N2 O3'       132.118 
ASP 'L-peptide linking' y 'ASPARTIC ACID'            ? 'C4 H7 N O4'        133.103 
CYS 'L-peptide linking' y CYSTEINE                   ? 'C3 H7 N O2 S'      121.158 
GDP 'RNA linking'       n "GUANOSINE-5'-DIPHOSPHATE" ? 'C10 H15 N5 O11 P2' 443.201 
GLN 'L-peptide linking' y GLUTAMINE                  ? 'C5 H10 N2 O3'      146.144 
GLU 'L-peptide linking' y 'GLUTAMIC ACID'            ? 'C5 H9 N O4'        147.129 
GLY 'peptide linking'   y GLYCINE                    ? 'C2 H5 N O2'        75.067  
HIS 'L-peptide linking' y HISTIDINE                  ? 'C6 H10 N3 O2 1'    156.162 
HOH non-polymer         . WATER                      ? 'H2 O'              18.015  
ILE 'L-peptide linking' y ISOLEUCINE                 ? 'C6 H13 N O2'       131.173 
LEU 'L-peptide linking' y LEUCINE                    ? 'C6 H13 N O2'       131.173 
LYS 'L-peptide linking' y LYSINE                     ? 'C6 H15 N2 O2 1'    147.195 
MET 'L-peptide linking' y METHIONINE                 ? 'C5 H11 N O2 S'     149.211 
MG  non-polymer         . 'MAGNESIUM ION'            ? 'Mg 2'              24.305  
PHE 'L-peptide linking' y PHENYLALANINE              ? 'C9 H11 N O2'       165.189 
PRO 'L-peptide linking' y PROLINE                    ? 'C5 H9 N O2'        115.130 
SER 'L-peptide linking' y SERINE                     ? 'C3 H7 N O3'        105.093 
THR 'L-peptide linking' y THREONINE                  ? 'C4 H9 N O3'        119.119 
TRP 'L-peptide linking' y TRYPTOPHAN                 ? 'C11 H12 N2 O2'     204.225 
TYR 'L-peptide linking' y TYROSINE                   ? 'C9 H11 N O3'       181.189 
VAL 'L-peptide linking' y VALINE                     ? 'C5 H11 N O2'       117.146 
# 
loop_
_pdbx_poly_seq_scheme.asym_id 
_pdbx_poly_seq_scheme.entity_id 
_pdbx_poly_seq_scheme.seq_id 
_pdbx_poly_seq_scheme.mon_id 
_pdbx_poly_seq_scheme.ndb_seq_num 
_pdbx_poly_seq_scheme.pdb_seq_num 
_pdbx_poly_seq_scheme.auth_seq_num 
_pdbx_poly_seq_scheme.pdb_mon_id 
_pdbx_poly_seq_scheme.auth_mon_id 
_pdbx_poly_seq_scheme.pdb_strand_id 
_pdbx_poly_seq_scheme.pdb_ins_code 
_pdbx_poly_seq_scheme.hetero 
A 1 1   GLY 1   -5  ?   ?   ?   A . n 
A 1 2   GLY 2   -4  ?   ?   ?   A . n 
A 1 3   GLY 3   -3  ?   ?   ?   A . n 
A 1 4   SER 4   -2  ?   ?   ?   A . n 
A 1 5   GLY 5   -1  ?   ?   ?   A . n 
A 1 6   GLY 6   0   ?   ?   ?   A . n 
A 1 7   SER 7   1   ?   ?   ?   A . n 
A 1 8   GLN 8   2   2   GLN GLN A . n 
A 1 9   ALA 9   3   3   ALA ALA A . n 
A 1 10  ILE 10  4   4   ILE ILE A . n 
A 1 11  LYS 11  5   5   LYS LYS A . n 
A 1 12  CYS 12  6   6   CYS CYS A . n 
A 1 13  VAL 13  7   7   VAL VAL A . n 
A 1 14  VAL 14  8   8   VAL VAL A . n 
A 1 15  VAL 15  9   9   VAL VAL A . n 
A 1 16  GLY 16  10  10  GLY GLY A . n 
A 1 17  ASP 17  11  11  ASP ASP A . n 
A 1 18  VAL 18  12  12  VAL VAL A . n 
A 1 19  ALA 19  13  13  ALA ALA A . n 
A 1 20  VAL 20  14  14  VAL VAL A . n 
A 1 21  GLY 21  15  15  GLY GLY A . n 
A 1 22  LYS 22  16  16  LYS LYS A . n 
A 1 23  THR 23  17  17  THR THR A . n 
A 1 24  CYS 24  18  18  CYS CYS A . n 
A 1 25  LEU 25  19  19  LEU LEU A . n 
A 1 26  LEU 26  20  20  LEU LEU A . n 
A 1 27  ILE 27  21  21  ILE ILE A . n 
A 1 28  SER 28  22  22  SER SER A . n 
A 1 29  TYR 29  23  23  TYR TYR A . n 
A 1 30  THR 30  24  24  THR THR A . n 
A 1 31  THR 31  25  25  THR THR A . n 
A 1 32  ASN 32  26  26  ASN ASN A . n 
A 1 33  ALA 33  27  27  ALA ALA A . n 
A 1 34  PHE 34  28  28  PHE PHE A . n 
A 1 35  PRO 35  29  29  PRO PRO A . n 
A 1 36  GLY 36  30  30  GLY GLY A . n 
A 1 37  GLU 37  31  31  GLU GLU A . n 
A 1 38  TYR 38  32  32  TYR TYR A . n 
A 1 39  ILE 39  33  33  ILE ILE A . n 
A 1 40  PRO 40  34  34  PRO PRO A . n 
A 1 41  THR 41  35  35  THR THR A . n 
A 1 42  VAL 42  36  36  VAL VAL A . n 
A 1 43  PHE 43  37  37  PHE PHE A . n 
A 1 44  ASP 44  38  38  ASP ASP A . n 
A 1 45  ASN 45  39  39  ASN ASN A . n 
A 1 46  TYR 46  40  40  TYR TYR A . n 
A 1 47  SER 47  41  41  SER SER A . n 
A 1 48  ALA 48  42  42  ALA ALA A . n 
A 1 49  ASN 49  43  43  ASN ASN A . n 
A 1 50  VAL 50  44  44  VAL VAL A . n 
A 1 51  MET 51  45  45  MET MET A . n 
A 1 52  VAL 52  46  46  VAL VAL A . n 
A 1 53  ASP 53  47  47  ASP ASP A . n 
A 1 54  SER 54  48  48  SER SER A . n 
A 1 55  LYS 55  49  49  LYS LYS A . n 
A 1 56  PRO 56  50  50  PRO PRO A . n 
A 1 57  VAL 57  51  51  VAL VAL A . n 
A 1 58  ASN 58  52  52  ASN ASN A . n 
A 1 59  LEU 59  53  53  LEU LEU A . n 
A 1 60  GLY 60  54  54  GLY GLY A . n 
A 1 61  LEU 61  55  55  LEU LEU A . n 
A 1 62  TRP 62  56  56  TRP TRP A . n 
A 1 63  ASP 63  57  57  ASP ASP A . n 
A 1 64  THR 64  58  58  THR THR A . n 
A 1 65  ALA 65  59  59  ALA ALA A . n 
A 1 66  GLY 66  60  60  GLY GLY A . n 
A 1 67  GLN 67  61  61  GLN GLN A . n 
A 1 68  GLU 68  62  62  GLU GLU A . n 
A 1 69  ASP 69  63  63  ASP ASP A . n 
A 1 70  TYR 70  64  64  TYR TYR A . n 
A 1 71  ASP 71  65  65  ASP ASP A . n 
A 1 72  ARG 72  66  66  ARG ARG A . n 
A 1 73  LEU 73  67  67  LEU LEU A . n 
A 1 74  ARG 74  68  68  ARG ARG A . n 
A 1 75  PRO 75  69  69  PRO PRO A . n 
A 1 76  LEU 76  70  70  LEU LEU A . n 
A 1 77  SER 77  71  71  SER SER A . n 
A 1 78  TYR 78  72  72  TYR TYR A . n 
A 1 79  PRO 79  73  73  PRO PRO A . n 
A 1 80  GLN 80  74  74  GLN GLN A . n 
A 1 81  THR 81  75  75  THR THR A . n 
A 1 82  ASP 82  76  76  ASP ASP A . n 
A 1 83  VAL 83  77  77  VAL VAL A . n 
A 1 84  PHE 84  78  78  PHE PHE A . n 
A 1 85  LEU 85  79  79  LEU LEU A . n 
A 1 86  ILE 86  80  80  ILE ILE A . n 
A 1 87  CYS 87  81  81  CYS CYS A . n 
A 1 88  PHE 88  82  82  PHE PHE A . n 
A 1 89  SER 89  83  83  SER SER A . n 
A 1 90  LEU 90  84  84  LEU LEU A . n 
A 1 91  VAL 91  85  85  VAL VAL A . n 
A 1 92  SER 92  86  86  SER SER A . n 
A 1 93  PRO 93  87  87  PRO PRO A . n 
A 1 94  ALA 94  88  88  ALA ALA A . n 
A 1 95  SER 95  89  89  SER SER A . n 
A 1 96  TYR 96  90  90  TYR TYR A . n 
A 1 97  GLU 97  91  91  GLU GLU A . n 
A 1 98  ASN 98  92  92  ASN ASN A . n 
A 1 99  VAL 99  93  93  VAL VAL A . n 
A 1 100 ARG 100 94  94  ARG ARG A . n 
A 1 101 ALA 101 95  95  ALA ALA A . n 
A 1 102 LYS 102 96  96  LYS LYS A . n 
A 1 103 TRP 103 97  97  TRP TRP A . n 
A 1 104 PHE 104 98  98  PHE PHE A . n 
A 1 105 PRO 105 99  99  PRO PRO A . n 
A 1 106 GLU 106 100 100 GLU GLU A . n 
A 1 107 VAL 107 101 101 VAL VAL A . n 
A 1 108 ARG 108 102 102 ARG ARG A . n 
A 1 109 HIS 109 103 103 HIS HIS A . n 
A 1 110 HIS 110 104 104 HIS HIS A . n 
A 1 111 CYS 111 105 105 CYS CYS A . n 
A 1 112 PRO 112 106 106 PRO PRO A . n 
A 1 113 SER 113 107 107 SER SER A . n 
A 1 114 THR 114 108 108 THR THR A . n 
A 1 115 PRO 115 109 109 PRO PRO A . n 
A 1 116 ILE 116 110 110 ILE ILE A . n 
A 1 117 ILE 117 111 111 ILE ILE A . n 
A 1 118 LEU 118 112 112 LEU LEU A . n 
A 1 119 VAL 119 113 113 VAL VAL A . n 
A 1 120 GLY 120 114 114 GLY GLY A . n 
A 1 121 THR 121 115 115 THR THR A . n 
A 1 122 LYS 122 116 116 LYS LYS A . n 
A 1 123 LEU 123 117 117 LEU LEU A . n 
A 1 124 ASP 124 118 118 ASP ASP A . n 
A 1 125 LEU 125 119 119 LEU LEU A . n 
A 1 126 ARG 126 120 120 ARG ARG A . n 
A 1 127 ASP 127 121 121 ASP ASP A . n 
A 1 128 ASP 128 122 122 ASP ASP A . n 
A 1 129 LYS 129 123 123 LYS LYS A . n 
A 1 130 ASP 130 124 124 ASP ASP A . n 
A 1 131 THR 131 125 125 THR THR A . n 
A 1 132 ILE 132 126 126 ILE ILE A . n 
A 1 133 GLU 133 127 127 GLU GLU A . n 
A 1 134 LYS 134 128 128 LYS LYS A . n 
A 1 135 LEU 135 129 129 LEU LEU A . n 
A 1 136 LYS 136 130 130 LYS LYS A . n 
A 1 137 GLU 137 131 131 GLU GLU A . n 
A 1 138 LYS 138 132 132 LYS LYS A . n 
A 1 139 LYS 139 133 133 LYS LYS A . n 
A 1 140 LEU 140 134 134 LEU LEU A . n 
A 1 141 ALA 141 135 135 ALA ALA A . n 
A 1 142 PRO 142 136 136 PRO PRO A . n 
A 1 143 ILE 143 137 137 ILE ILE A . n 
A 1 144 THR 144 138 138 THR THR A . n 
A 1 145 TYR 145 139 139 TYR TYR A . n 
A 1 146 PRO 146 140 140 PRO PRO A . n 
A 1 147 GLN 147 141 141 GLN GLN A . n 
A 1 148 GLY 148 142 142 GLY GLY A . n 
A 1 149 LEU 149 143 143 LEU LEU A . n 
A 1 150 ALA 150 144 144 ALA ALA A . n 
A 1 151 LEU 151 145 145 LEU LEU A . n 
A 1 152 ALA 152 146 146 ALA ALA A . n 
A 1 153 LYS 153 147 147 LYS LYS A . n 
A 1 154 GLU 154 148 148 GLU GLU A . n 
A 1 155 ILE 155 149 149 ILE ILE A . n 
A 1 156 ASP 156 150 150 ASP ASP A . n 
A 1 157 SER 157 151 151 SER SER A . n 
A 1 158 VAL 158 152 152 VAL VAL A . n 
A 1 159 LYS 159 153 153 LYS LYS A . n 
A 1 160 TYR 160 154 154 TYR TYR A . n 
A 1 161 LEU 161 155 155 LEU LEU A . n 
A 1 162 GLU 162 156 156 GLU GLU A . n 
A 1 163 CYS 163 157 157 CYS CYS A . n 
A 1 164 SER 164 158 158 SER SER A . n 
A 1 165 ALA 165 159 159 ALA ALA A . n 
A 1 166 LEU 166 160 160 LEU LEU A . n 
A 1 167 THR 167 161 161 THR THR A . n 
A 1 168 GLN 168 162 162 GLN GLN A . n 
A 1 169 ARG 169 163 163 ARG ARG A . n 
A 1 170 GLY 170 164 164 GLY GLY A . n 
A 1 171 LEU 171 165 165 LEU LEU A . n 
A 1 172 LYS 172 166 166 LYS LYS A . n 
A 1 173 THR 173 167 167 THR THR A . n 
A 1 174 VAL 174 168 168 VAL VAL A . n 
A 1 175 PHE 175 169 169 PHE PHE A . n 
A 1 176 ASP 176 170 170 ASP ASP A . n 
A 1 177 GLU 177 171 171 GLU GLU A . n 
A 1 178 ALA 178 172 172 ALA ALA A . n 
A 1 179 ILE 179 173 173 ILE ILE A . n 
A 1 180 ARG 180 174 174 ARG ARG A . n 
A 1 181 ALA 181 175 175 ALA ALA A . n 
A 1 182 VAL 182 176 176 VAL VAL A . n 
A 1 183 LEU 183 177 177 LEU LEU A . n 
A 1 184 CYS 184 178 178 CYS CYS A . n 
A 1 185 PRO 185 179 179 PRO PRO A . n 
# 
loop_
_pdbx_nonpoly_scheme.asym_id 
_pdbx_nonpoly_scheme.entity_id 
_pdbx_nonpoly_scheme.mon_id 
_pdbx_nonpoly_scheme.ndb_seq_num 
_pdbx_nonpoly_scheme.pdb_seq_num 
_pdbx_nonpoly_scheme.auth_seq_num 
_pdbx_nonpoly_scheme.pdb_mon_id 
_pdbx_nonpoly_scheme.auth_mon_id 
_pdbx_nonpoly_scheme.pdb_strand_id 
_pdbx_nonpoly_scheme.pdb_ins_code 
B 2 MG  1   1180 1180 MG  MG  A . 
C 3 GDP 1   1181 1181 GDP GDP A . 
D 4 HOH 1   2001 2001 HOH HOH A . 
D 4 HOH 2   2002 2002 HOH HOH A . 
D 4 HOH 3   2003 2003 HOH HOH A . 
D 4 HOH 4   2004 2004 HOH HOH A . 
D 4 HOH 5   2005 2005 HOH HOH A . 
D 4 HOH 6   2006 2006 HOH HOH A . 
D 4 HOH 7   2007 2007 HOH HOH A . 
D 4 HOH 8   2008 2008 HOH HOH A . 
D 4 HOH 9   2009 2009 HOH HOH A . 
D 4 HOH 10  2010 2010 HOH HOH A . 
D 4 HOH 11  2011 2011 HOH HOH A . 
D 4 HOH 12  2012 2012 HOH HOH A . 
D 4 HOH 13  2013 2013 HOH HOH A . 
D 4 HOH 14  2014 2014 HOH HOH A . 
D 4 HOH 15  2015 2015 HOH HOH A . 
D 4 HOH 16  2016 2016 HOH HOH A . 
D 4 HOH 17  2017 2017 HOH HOH A . 
D 4 HOH 18  2018 2018 HOH HOH A . 
D 4 HOH 19  2019 2019 HOH HOH A . 
D 4 HOH 20  2020 2020 HOH HOH A . 
D 4 HOH 21  2021 2021 HOH HOH A . 
D 4 HOH 22  2022 2022 HOH HOH A . 
D 4 HOH 23  2023 2023 HOH HOH A . 
D 4 HOH 24  2024 2024 HOH HOH A . 
D 4 HOH 25  2025 2025 HOH HOH A . 
D 4 HOH 26  2026 2026 HOH HOH A . 
D 4 HOH 27  2027 2027 HOH HOH A . 
D 4 HOH 28  2028 2028 HOH HOH A . 
D 4 HOH 29  2029 2029 HOH HOH A . 
D 4 HOH 30  2030 2030 HOH HOH A . 
D 4 HOH 31  2031 2031 HOH HOH A . 
D 4 HOH 32  2032 2032 HOH HOH A . 
D 4 HOH 33  2033 2033 HOH HOH A . 
D 4 HOH 34  2034 2034 HOH HOH A . 
D 4 HOH 35  2035 2035 HOH HOH A . 
D 4 HOH 36  2036 2036 HOH HOH A . 
D 4 HOH 37  2037 2037 HOH HOH A . 
D 4 HOH 38  2038 2038 HOH HOH A . 
D 4 HOH 39  2039 2039 HOH HOH A . 
D 4 HOH 40  2040 2040 HOH HOH A . 
D 4 HOH 41  2041 2041 HOH HOH A . 
D 4 HOH 42  2042 2042 HOH HOH A . 
D 4 HOH 43  2043 2043 HOH HOH A . 
D 4 HOH 44  2044 2044 HOH HOH A . 
D 4 HOH 45  2045 2045 HOH HOH A . 
D 4 HOH 46  2046 2046 HOH HOH A . 
D 4 HOH 47  2047 2047 HOH HOH A . 
D 4 HOH 48  2048 2048 HOH HOH A . 
D 4 HOH 49  2049 2049 HOH HOH A . 
D 4 HOH 50  2050 2050 HOH HOH A . 
D 4 HOH 51  2051 2051 HOH HOH A . 
D 4 HOH 52  2052 2052 HOH HOH A . 
D 4 HOH 53  2053 2053 HOH HOH A . 
D 4 HOH 54  2054 2054 HOH HOH A . 
D 4 HOH 55  2056 2056 HOH HOH A . 
D 4 HOH 56  2057 2057 HOH HOH A . 
D 4 HOH 57  2058 2058 HOH HOH A . 
D 4 HOH 58  2059 2059 HOH HOH A . 
D 4 HOH 59  2060 2060 HOH HOH A . 
D 4 HOH 60  2061 2061 HOH HOH A . 
D 4 HOH 61  2062 2062 HOH HOH A . 
D 4 HOH 62  2063 2063 HOH HOH A . 
D 4 HOH 63  2064 2064 HOH HOH A . 
D 4 HOH 64  2065 2065 HOH HOH A . 
D 4 HOH 65  2066 2066 HOH HOH A . 
D 4 HOH 66  2067 2067 HOH HOH A . 
D 4 HOH 67  2068 2068 HOH HOH A . 
D 4 HOH 68  2069 2069 HOH HOH A . 
D 4 HOH 69  2070 2070 HOH HOH A . 
D 4 HOH 70  2071 2071 HOH HOH A . 
D 4 HOH 71  2072 2072 HOH HOH A . 
D 4 HOH 72  2073 2073 HOH HOH A . 
D 4 HOH 73  2074 2074 HOH HOH A . 
D 4 HOH 74  2075 2075 HOH HOH A . 
D 4 HOH 75  2076 2076 HOH HOH A . 
D 4 HOH 76  2077 2077 HOH HOH A . 
D 4 HOH 77  2078 2078 HOH HOH A . 
D 4 HOH 78  2079 2079 HOH HOH A . 
D 4 HOH 79  2080 2080 HOH HOH A . 
D 4 HOH 80  2081 2081 HOH HOH A . 
D 4 HOH 81  2082 2082 HOH HOH A . 
D 4 HOH 82  2083 2083 HOH HOH A . 
D 4 HOH 83  2084 2084 HOH HOH A . 
D 4 HOH 84  2085 2085 HOH HOH A . 
D 4 HOH 85  2086 2086 HOH HOH A . 
D 4 HOH 86  2087 2087 HOH HOH A . 
D 4 HOH 87  2088 2088 HOH HOH A . 
D 4 HOH 88  2089 2089 HOH HOH A . 
D 4 HOH 89  2090 2090 HOH HOH A . 
D 4 HOH 90  2091 2091 HOH HOH A . 
D 4 HOH 91  2092 2092 HOH HOH A . 
D 4 HOH 92  2093 2093 HOH HOH A . 
D 4 HOH 93  2094 2094 HOH HOH A . 
D 4 HOH 94  2095 2095 HOH HOH A . 
D 4 HOH 95  2096 2096 HOH HOH A . 
D 4 HOH 96  2097 2097 HOH HOH A . 
D 4 HOH 97  2098 2098 HOH HOH A . 
D 4 HOH 98  2099 2099 HOH HOH A . 
D 4 HOH 99  2100 2100 HOH HOH A . 
D 4 HOH 100 2101 2101 HOH HOH A . 
D 4 HOH 101 2102 2102 HOH HOH A . 
D 4 HOH 102 2103 2103 HOH HOH A . 
D 4 HOH 103 2104 2104 HOH HOH A . 
D 4 HOH 104 2105 2105 HOH HOH A . 
D 4 HOH 105 2106 2106 HOH HOH A . 
D 4 HOH 106 2107 2107 HOH HOH A . 
D 4 HOH 107 2108 2108 HOH HOH A . 
D 4 HOH 108 2109 2109 HOH HOH A . 
D 4 HOH 109 2110 2110 HOH HOH A . 
D 4 HOH 110 2111 2111 HOH HOH A . 
D 4 HOH 111 2112 2112 HOH HOH A . 
D 4 HOH 112 2113 2113 HOH HOH A . 
D 4 HOH 113 2114 2114 HOH HOH A . 
D 4 HOH 114 2115 2115 HOH HOH A . 
D 4 HOH 115 2116 2116 HOH HOH A . 
D 4 HOH 116 2117 2117 HOH HOH A . 
D 4 HOH 117 2118 2118 HOH HOH A . 
D 4 HOH 118 2119 2119 HOH HOH A . 
D 4 HOH 119 2120 2120 HOH HOH A . 
D 4 HOH 120 2121 2121 HOH HOH A . 
D 4 HOH 121 2122 2122 HOH HOH A . 
D 4 HOH 122 2123 2123 HOH HOH A . 
D 4 HOH 123 2124 2124 HOH HOH A . 
D 4 HOH 124 2125 2125 HOH HOH A . 
D 4 HOH 125 2126 2126 HOH HOH A . 
D 4 HOH 126 2127 2127 HOH HOH A . 
D 4 HOH 127 2128 2128 HOH HOH A . 
D 4 HOH 128 2129 2129 HOH HOH A . 
D 4 HOH 129 2130 2130 HOH HOH A . 
D 4 HOH 130 2131 2131 HOH HOH A . 
D 4 HOH 131 2132 2132 HOH HOH A . 
D 4 HOH 132 2133 2133 HOH HOH A . 
D 4 HOH 133 2134 2134 HOH HOH A . 
D 4 HOH 134 2135 2135 HOH HOH A . 
D 4 HOH 135 2136 2136 HOH HOH A . 
D 4 HOH 136 2137 2137 HOH HOH A . 
D 4 HOH 137 2138 2138 HOH HOH A . 
# 
loop_
_pdbx_unobs_or_zero_occ_atoms.id 
_pdbx_unobs_or_zero_occ_atoms.PDB_model_num 
_pdbx_unobs_or_zero_occ_atoms.polymer_flag 
_pdbx_unobs_or_zero_occ_atoms.occupancy_flag 
_pdbx_unobs_or_zero_occ_atoms.auth_asym_id 
_pdbx_unobs_or_zero_occ_atoms.auth_comp_id 
_pdbx_unobs_or_zero_occ_atoms.auth_seq_id 
_pdbx_unobs_or_zero_occ_atoms.PDB_ins_code 
_pdbx_unobs_or_zero_occ_atoms.auth_atom_id 
_pdbx_unobs_or_zero_occ_atoms.label_alt_id 
_pdbx_unobs_or_zero_occ_atoms.label_asym_id 
_pdbx_unobs_or_zero_occ_atoms.label_comp_id 
_pdbx_unobs_or_zero_occ_atoms.label_seq_id 
_pdbx_unobs_or_zero_occ_atoms.label_atom_id 
1  1 Y 1 A GLN 2   ? CG  ? A GLN 8   CG  
2  1 Y 1 A GLN 2   ? CD  ? A GLN 8   CD  
3  1 Y 1 A GLN 2   ? OE1 ? A GLN 8   OE1 
4  1 Y 1 A GLN 2   ? NE2 ? A GLN 8   NE2 
5  1 Y 1 A GLU 31  ? CG  ? A GLU 37  CG  
6  1 Y 1 A GLU 31  ? CD  ? A GLU 37  CD  
7  1 Y 1 A GLU 31  ? OE1 ? A GLU 37  OE1 
8  1 Y 1 A GLU 31  ? OE2 ? A GLU 37  OE2 
9  1 Y 1 A TYR 32  ? CG  ? A TYR 38  CG  
10 1 Y 1 A TYR 32  ? CD1 ? A TYR 38  CD1 
11 1 Y 1 A TYR 32  ? CD2 ? A TYR 38  CD2 
12 1 Y 1 A TYR 32  ? CE1 ? A TYR 38  CE1 
13 1 Y 1 A TYR 32  ? CE2 ? A TYR 38  CE2 
14 1 Y 1 A TYR 32  ? CZ  ? A TYR 38  CZ  
15 1 Y 1 A TYR 32  ? OH  ? A TYR 38  OH  
16 1 Y 1 A VAL 44  ? CG1 ? A VAL 50  CG1 
17 1 Y 1 A VAL 44  ? CG2 ? A VAL 50  CG2 
18 1 Y 1 A ASP 47  ? CG  ? A ASP 53  CG  
19 1 Y 1 A ASP 47  ? OD1 ? A ASP 53  OD1 
20 1 Y 1 A ASP 47  ? OD2 ? A ASP 53  OD2 
21 1 Y 1 A SER 48  ? OG  ? A SER 54  OG  
22 1 Y 1 A LYS 49  ? CG  ? A LYS 55  CG  
23 1 Y 1 A LYS 49  ? CD  ? A LYS 55  CD  
24 1 Y 1 A LYS 49  ? CE  ? A LYS 55  CE  
25 1 Y 1 A LYS 49  ? NZ  ? A LYS 55  NZ  
26 1 Y 1 A GLU 62  ? CG  ? A GLU 68  CG  
27 1 Y 1 A GLU 62  ? CD  ? A GLU 68  CD  
28 1 Y 1 A GLU 62  ? OE1 ? A GLU 68  OE1 
29 1 Y 1 A GLU 62  ? OE2 ? A GLU 68  OE2 
30 1 Y 1 A GLN 74  ? CG  ? A GLN 80  CG  
31 1 Y 1 A GLN 74  ? CD  ? A GLN 80  CD  
32 1 Y 1 A GLN 74  ? OE1 ? A GLN 80  OE1 
33 1 Y 1 A GLN 74  ? NE2 ? A GLN 80  NE2 
34 1 Y 1 A LYS 123 ? CG  ? A LYS 129 CG  
35 1 Y 1 A LYS 123 ? CD  ? A LYS 129 CD  
36 1 Y 1 A LYS 123 ? CE  ? A LYS 129 CE  
37 1 Y 1 A LYS 123 ? NZ  ? A LYS 129 NZ  
38 1 Y 1 A LYS 130 ? CG  ? A LYS 136 CG  
39 1 Y 1 A LYS 130 ? CD  ? A LYS 136 CD  
40 1 Y 1 A LYS 130 ? CE  ? A LYS 136 CE  
41 1 Y 1 A LYS 130 ? NZ  ? A LYS 136 NZ  
42 1 Y 1 A LYS 147 ? CG  ? A LYS 153 CG  
43 1 Y 1 A LYS 147 ? CD  ? A LYS 153 CD  
44 1 Y 1 A LYS 147 ? CE  ? A LYS 153 CE  
45 1 Y 1 A LYS 147 ? NZ  ? A LYS 153 NZ  
46 1 Y 1 A LYS 153 ? CG  ? A LYS 159 CG  
47 1 Y 1 A LYS 153 ? CD  ? A LYS 159 CD  
48 1 Y 1 A LYS 153 ? CE  ? A LYS 159 CE  
49 1 Y 1 A LYS 153 ? NZ  ? A LYS 159 NZ  
50 1 Y 1 A ARG 163 ? CG  ? A ARG 169 CG  
51 1 Y 1 A ARG 163 ? CD  ? A ARG 169 CD  
52 1 Y 1 A ARG 163 ? NE  ? A ARG 169 NE  
53 1 Y 1 A ARG 163 ? CZ  ? A ARG 169 CZ  
54 1 Y 1 A ARG 163 ? NH1 ? A ARG 169 NH1 
55 1 Y 1 A ARG 163 ? NH2 ? A ARG 169 NH2 
56 1 Y 1 A LEU 177 ? CG  ? A LEU 183 CG  
57 1 Y 1 A LEU 177 ? CD1 ? A LEU 183 CD1 
58 1 Y 1 A LEU 177 ? CD2 ? A LEU 183 CD2 
# 
loop_
_software.name 
_software.classification 
_software.version 
_software.citation_id 
_software.pdbx_ordinal 
PHENIX refinement       '(PHENIX.REFINE)' ? 1 
MOSFLM 'data reduction' .                 ? 2 
SCALA  'data scaling'   .                 ? 3 
PHASER phasing          .                 ? 4 
# 
_cell.entry_id           2W2T 
_cell.length_a           42.205 
_cell.length_b           98.106 
_cell.length_c           108.064 
_cell.angle_alpha        90.00 
_cell.angle_beta         90.00 
_cell.angle_gamma        90.00 
_cell.Z_PDB              8 
_cell.pdbx_unique_axis   ? 
# 
_symmetry.entry_id                         2W2T 
_symmetry.space_group_name_H-M             'C 2 2 21' 
_symmetry.pdbx_full_space_group_name_H-M   ? 
_symmetry.cell_setting                     ? 
_symmetry.Int_Tables_number                20 
# 
_exptl.entry_id          2W2T 
_exptl.method            'X-RAY DIFFRACTION' 
_exptl.crystals_number   1 
# 
_exptl_crystal.id                    1 
_exptl_crystal.density_meas          ? 
_exptl_crystal.density_Matthews      2.55 
_exptl_crystal.density_percent_sol   52 
_exptl_crystal.description           NONE 
# 
_exptl_crystal_grow.crystal_id      1 
_exptl_crystal_grow.method          ? 
_exptl_crystal_grow.temp            277 
_exptl_crystal_grow.temp_details    ? 
_exptl_crystal_grow.pH              7 
_exptl_crystal_grow.pdbx_pH_range   ? 
_exptl_crystal_grow.pdbx_details    
;RAC2(2-192)GDP WAS CRYSTALLIZED USING A PROTEIN CONCENTRATION OF 20 MG/ML WITH PRECIPITANT (20% PEG3350, 100 MM BIS-TRIS PROPANE PH 7.0) AND AT A CONSTANT TEMPERATURE OF 4C
;
# 
_diffrn.id                     1 
_diffrn.ambient_temp           100 
_diffrn.ambient_temp_details   ? 
_diffrn.crystal_id             1 
# 
_diffrn_detector.diffrn_id              1 
_diffrn_detector.detector               CCD 
_diffrn_detector.type                   'ADSC CCD' 
_diffrn_detector.pdbx_collection_date   2008-09-13 
_diffrn_detector.details                ? 
# 
_diffrn_radiation.diffrn_id                        1 
_diffrn_radiation.wavelength_id                    1 
_diffrn_radiation.pdbx_monochromatic_or_laue_m_l   M 
_diffrn_radiation.monochromator                    ? 
_diffrn_radiation.pdbx_diffrn_protocol             'SINGLE WAVELENGTH' 
_diffrn_radiation.pdbx_scattering_type             x-ray 
# 
_diffrn_radiation_wavelength.id           1 
_diffrn_radiation_wavelength.wavelength   0.9796 
_diffrn_radiation_wavelength.wt           1.0 
# 
_diffrn_source.diffrn_id                   1 
_diffrn_source.source                      SYNCHROTRON 
_diffrn_source.type                        'DIAMOND BEAMLINE I02' 
_diffrn_source.pdbx_synchrotron_site       Diamond 
_diffrn_source.pdbx_synchrotron_beamline   I02 
_diffrn_source.pdbx_wavelength             0.9796 
_diffrn_source.pdbx_wavelength_list        ? 
# 
_reflns.pdbx_diffrn_id               1 
_reflns.pdbx_ordinal                 1 
_reflns.entry_id                     2W2T 
_reflns.observed_criterion_sigma_I   . 
_reflns.observed_criterion_sigma_F   ? 
_reflns.d_resolution_low             54.00 
_reflns.d_resolution_high            1.95 
_reflns.number_obs                   79004 
_reflns.number_all                   ? 
_reflns.percent_possible_obs         98.7 
_reflns.pdbx_Rmerge_I_obs            0.08 
_reflns.pdbx_Rsym_value              ? 
_reflns.pdbx_netI_over_sigmaI        12.90 
_reflns.B_iso_Wilson_estimate        ? 
_reflns.pdbx_redundancy              4.8 
# 
_reflns_shell.pdbx_diffrn_id         1 
_reflns_shell.pdbx_ordinal           1 
_reflns_shell.d_res_high             1.95 
_reflns_shell.d_res_low              2.06 
_reflns_shell.percent_possible_all   96.1 
_reflns_shell.Rmerge_I_obs           0.52 
_reflns_shell.pdbx_Rsym_value        ? 
_reflns_shell.meanI_over_sigI_obs    2.30 
_reflns_shell.pdbx_redundancy        4.5 
# 
_refine.pdbx_refine_id                           'X-RAY DIFFRACTION' 
_refine.entry_id                                 2W2T 
_refine.pdbx_diffrn_id                           1 
_refine.pdbx_TLS_residual_ADP_flag               ? 
_refine.ls_number_reflns_obs                     30557 
_refine.ls_number_reflns_all                     ? 
_refine.pdbx_ls_sigma_I                          ? 
_refine.pdbx_ls_sigma_F                          1.210 
_refine.pdbx_data_cutoff_high_absF               ? 
_refine.pdbx_data_cutoff_low_absF                ? 
_refine.pdbx_data_cutoff_high_rms_absF           ? 
_refine.ls_d_res_low                             54.03 
_refine.ls_d_res_high                            1.95 
_refine.ls_percent_reflns_obs                    96.7 
_refine.ls_R_factor_obs                          0.210 
_refine.ls_R_factor_all                          ? 
_refine.ls_R_factor_R_work                       0.207 
_refine.ls_R_factor_R_free                       0.254 
_refine.ls_R_factor_R_free_error                 ? 
_refine.ls_R_factor_R_free_error_details         ? 
_refine.ls_percent_reflns_R_free                 5.000 
_refine.ls_number_reflns_R_free                  1535 
_refine.ls_number_parameters                     ? 
_refine.ls_number_restraints                     ? 
_refine.occupancy_min                            ? 
_refine.occupancy_max                            ? 
_refine.correlation_coeff_Fo_to_Fc               ? 
_refine.correlation_coeff_Fo_to_Fc_free          ? 
_refine.B_iso_mean                               ? 
_refine.aniso_B[1][1]                            -12.85400 
_refine.aniso_B[2][2]                            27.72270 
_refine.aniso_B[3][3]                            -18.11190 
_refine.aniso_B[1][2]                            0.00000 
_refine.aniso_B[1][3]                            -0.00000 
_refine.aniso_B[2][3]                            -0.00000 
_refine.solvent_model_details                    'FLAT BULK SOLVENT MODEL' 
_refine.solvent_model_param_ksol                 0.36 
_refine.solvent_model_param_bsol                 59.89 
_refine.pdbx_solvent_vdw_probe_radii             1.11 
_refine.pdbx_solvent_ion_probe_radii             ? 
_refine.pdbx_solvent_shrinkage_radii             0.90 
_refine.pdbx_ls_cross_valid_method               ? 
_refine.details                                  ? 
_refine.pdbx_starting_model                      'IN HOUSE STRUCTURE.' 
_refine.pdbx_method_to_determine_struct          'MOLECULAR REPLACEMENT' 
_refine.pdbx_isotropic_thermal_model             ? 
_refine.pdbx_stereochemistry_target_values       ML 
_refine.pdbx_stereochem_target_val_spec_case     ? 
_refine.pdbx_R_Free_selection_details            ? 
_refine.pdbx_overall_ESU_R                       ? 
_refine.pdbx_overall_ESU_R_Free                  ? 
_refine.overall_SU_ML                            0.310 
_refine.pdbx_overall_phase_error                 30.750 
_refine.overall_SU_B                             ? 
_refine.overall_SU_R_Cruickshank_DPI             ? 
_refine.pdbx_overall_SU_R_free_Cruickshank_DPI   ? 
_refine.pdbx_overall_SU_R_Blow_DPI               ? 
_refine.pdbx_overall_SU_R_free_Blow_DPI          ? 
# 
_refine_hist.pdbx_refine_id                   'X-RAY DIFFRACTION' 
_refine_hist.cycle_id                         LAST 
_refine_hist.pdbx_number_atoms_protein        1336 
_refine_hist.pdbx_number_atoms_nucleic_acid   0 
_refine_hist.pdbx_number_atoms_ligand         29 
_refine_hist.number_atoms_solvent             137 
_refine_hist.number_atoms_total               1502 
_refine_hist.d_res_high                       1.95 
_refine_hist.d_res_low                        54.03 
# 
loop_
_refine_ls_restr.type 
_refine_ls_restr.dev_ideal 
_refine_ls_restr.dev_ideal_target 
_refine_ls_restr.weight 
_refine_ls_restr.number 
_refine_ls_restr.pdbx_refine_id 
_refine_ls_restr.pdbx_restraint_function 
f_bond_d           0.023  ? ? 1407 'X-RAY DIFFRACTION' ? 
f_angle_d          2.048  ? ? 1936 'X-RAY DIFFRACTION' ? 
f_dihedral_angle_d 19.078 ? ? 490  'X-RAY DIFFRACTION' ? 
f_chiral_restr     0.134  ? ? 231  'X-RAY DIFFRACTION' ? 
f_plane_restr      0.012  ? ? 242  'X-RAY DIFFRACTION' ? 
# 
loop_
_refine_ls_shell.pdbx_refine_id 
_refine_ls_shell.pdbx_total_number_of_bins_used 
_refine_ls_shell.d_res_high 
_refine_ls_shell.d_res_low 
_refine_ls_shell.number_reflns_R_work 
_refine_ls_shell.R_factor_R_work 
_refine_ls_shell.percent_reflns_obs 
_refine_ls_shell.R_factor_R_free 
_refine_ls_shell.R_factor_R_free_error 
_refine_ls_shell.percent_reflns_R_free 
_refine_ls_shell.number_reflns_R_free 
_refine_ls_shell.number_reflns_all 
_refine_ls_shell.R_factor_all 
'X-RAY DIFFRACTION' . 1.9501 2.0130  2446 0.3598 90.00  0.3542 . . 142 . . 
'X-RAY DIFFRACTION' . 2.0130 2.0850  2533 0.3028 93.00  0.3172 . . 139 . . 
'X-RAY DIFFRACTION' . 2.0850 2.1685  2563 0.2813 94.00  0.2956 . . 141 . . 
'X-RAY DIFFRACTION' . 2.1685 2.2672  2585 0.2620 95.00  0.3357 . . 141 . . 
'X-RAY DIFFRACTION' . 2.2672 2.3867  2621 0.2355 97.00  0.3502 . . 150 . . 
'X-RAY DIFFRACTION' . 2.3867 2.5362  2728 0.2160 98.00  0.2563 . . 131 . . 
'X-RAY DIFFRACTION' . 2.5362 2.7321  2720 0.2116 100.00 0.2881 . . 123 . . 
'X-RAY DIFFRACTION' . 2.7321 3.0070  2721 0.2047 99.00  0.2457 . . 135 . . 
'X-RAY DIFFRACTION' . 3.0070 3.4420  2708 0.1924 99.00  0.2257 . . 163 . . 
'X-RAY DIFFRACTION' . 3.4420 4.3363  2683 0.1678 99.00  0.2376 . . 160 . . 
'X-RAY DIFFRACTION' . 4.3363 54.0528 2714 0.1646 98.00  0.1742 . . 110 . . 
# 
_struct.entry_id                  2W2T 
_struct.title                     'Rac2 (G12V) in complex with GDP' 
_struct.pdbx_model_details        ? 
_struct.pdbx_CASP_flag            ? 
_struct.pdbx_model_type_details   ? 
# 
_struct_keywords.entry_id        2W2T 
_struct_keywords.pdbx_keywords   'SIGNALING PROTEIN' 
_struct_keywords.text            'SIGNALING PROTEIN, PHOSPHOLIPASE C, PHOSPHOINOSITIDES, RHO GTPASES, RAC SIGNALING PROTEIN' 
# 
loop_
_struct_asym.id 
_struct_asym.pdbx_blank_PDB_chainid_flag 
_struct_asym.pdbx_modified 
_struct_asym.entity_id 
_struct_asym.details 
A N N 1 ? 
B N N 2 ? 
C N N 3 ? 
D N N 4 ? 
# 
loop_
_struct_ref.id 
_struct_ref.db_name 
_struct_ref.db_code 
_struct_ref.entity_id 
_struct_ref.pdbx_seq_one_letter_code 
_struct_ref.pdbx_align_begin 
_struct_ref.pdbx_db_accession 
_struct_ref.pdbx_db_isoform 
1 PDB 2W2T       1 ? ? 2W2T   ? 
2 UNP RAC2_HUMAN 1 ? ? P15153 ? 
# 
loop_
_struct_ref_seq.align_id 
_struct_ref_seq.ref_id 
_struct_ref_seq.pdbx_PDB_id_code 
_struct_ref_seq.pdbx_strand_id 
_struct_ref_seq.seq_align_beg 
_struct_ref_seq.pdbx_seq_align_beg_ins_code 
_struct_ref_seq.seq_align_end 
_struct_ref_seq.pdbx_seq_align_end_ins_code 
_struct_ref_seq.pdbx_db_accession 
_struct_ref_seq.db_align_beg 
_struct_ref_seq.pdbx_db_align_beg_ins_code 
_struct_ref_seq.db_align_end 
_struct_ref_seq.pdbx_db_align_end_ins_code 
_struct_ref_seq.pdbx_auth_seq_align_beg 
_struct_ref_seq.pdbx_auth_seq_align_end 
1 1 2W2T A 1 ? 7   ? 2W2T   -5 ? 1   ? -5 1   
2 2 2W2T A 8 ? 185 ? P15153 2  ? 179 ? 2  179 
# 
_struct_ref_seq_dif.align_id                     1 
_struct_ref_seq_dif.pdbx_pdb_id_code             2W2T 
_struct_ref_seq_dif.mon_id                       VAL 
_struct_ref_seq_dif.pdbx_pdb_strand_id           A 
_struct_ref_seq_dif.seq_num                      18 
_struct_ref_seq_dif.pdbx_pdb_ins_code            ? 
_struct_ref_seq_dif.pdbx_seq_db_name             UNP 
_struct_ref_seq_dif.pdbx_seq_db_accession_code   P15153 
_struct_ref_seq_dif.db_mon_id                    GLY 
_struct_ref_seq_dif.pdbx_seq_db_seq_num          12 
_struct_ref_seq_dif.details                      'engineered mutation' 
_struct_ref_seq_dif.pdbx_auth_seq_num            12 
_struct_ref_seq_dif.pdbx_ordinal                 1 
# 
_pdbx_struct_assembly.id                   1 
_pdbx_struct_assembly.details              author_and_software_defined_assembly 
_pdbx_struct_assembly.method_details       PQS 
_pdbx_struct_assembly.oligomeric_details   monomeric 
_pdbx_struct_assembly.oligomeric_count     1 
# 
_pdbx_struct_assembly_gen.assembly_id       1 
_pdbx_struct_assembly_gen.oper_expression   1 
_pdbx_struct_assembly_gen.asym_id_list      A,B,C,D 
# 
_pdbx_struct_oper_list.id                   1 
_pdbx_struct_oper_list.type                 'identity operation' 
_pdbx_struct_oper_list.name                 1_555 
_pdbx_struct_oper_list.symmetry_operation   x,y,z 
_pdbx_struct_oper_list.matrix[1][1]         1.0000000000 
_pdbx_struct_oper_list.matrix[1][2]         0.0000000000 
_pdbx_struct_oper_list.matrix[1][3]         0.0000000000 
_pdbx_struct_oper_list.vector[1]            0.0000000000 
_pdbx_struct_oper_list.matrix[2][1]         0.0000000000 
_pdbx_struct_oper_list.matrix[2][2]         1.0000000000 
_pdbx_struct_oper_list.matrix[2][3]         0.0000000000 
_pdbx_struct_oper_list.vector[2]            0.0000000000 
_pdbx_struct_oper_list.matrix[3][1]         0.0000000000 
_pdbx_struct_oper_list.matrix[3][2]         0.0000000000 
_pdbx_struct_oper_list.matrix[3][3]         1.0000000000 
_pdbx_struct_oper_list.vector[3]            0.0000000000 
# 
_struct_biol.id   1 
# 
loop_
_struct_conf.conf_type_id 
_struct_conf.id 
_struct_conf.pdbx_PDB_helix_id 
_struct_conf.beg_label_comp_id 
_struct_conf.beg_label_asym_id 
_struct_conf.beg_label_seq_id 
_struct_conf.pdbx_beg_PDB_ins_code 
_struct_conf.end_label_comp_id 
_struct_conf.end_label_asym_id 
_struct_conf.end_label_seq_id 
_struct_conf.pdbx_end_PDB_ins_code 
_struct_conf.beg_auth_comp_id 
_struct_conf.beg_auth_asym_id 
_struct_conf.beg_auth_seq_id 
_struct_conf.end_auth_comp_id 
_struct_conf.end_auth_asym_id 
_struct_conf.end_auth_seq_id 
_struct_conf.pdbx_PDB_helix_class 
_struct_conf.details 
_struct_conf.pdbx_PDB_helix_length 
HELX_P HELX_P1 1 GLY A 21  ? ASN A 32  ? GLY A 15  ASN A 26  1 ? 12 
HELX_P HELX_P2 2 GLN A 67  ? ASP A 71  ? GLN A 61  ASP A 65  5 ? 5  
HELX_P HELX_P3 3 LEU A 73  ? TYR A 78  ? LEU A 67  TYR A 72  5 ? 6  
HELX_P HELX_P4 4 SER A 92  ? LYS A 102 ? SER A 86  LYS A 96  1 ? 11 
HELX_P HELX_P5 5 LYS A 102 ? CYS A 111 ? LYS A 96  CYS A 105 1 ? 10 
HELX_P HELX_P6 6 LYS A 122 ? ARG A 126 ? LYS A 116 ARG A 120 5 ? 5  
HELX_P HELX_P7 7 ASP A 128 ? GLU A 137 ? ASP A 122 GLU A 131 1 ? 10 
HELX_P HELX_P8 8 THR A 144 ? ASP A 156 ? THR A 138 ASP A 150 1 ? 13 
HELX_P HELX_P9 9 GLY A 170 ? VAL A 182 ? GLY A 164 VAL A 176 1 ? 13 
# 
_struct_conf_type.id          HELX_P 
_struct_conf_type.criteria    ? 
_struct_conf_type.reference   ? 
# 
loop_
_struct_conn.id 
_struct_conn.conn_type_id 
_struct_conn.pdbx_leaving_atom_flag 
_struct_conn.pdbx_PDB_id 
_struct_conn.ptnr1_label_asym_id 
_struct_conn.ptnr1_label_comp_id 
_struct_conn.ptnr1_label_seq_id 
_struct_conn.ptnr1_label_atom_id 
_struct_conn.pdbx_ptnr1_label_alt_id 
_struct_conn.pdbx_ptnr1_PDB_ins_code 
_struct_conn.pdbx_ptnr1_standard_comp_id 
_struct_conn.ptnr1_symmetry 
_struct_conn.ptnr2_label_asym_id 
_struct_conn.ptnr2_label_comp_id 
_struct_conn.ptnr2_label_seq_id 
_struct_conn.ptnr2_label_atom_id 
_struct_conn.pdbx_ptnr2_label_alt_id 
_struct_conn.pdbx_ptnr2_PDB_ins_code 
_struct_conn.ptnr1_auth_asym_id 
_struct_conn.ptnr1_auth_comp_id 
_struct_conn.ptnr1_auth_seq_id 
_struct_conn.ptnr2_auth_asym_id 
_struct_conn.ptnr2_auth_comp_id 
_struct_conn.ptnr2_auth_seq_id 
_struct_conn.ptnr2_symmetry 
_struct_conn.pdbx_ptnr3_label_atom_id 
_struct_conn.pdbx_ptnr3_label_seq_id 
_struct_conn.pdbx_ptnr3_label_comp_id 
_struct_conn.pdbx_ptnr3_label_asym_id 
_struct_conn.pdbx_ptnr3_label_alt_id 
_struct_conn.pdbx_ptnr3_PDB_ins_code 
_struct_conn.details 
_struct_conn.pdbx_dist_value 
_struct_conn.pdbx_value_order 
_struct_conn.pdbx_role 
metalc1 metalc ? ? A THR 23 OG1 ? ? ? 1_555 B MG  . MG  ? ? A THR 17   A MG  1180 1_555 ? ? ? ? ? ? ? 2.098 ? ? 
metalc2 metalc ? ? B MG  .  MG  ? ? ? 1_555 C GDP . O1B ? ? A MG  1180 A GDP 1181 1_555 ? ? ? ? ? ? ? 2.239 ? ? 
metalc3 metalc ? ? B MG  .  MG  ? ? ? 1_555 D HOH . O   ? ? A MG  1180 A HOH 2013 1_555 ? ? ? ? ? ? ? 2.216 ? ? 
metalc4 metalc ? ? B MG  .  MG  ? ? ? 1_555 D HOH . O   ? ? A MG  1180 A HOH 2058 1_555 ? ? ? ? ? ? ? 2.122 ? ? 
metalc5 metalc ? ? B MG  .  MG  ? ? ? 1_555 D HOH . O   ? ? A MG  1180 A HOH 2135 1_555 ? ? ? ? ? ? ? 2.156 ? ? 
metalc6 metalc ? ? B MG  .  MG  ? ? ? 1_555 D HOH . O   ? ? A MG  1180 A HOH 2138 1_555 ? ? ? ? ? ? ? 2.346 ? ? 
# 
_struct_conn_type.id          metalc 
_struct_conn_type.criteria    ? 
_struct_conn_type.reference   ? 
# 
loop_
_pdbx_struct_conn_angle.id 
_pdbx_struct_conn_angle.ptnr1_label_atom_id 
_pdbx_struct_conn_angle.ptnr1_label_alt_id 
_pdbx_struct_conn_angle.ptnr1_label_asym_id 
_pdbx_struct_conn_angle.ptnr1_label_comp_id 
_pdbx_struct_conn_angle.ptnr1_label_seq_id 
_pdbx_struct_conn_angle.ptnr1_auth_atom_id 
_pdbx_struct_conn_angle.ptnr1_auth_asym_id 
_pdbx_struct_conn_angle.ptnr1_auth_comp_id 
_pdbx_struct_conn_angle.ptnr1_auth_seq_id 
_pdbx_struct_conn_angle.ptnr1_PDB_ins_code 
_pdbx_struct_conn_angle.ptnr1_symmetry 
_pdbx_struct_conn_angle.ptnr2_label_atom_id 
_pdbx_struct_conn_angle.ptnr2_label_alt_id 
_pdbx_struct_conn_angle.ptnr2_label_asym_id 
_pdbx_struct_conn_angle.ptnr2_label_comp_id 
_pdbx_struct_conn_angle.ptnr2_label_seq_id 
_pdbx_struct_conn_angle.ptnr2_auth_atom_id 
_pdbx_struct_conn_angle.ptnr2_auth_asym_id 
_pdbx_struct_conn_angle.ptnr2_auth_comp_id 
_pdbx_struct_conn_angle.ptnr2_auth_seq_id 
_pdbx_struct_conn_angle.ptnr2_PDB_ins_code 
_pdbx_struct_conn_angle.ptnr2_symmetry 
_pdbx_struct_conn_angle.ptnr3_label_atom_id 
_pdbx_struct_conn_angle.ptnr3_label_alt_id 
_pdbx_struct_conn_angle.ptnr3_label_asym_id 
_pdbx_struct_conn_angle.ptnr3_label_comp_id 
_pdbx_struct_conn_angle.ptnr3_label_seq_id 
_pdbx_struct_conn_angle.ptnr3_auth_atom_id 
_pdbx_struct_conn_angle.ptnr3_auth_asym_id 
_pdbx_struct_conn_angle.ptnr3_auth_comp_id 
_pdbx_struct_conn_angle.ptnr3_auth_seq_id 
_pdbx_struct_conn_angle.ptnr3_PDB_ins_code 
_pdbx_struct_conn_angle.ptnr3_symmetry 
_pdbx_struct_conn_angle.value 
_pdbx_struct_conn_angle.value_esd 
1  OG1 ? A THR 23 ? A THR 17   ? 1_555 MG ? B MG . ? A MG 1180 ? 1_555 O1B ? C GDP . ? A GDP 1181 ? 1_555 98.2  ? 
2  OG1 ? A THR 23 ? A THR 17   ? 1_555 MG ? B MG . ? A MG 1180 ? 1_555 O   ? D HOH . ? A HOH 2013 ? 1_555 76.8  ? 
3  O1B ? C GDP .  ? A GDP 1181 ? 1_555 MG ? B MG . ? A MG 1180 ? 1_555 O   ? D HOH . ? A HOH 2013 ? 1_555 172.5 ? 
4  OG1 ? A THR 23 ? A THR 17   ? 1_555 MG ? B MG . ? A MG 1180 ? 1_555 O   ? D HOH . ? A HOH 2058 ? 1_555 80.7  ? 
5  O1B ? C GDP .  ? A GDP 1181 ? 1_555 MG ? B MG . ? A MG 1180 ? 1_555 O   ? D HOH . ? A HOH 2058 ? 1_555 89.7  ? 
6  O   ? D HOH .  ? A HOH 2013 ? 1_555 MG ? B MG . ? A MG 1180 ? 1_555 O   ? D HOH . ? A HOH 2058 ? 1_555 84.1  ? 
7  OG1 ? A THR 23 ? A THR 17   ? 1_555 MG ? B MG . ? A MG 1180 ? 1_555 O   ? D HOH . ? A HOH 2135 ? 1_555 99.0  ? 
8  O1B ? C GDP .  ? A GDP 1181 ? 1_555 MG ? B MG . ? A MG 1180 ? 1_555 O   ? D HOH . ? A HOH 2135 ? 1_555 89.7  ? 
9  O   ? D HOH .  ? A HOH 2013 ? 1_555 MG ? B MG . ? A MG 1180 ? 1_555 O   ? D HOH . ? A HOH 2135 ? 1_555 96.5  ? 
10 O   ? D HOH .  ? A HOH 2058 ? 1_555 MG ? B MG . ? A MG 1180 ? 1_555 O   ? D HOH . ? A HOH 2135 ? 1_555 179.3 ? 
11 OG1 ? A THR 23 ? A THR 17   ? 1_555 MG ? B MG . ? A MG 1180 ? 1_555 O   ? D HOH . ? A HOH 2138 ? 1_555 171.3 ? 
12 O1B ? C GDP .  ? A GDP 1181 ? 1_555 MG ? B MG . ? A MG 1180 ? 1_555 O   ? D HOH . ? A HOH 2138 ? 1_555 89.3  ? 
13 O   ? D HOH .  ? A HOH 2013 ? 1_555 MG ? B MG . ? A MG 1180 ? 1_555 O   ? D HOH . ? A HOH 2138 ? 1_555 95.3  ? 
14 O   ? D HOH .  ? A HOH 2058 ? 1_555 MG ? B MG . ? A MG 1180 ? 1_555 O   ? D HOH . ? A HOH 2138 ? 1_555 95.1  ? 
15 O   ? D HOH .  ? A HOH 2135 ? 1_555 MG ? B MG . ? A MG 1180 ? 1_555 O   ? D HOH . ? A HOH 2138 ? 1_555 85.3  ? 
# 
_struct_mon_prot_cis.pdbx_id                1 
_struct_mon_prot_cis.label_comp_id          LEU 
_struct_mon_prot_cis.label_seq_id           183 
_struct_mon_prot_cis.label_asym_id          A 
_struct_mon_prot_cis.label_alt_id           . 
_struct_mon_prot_cis.pdbx_PDB_ins_code      ? 
_struct_mon_prot_cis.auth_comp_id           LEU 
_struct_mon_prot_cis.auth_seq_id            177 
_struct_mon_prot_cis.auth_asym_id           A 
_struct_mon_prot_cis.pdbx_label_comp_id_2   CYS 
_struct_mon_prot_cis.pdbx_label_seq_id_2    184 
_struct_mon_prot_cis.pdbx_label_asym_id_2   A 
_struct_mon_prot_cis.pdbx_PDB_ins_code_2    ? 
_struct_mon_prot_cis.pdbx_auth_comp_id_2    CYS 
_struct_mon_prot_cis.pdbx_auth_seq_id_2     178 
_struct_mon_prot_cis.pdbx_auth_asym_id_2    A 
_struct_mon_prot_cis.pdbx_PDB_model_num     1 
_struct_mon_prot_cis.pdbx_omega_angle       -5.00 
# 
_struct_sheet.id               AA 
_struct_sheet.type             ? 
_struct_sheet.number_strands   6 
_struct_sheet.details          ? 
# 
loop_
_struct_sheet_order.sheet_id 
_struct_sheet_order.range_id_1 
_struct_sheet_order.range_id_2 
_struct_sheet_order.offset 
_struct_sheet_order.sense 
AA 1 2 ? anti-parallel 
AA 2 3 ? parallel      
AA 3 4 ? parallel      
AA 4 5 ? parallel      
AA 5 6 ? parallel      
# 
loop_
_struct_sheet_range.sheet_id 
_struct_sheet_range.id 
_struct_sheet_range.beg_label_comp_id 
_struct_sheet_range.beg_label_asym_id 
_struct_sheet_range.beg_label_seq_id 
_struct_sheet_range.pdbx_beg_PDB_ins_code 
_struct_sheet_range.end_label_comp_id 
_struct_sheet_range.end_label_asym_id 
_struct_sheet_range.end_label_seq_id 
_struct_sheet_range.pdbx_end_PDB_ins_code 
_struct_sheet_range.beg_auth_comp_id 
_struct_sheet_range.beg_auth_asym_id 
_struct_sheet_range.beg_auth_seq_id 
_struct_sheet_range.end_auth_comp_id 
_struct_sheet_range.end_auth_asym_id 
_struct_sheet_range.end_auth_seq_id 
AA 1 ASN A 45  ? VAL A 52  ? ASN A 39  VAL A 46  
AA 2 LYS A 55  ? TRP A 62  ? LYS A 49  TRP A 56  
AA 3 ALA A 9   ? GLY A 16  ? ALA A 3   GLY A 10  
AA 4 VAL A 83  ? SER A 89  ? VAL A 77  SER A 83  
AA 5 ILE A 116 ? THR A 121 ? ILE A 110 THR A 115 
AA 6 LYS A 159 ? GLU A 162 ? LYS A 153 GLU A 156 
# 
loop_
_pdbx_struct_sheet_hbond.sheet_id 
_pdbx_struct_sheet_hbond.range_id_1 
_pdbx_struct_sheet_hbond.range_id_2 
_pdbx_struct_sheet_hbond.range_1_label_atom_id 
_pdbx_struct_sheet_hbond.range_1_label_comp_id 
_pdbx_struct_sheet_hbond.range_1_label_asym_id 
_pdbx_struct_sheet_hbond.range_1_label_seq_id 
_pdbx_struct_sheet_hbond.range_1_PDB_ins_code 
_pdbx_struct_sheet_hbond.range_1_auth_atom_id 
_pdbx_struct_sheet_hbond.range_1_auth_comp_id 
_pdbx_struct_sheet_hbond.range_1_auth_asym_id 
_pdbx_struct_sheet_hbond.range_1_auth_seq_id 
_pdbx_struct_sheet_hbond.range_2_label_atom_id 
_pdbx_struct_sheet_hbond.range_2_label_comp_id 
_pdbx_struct_sheet_hbond.range_2_label_asym_id 
_pdbx_struct_sheet_hbond.range_2_label_seq_id 
_pdbx_struct_sheet_hbond.range_2_PDB_ins_code 
_pdbx_struct_sheet_hbond.range_2_auth_atom_id 
_pdbx_struct_sheet_hbond.range_2_auth_comp_id 
_pdbx_struct_sheet_hbond.range_2_auth_asym_id 
_pdbx_struct_sheet_hbond.range_2_auth_seq_id 
AA 1 2 N VAL A 52  ? N VAL A 46  O LYS A 55  ? O LYS A 49  
AA 2 3 N GLY A 60  ? N GLY A 54  O ILE A 10  ? O ILE A 4   
AA 3 4 N VAL A 13  ? N VAL A 7   O VAL A 83  ? O VAL A 77  
AA 4 5 N ILE A 86  ? N ILE A 80  O ILE A 117 ? O ILE A 111 
AA 5 6 N LEU A 118 ? N LEU A 112 O LYS A 159 ? O LYS A 153 
# 
loop_
_struct_site.id 
_struct_site.pdbx_evidence_code 
_struct_site.pdbx_auth_asym_id 
_struct_site.pdbx_auth_comp_id 
_struct_site.pdbx_auth_seq_id 
_struct_site.pdbx_auth_ins_code 
_struct_site.pdbx_num_residues 
_struct_site.details 
AC1 Software A MG  1180 ? 6  'BINDING SITE FOR RESIDUE MG A 1180'  
AC2 Software A GDP 1181 ? 22 'BINDING SITE FOR RESIDUE GDP A 1181' 
# 
loop_
_struct_site_gen.id 
_struct_site_gen.site_id 
_struct_site_gen.pdbx_num_res 
_struct_site_gen.label_comp_id 
_struct_site_gen.label_asym_id 
_struct_site_gen.label_seq_id 
_struct_site_gen.pdbx_auth_ins_code 
_struct_site_gen.auth_comp_id 
_struct_site_gen.auth_asym_id 
_struct_site_gen.auth_seq_id 
_struct_site_gen.label_atom_id 
_struct_site_gen.label_alt_id 
_struct_site_gen.symmetry 
_struct_site_gen.details 
1  AC1 6  THR A 23  ? THR A 17   . ? 1_555 ? 
2  AC1 6  GDP C .   ? GDP A 1181 . ? 1_555 ? 
3  AC1 6  HOH D .   ? HOH A 2013 . ? 1_555 ? 
4  AC1 6  HOH D .   ? HOH A 2058 . ? 1_555 ? 
5  AC1 6  HOH D .   ? HOH A 2135 . ? 1_555 ? 
6  AC1 6  HOH D .   ? HOH A 2138 . ? 1_555 ? 
7  AC2 22 ALA A 19  ? ALA A 13   . ? 1_555 ? 
8  AC2 22 VAL A 20  ? VAL A 14   . ? 1_555 ? 
9  AC2 22 GLY A 21  ? GLY A 15   . ? 1_555 ? 
10 AC2 22 LYS A 22  ? LYS A 16   . ? 1_555 ? 
11 AC2 22 THR A 23  ? THR A 17   . ? 1_555 ? 
12 AC2 22 CYS A 24  ? CYS A 18   . ? 1_555 ? 
13 AC2 22 PHE A 34  ? PHE A 28   . ? 1_555 ? 
14 AC2 22 GLY A 36  ? GLY A 30   . ? 1_555 ? 
15 AC2 22 ILE A 39  ? ILE A 33   . ? 1_555 ? 
16 AC2 22 LYS A 122 ? LYS A 116  . ? 1_555 ? 
17 AC2 22 ASP A 124 ? ASP A 118  . ? 1_555 ? 
18 AC2 22 LEU A 125 ? LEU A 119  . ? 1_555 ? 
19 AC2 22 SER A 164 ? SER A 158  . ? 1_555 ? 
20 AC2 22 ALA A 165 ? ALA A 159  . ? 1_555 ? 
21 AC2 22 LEU A 166 ? LEU A 160  . ? 1_555 ? 
22 AC2 22 MG  B .   ? MG  A 1180 . ? 1_555 ? 
23 AC2 22 HOH D .   ? HOH A 2058 . ? 1_555 ? 
24 AC2 22 HOH D .   ? HOH A 2134 . ? 1_555 ? 
25 AC2 22 HOH D .   ? HOH A 2135 . ? 1_555 ? 
26 AC2 22 HOH D .   ? HOH A 2136 . ? 1_555 ? 
27 AC2 22 HOH D .   ? HOH A 2137 . ? 1_555 ? 
28 AC2 22 HOH D .   ? HOH A 2138 . ? 1_555 ? 
# 
loop_
_pdbx_validate_symm_contact.id 
_pdbx_validate_symm_contact.PDB_model_num 
_pdbx_validate_symm_contact.auth_atom_id_1 
_pdbx_validate_symm_contact.auth_asym_id_1 
_pdbx_validate_symm_contact.auth_comp_id_1 
_pdbx_validate_symm_contact.auth_seq_id_1 
_pdbx_validate_symm_contact.PDB_ins_code_1 
_pdbx_validate_symm_contact.label_alt_id_1 
_pdbx_validate_symm_contact.site_symmetry_1 
_pdbx_validate_symm_contact.auth_atom_id_2 
_pdbx_validate_symm_contact.auth_asym_id_2 
_pdbx_validate_symm_contact.auth_comp_id_2 
_pdbx_validate_symm_contact.auth_seq_id_2 
_pdbx_validate_symm_contact.PDB_ins_code_2 
_pdbx_validate_symm_contact.label_alt_id_2 
_pdbx_validate_symm_contact.site_symmetry_2 
_pdbx_validate_symm_contact.dist 
1 1 O A HOH 2010 ? ? 1_555 O A HOH 2010 ? ? 3_555 1.85 
2 1 O A HOH 2029 ? ? 1_555 O A HOH 2029 ? ? 3_555 1.92 
# 
loop_
_pdbx_validate_rmsd_bond.id 
_pdbx_validate_rmsd_bond.PDB_model_num 
_pdbx_validate_rmsd_bond.auth_atom_id_1 
_pdbx_validate_rmsd_bond.auth_asym_id_1 
_pdbx_validate_rmsd_bond.auth_comp_id_1 
_pdbx_validate_rmsd_bond.auth_seq_id_1 
_pdbx_validate_rmsd_bond.PDB_ins_code_1 
_pdbx_validate_rmsd_bond.label_alt_id_1 
_pdbx_validate_rmsd_bond.auth_atom_id_2 
_pdbx_validate_rmsd_bond.auth_asym_id_2 
_pdbx_validate_rmsd_bond.auth_comp_id_2 
_pdbx_validate_rmsd_bond.auth_seq_id_2 
_pdbx_validate_rmsd_bond.PDB_ins_code_2 
_pdbx_validate_rmsd_bond.label_alt_id_2 
_pdbx_validate_rmsd_bond.bond_value 
_pdbx_validate_rmsd_bond.bond_target_value 
_pdbx_validate_rmsd_bond.bond_deviation 
_pdbx_validate_rmsd_bond.bond_standard_deviation 
_pdbx_validate_rmsd_bond.linker_flag 
1 1 CB  A VAL 14 ? ? CG1 A VAL 14 ? ? 1.655 1.524 0.131  0.021 N 
2 1 CE2 A TYR 64 ? B CD2 A TYR 64 ? B 1.292 1.389 -0.097 0.015 N 
3 1 CG  A GLU 91 ? ? CD  A GLU 91 ? ? 1.616 1.515 0.101  0.015 N 
# 
loop_
_pdbx_validate_rmsd_angle.id 
_pdbx_validate_rmsd_angle.PDB_model_num 
_pdbx_validate_rmsd_angle.auth_atom_id_1 
_pdbx_validate_rmsd_angle.auth_asym_id_1 
_pdbx_validate_rmsd_angle.auth_comp_id_1 
_pdbx_validate_rmsd_angle.auth_seq_id_1 
_pdbx_validate_rmsd_angle.PDB_ins_code_1 
_pdbx_validate_rmsd_angle.label_alt_id_1 
_pdbx_validate_rmsd_angle.auth_atom_id_2 
_pdbx_validate_rmsd_angle.auth_asym_id_2 
_pdbx_validate_rmsd_angle.auth_comp_id_2 
_pdbx_validate_rmsd_angle.auth_seq_id_2 
_pdbx_validate_rmsd_angle.PDB_ins_code_2 
_pdbx_validate_rmsd_angle.label_alt_id_2 
_pdbx_validate_rmsd_angle.auth_atom_id_3 
_pdbx_validate_rmsd_angle.auth_asym_id_3 
_pdbx_validate_rmsd_angle.auth_comp_id_3 
_pdbx_validate_rmsd_angle.auth_seq_id_3 
_pdbx_validate_rmsd_angle.PDB_ins_code_3 
_pdbx_validate_rmsd_angle.label_alt_id_3 
_pdbx_validate_rmsd_angle.angle_value 
_pdbx_validate_rmsd_angle.angle_target_value 
_pdbx_validate_rmsd_angle.angle_deviation 
_pdbx_validate_rmsd_angle.angle_standard_deviation 
_pdbx_validate_rmsd_angle.linker_flag 
1 1 NE A ARG 68 ? ? CZ A ARG 68 ? ? NH1 A ARG 68 ? ? 116.73 120.30 -3.57 0.50 N 
2 1 NE A ARG 68 ? ? CZ A ARG 68 ? ? NH2 A ARG 68 ? ? 124.32 120.30 4.02  0.50 N 
# 
loop_
_pdbx_validate_torsion.id 
_pdbx_validate_torsion.PDB_model_num 
_pdbx_validate_torsion.auth_comp_id 
_pdbx_validate_torsion.auth_asym_id 
_pdbx_validate_torsion.auth_seq_id 
_pdbx_validate_torsion.PDB_ins_code 
_pdbx_validate_torsion.label_alt_id 
_pdbx_validate_torsion.phi 
_pdbx_validate_torsion.psi 
1 1 GLU A 31  ? ? -49.35  -71.50  
2 1 ASP A 47  ? ? 37.72   54.81   
3 1 LYS A 96  ? ? -132.13 -49.13  
4 1 GLU A 131 ? ? -56.77  -6.24   
5 1 LEU A 177 ? ? 79.06   52.25   
6 1 CYS A 178 ? ? -162.97 -147.50 
# 
_pdbx_entry_details.entry_id                 2W2T 
_pdbx_entry_details.compound_details         'ENGINEERED RESIDUE IN CHAIN A, GLY 12 TO VAL' 
_pdbx_entry_details.source_details           ? 
_pdbx_entry_details.nonpolymer_details       ? 
_pdbx_entry_details.sequence_details         
;THERE IS A LEADING LINKER SEQUENCE GGGSGGS (NOT SEEN IN
STRUCTURE) AND MUTATION G12V
;
_pdbx_entry_details.has_ligand_of_interest   ? 
# 
_pdbx_distant_solvent_atoms.id                                1 
_pdbx_distant_solvent_atoms.PDB_model_num                     1 
_pdbx_distant_solvent_atoms.auth_atom_id                      O 
_pdbx_distant_solvent_atoms.label_alt_id                      ? 
_pdbx_distant_solvent_atoms.auth_asym_id                      A 
_pdbx_distant_solvent_atoms.auth_comp_id                      HOH 
_pdbx_distant_solvent_atoms.auth_seq_id                       2005 
_pdbx_distant_solvent_atoms.PDB_ins_code                      ? 
_pdbx_distant_solvent_atoms.neighbor_macromolecule_distance   6.40 
_pdbx_distant_solvent_atoms.neighbor_ligand_distance          . 
# 
loop_
_pdbx_unobs_or_zero_occ_residues.id 
_pdbx_unobs_or_zero_occ_residues.PDB_model_num 
_pdbx_unobs_or_zero_occ_residues.polymer_flag 
_pdbx_unobs_or_zero_occ_residues.occupancy_flag 
_pdbx_unobs_or_zero_occ_residues.auth_asym_id 
_pdbx_unobs_or_zero_occ_residues.auth_comp_id 
_pdbx_unobs_or_zero_occ_residues.auth_seq_id 
_pdbx_unobs_or_zero_occ_residues.PDB_ins_code 
_pdbx_unobs_or_zero_occ_residues.label_asym_id 
_pdbx_unobs_or_zero_occ_residues.label_comp_id 
_pdbx_unobs_or_zero_occ_residues.label_seq_id 
1 1 Y 1 A GLY -5 ? A GLY 1 
2 1 Y 1 A GLY -4 ? A GLY 2 
3 1 Y 1 A GLY -3 ? A GLY 3 
4 1 Y 1 A SER -2 ? A SER 4 
5 1 Y 1 A GLY -1 ? A GLY 5 
6 1 Y 1 A GLY 0  ? A GLY 6 
7 1 Y 1 A SER 1  ? A SER 7 
# 
loop_
_chem_comp_atom.comp_id 
_chem_comp_atom.atom_id 
_chem_comp_atom.type_symbol 
_chem_comp_atom.pdbx_aromatic_flag 
_chem_comp_atom.pdbx_stereo_config 
_chem_comp_atom.pdbx_ordinal 
ALA N      N  N N 1   
ALA CA     C  N S 2   
ALA C      C  N N 3   
ALA O      O  N N 4   
ALA CB     C  N N 5   
ALA OXT    O  N N 6   
ALA H      H  N N 7   
ALA H2     H  N N 8   
ALA HA     H  N N 9   
ALA HB1    H  N N 10  
ALA HB2    H  N N 11  
ALA HB3    H  N N 12  
ALA HXT    H  N N 13  
ARG N      N  N N 14  
ARG CA     C  N S 15  
ARG C      C  N N 16  
ARG O      O  N N 17  
ARG CB     C  N N 18  
ARG CG     C  N N 19  
ARG CD     C  N N 20  
ARG NE     N  N N 21  
ARG CZ     C  N N 22  
ARG NH1    N  N N 23  
ARG NH2    N  N N 24  
ARG OXT    O  N N 25  
ARG H      H  N N 26  
ARG H2     H  N N 27  
ARG HA     H  N N 28  
ARG HB2    H  N N 29  
ARG HB3    H  N N 30  
ARG HG2    H  N N 31  
ARG HG3    H  N N 32  
ARG HD2    H  N N 33  
ARG HD3    H  N N 34  
ARG HE     H  N N 35  
ARG HH11   H  N N 36  
ARG HH12   H  N N 37  
ARG HH21   H  N N 38  
ARG HH22   H  N N 39  
ARG HXT    H  N N 40  
ASN N      N  N N 41  
ASN CA     C  N S 42  
ASN C      C  N N 43  
ASN O      O  N N 44  
ASN CB     C  N N 45  
ASN CG     C  N N 46  
ASN OD1    O  N N 47  
ASN ND2    N  N N 48  
ASN OXT    O  N N 49  
ASN H      H  N N 50  
ASN H2     H  N N 51  
ASN HA     H  N N 52  
ASN HB2    H  N N 53  
ASN HB3    H  N N 54  
ASN HD21   H  N N 55  
ASN HD22   H  N N 56  
ASN HXT    H  N N 57  
ASP N      N  N N 58  
ASP CA     C  N S 59  
ASP C      C  N N 60  
ASP O      O  N N 61  
ASP CB     C  N N 62  
ASP CG     C  N N 63  
ASP OD1    O  N N 64  
ASP OD2    O  N N 65  
ASP OXT    O  N N 66  
ASP H      H  N N 67  
ASP H2     H  N N 68  
ASP HA     H  N N 69  
ASP HB2    H  N N 70  
ASP HB3    H  N N 71  
ASP HD2    H  N N 72  
ASP HXT    H  N N 73  
CYS N      N  N N 74  
CYS CA     C  N R 75  
CYS C      C  N N 76  
CYS O      O  N N 77  
CYS CB     C  N N 78  
CYS SG     S  N N 79  
CYS OXT    O  N N 80  
CYS H      H  N N 81  
CYS H2     H  N N 82  
CYS HA     H  N N 83  
CYS HB2    H  N N 84  
CYS HB3    H  N N 85  
CYS HG     H  N N 86  
CYS HXT    H  N N 87  
GDP PB     P  N N 88  
GDP O1B    O  N N 89  
GDP O2B    O  N N 90  
GDP O3B    O  N N 91  
GDP O3A    O  N N 92  
GDP PA     P  N N 93  
GDP O1A    O  N N 94  
GDP O2A    O  N N 95  
GDP "O5'"  O  N N 96  
GDP "C5'"  C  N N 97  
GDP "C4'"  C  N R 98  
GDP "O4'"  O  N N 99  
GDP "C3'"  C  N S 100 
GDP "O3'"  O  N N 101 
GDP "C2'"  C  N R 102 
GDP "O2'"  O  N N 103 
GDP "C1'"  C  N R 104 
GDP N9     N  Y N 105 
GDP C8     C  Y N 106 
GDP N7     N  Y N 107 
GDP C5     C  Y N 108 
GDP C6     C  N N 109 
GDP O6     O  N N 110 
GDP N1     N  N N 111 
GDP C2     C  N N 112 
GDP N2     N  N N 113 
GDP N3     N  N N 114 
GDP C4     C  Y N 115 
GDP HOB2   H  N N 116 
GDP HOB3   H  N N 117 
GDP HOA2   H  N N 118 
GDP "H5'"  H  N N 119 
GDP "H5''" H  N N 120 
GDP "H4'"  H  N N 121 
GDP "H3'"  H  N N 122 
GDP "HO3'" H  N N 123 
GDP "H2'"  H  N N 124 
GDP "HO2'" H  N N 125 
GDP "H1'"  H  N N 126 
GDP H8     H  N N 127 
GDP HN1    H  N N 128 
GDP HN21   H  N N 129 
GDP HN22   H  N N 130 
GLN N      N  N N 131 
GLN CA     C  N S 132 
GLN C      C  N N 133 
GLN O      O  N N 134 
GLN CB     C  N N 135 
GLN CG     C  N N 136 
GLN CD     C  N N 137 
GLN OE1    O  N N 138 
GLN NE2    N  N N 139 
GLN OXT    O  N N 140 
GLN H      H  N N 141 
GLN H2     H  N N 142 
GLN HA     H  N N 143 
GLN HB2    H  N N 144 
GLN HB3    H  N N 145 
GLN HG2    H  N N 146 
GLN HG3    H  N N 147 
GLN HE21   H  N N 148 
GLN HE22   H  N N 149 
GLN HXT    H  N N 150 
GLU N      N  N N 151 
GLU CA     C  N S 152 
GLU C      C  N N 153 
GLU O      O  N N 154 
GLU CB     C  N N 155 
GLU CG     C  N N 156 
GLU CD     C  N N 157 
GLU OE1    O  N N 158 
GLU OE2    O  N N 159 
GLU OXT    O  N N 160 
GLU H      H  N N 161 
GLU H2     H  N N 162 
GLU HA     H  N N 163 
GLU HB2    H  N N 164 
GLU HB3    H  N N 165 
GLU HG2    H  N N 166 
GLU HG3    H  N N 167 
GLU HE2    H  N N 168 
GLU HXT    H  N N 169 
GLY N      N  N N 170 
GLY CA     C  N N 171 
GLY C      C  N N 172 
GLY O      O  N N 173 
GLY OXT    O  N N 174 
GLY H      H  N N 175 
GLY H2     H  N N 176 
GLY HA2    H  N N 177 
GLY HA3    H  N N 178 
GLY HXT    H  N N 179 
HIS N      N  N N 180 
HIS CA     C  N S 181 
HIS C      C  N N 182 
HIS O      O  N N 183 
HIS CB     C  N N 184 
HIS CG     C  Y N 185 
HIS ND1    N  Y N 186 
HIS CD2    C  Y N 187 
HIS CE1    C  Y N 188 
HIS NE2    N  Y N 189 
HIS OXT    O  N N 190 
HIS H      H  N N 191 
HIS H2     H  N N 192 
HIS HA     H  N N 193 
HIS HB2    H  N N 194 
HIS HB3    H  N N 195 
HIS HD1    H  N N 196 
HIS HD2    H  N N 197 
HIS HE1    H  N N 198 
HIS HE2    H  N N 199 
HIS HXT    H  N N 200 
HOH O      O  N N 201 
HOH H1     H  N N 202 
HOH H2     H  N N 203 
ILE N      N  N N 204 
ILE CA     C  N S 205 
ILE C      C  N N 206 
ILE O      O  N N 207 
ILE CB     C  N S 208 
ILE CG1    C  N N 209 
ILE CG2    C  N N 210 
ILE CD1    C  N N 211 
ILE OXT    O  N N 212 
ILE H      H  N N 213 
ILE H2     H  N N 214 
ILE HA     H  N N 215 
ILE HB     H  N N 216 
ILE HG12   H  N N 217 
ILE HG13   H  N N 218 
ILE HG21   H  N N 219 
ILE HG22   H  N N 220 
ILE HG23   H  N N 221 
ILE HD11   H  N N 222 
ILE HD12   H  N N 223 
ILE HD13   H  N N 224 
ILE HXT    H  N N 225 
LEU N      N  N N 226 
LEU CA     C  N S 227 
LEU C      C  N N 228 
LEU O      O  N N 229 
LEU CB     C  N N 230 
LEU CG     C  N N 231 
LEU CD1    C  N N 232 
LEU CD2    C  N N 233 
LEU OXT    O  N N 234 
LEU H      H  N N 235 
LEU H2     H  N N 236 
LEU HA     H  N N 237 
LEU HB2    H  N N 238 
LEU HB3    H  N N 239 
LEU HG     H  N N 240 
LEU HD11   H  N N 241 
LEU HD12   H  N N 242 
LEU HD13   H  N N 243 
LEU HD21   H  N N 244 
LEU HD22   H  N N 245 
LEU HD23   H  N N 246 
LEU HXT    H  N N 247 
LYS N      N  N N 248 
LYS CA     C  N S 249 
LYS C      C  N N 250 
LYS O      O  N N 251 
LYS CB     C  N N 252 
LYS CG     C  N N 253 
LYS CD     C  N N 254 
LYS CE     C  N N 255 
LYS NZ     N  N N 256 
LYS OXT    O  N N 257 
LYS H      H  N N 258 
LYS H2     H  N N 259 
LYS HA     H  N N 260 
LYS HB2    H  N N 261 
LYS HB3    H  N N 262 
LYS HG2    H  N N 263 
LYS HG3    H  N N 264 
LYS HD2    H  N N 265 
LYS HD3    H  N N 266 
LYS HE2    H  N N 267 
LYS HE3    H  N N 268 
LYS HZ1    H  N N 269 
LYS HZ2    H  N N 270 
LYS HZ3    H  N N 271 
LYS HXT    H  N N 272 
MET N      N  N N 273 
MET CA     C  N S 274 
MET C      C  N N 275 
MET O      O  N N 276 
MET CB     C  N N 277 
MET CG     C  N N 278 
MET SD     S  N N 279 
MET CE     C  N N 280 
MET OXT    O  N N 281 
MET H      H  N N 282 
MET H2     H  N N 283 
MET HA     H  N N 284 
MET HB2    H  N N 285 
MET HB3    H  N N 286 
MET HG2    H  N N 287 
MET HG3    H  N N 288 
MET HE1    H  N N 289 
MET HE2    H  N N 290 
MET HE3    H  N N 291 
MET HXT    H  N N 292 
MG  MG     MG N N 293 
PHE N      N  N N 294 
PHE CA     C  N S 295 
PHE C      C  N N 296 
PHE O      O  N N 297 
PHE CB     C  N N 298 
PHE CG     C  Y N 299 
PHE CD1    C  Y N 300 
PHE CD2    C  Y N 301 
PHE CE1    C  Y N 302 
PHE CE2    C  Y N 303 
PHE CZ     C  Y N 304 
PHE OXT    O  N N 305 
PHE H      H  N N 306 
PHE H2     H  N N 307 
PHE HA     H  N N 308 
PHE HB2    H  N N 309 
PHE HB3    H  N N 310 
PHE HD1    H  N N 311 
PHE HD2    H  N N 312 
PHE HE1    H  N N 313 
PHE HE2    H  N N 314 
PHE HZ     H  N N 315 
PHE HXT    H  N N 316 
PRO N      N  N N 317 
PRO CA     C  N S 318 
PRO C      C  N N 319 
PRO O      O  N N 320 
PRO CB     C  N N 321 
PRO CG     C  N N 322 
PRO CD     C  N N 323 
PRO OXT    O  N N 324 
PRO H      H  N N 325 
PRO HA     H  N N 326 
PRO HB2    H  N N 327 
PRO HB3    H  N N 328 
PRO HG2    H  N N 329 
PRO HG3    H  N N 330 
PRO HD2    H  N N 331 
PRO HD3    H  N N 332 
PRO HXT    H  N N 333 
SER N      N  N N 334 
SER CA     C  N S 335 
SER C      C  N N 336 
SER O      O  N N 337 
SER CB     C  N N 338 
SER OG     O  N N 339 
SER OXT    O  N N 340 
SER H      H  N N 341 
SER H2     H  N N 342 
SER HA     H  N N 343 
SER HB2    H  N N 344 
SER HB3    H  N N 345 
SER HG     H  N N 346 
SER HXT    H  N N 347 
THR N      N  N N 348 
THR CA     C  N S 349 
THR C      C  N N 350 
THR O      O  N N 351 
THR CB     C  N R 352 
THR OG1    O  N N 353 
THR CG2    C  N N 354 
THR OXT    O  N N 355 
THR H      H  N N 356 
THR H2     H  N N 357 
THR HA     H  N N 358 
THR HB     H  N N 359 
THR HG1    H  N N 360 
THR HG21   H  N N 361 
THR HG22   H  N N 362 
THR HG23   H  N N 363 
THR HXT    H  N N 364 
TRP N      N  N N 365 
TRP CA     C  N S 366 
TRP C      C  N N 367 
TRP O      O  N N 368 
TRP CB     C  N N 369 
TRP CG     C  Y N 370 
TRP CD1    C  Y N 371 
TRP CD2    C  Y N 372 
TRP NE1    N  Y N 373 
TRP CE2    C  Y N 374 
TRP CE3    C  Y N 375 
TRP CZ2    C  Y N 376 
TRP CZ3    C  Y N 377 
TRP CH2    C  Y N 378 
TRP OXT    O  N N 379 
TRP H      H  N N 380 
TRP H2     H  N N 381 
TRP HA     H  N N 382 
TRP HB2    H  N N 383 
TRP HB3    H  N N 384 
TRP HD1    H  N N 385 
TRP HE1    H  N N 386 
TRP HE3    H  N N 387 
TRP HZ2    H  N N 388 
TRP HZ3    H  N N 389 
TRP HH2    H  N N 390 
TRP HXT    H  N N 391 
TYR N      N  N N 392 
TYR CA     C  N S 393 
TYR C      C  N N 394 
TYR O      O  N N 395 
TYR CB     C  N N 396 
TYR CG     C  Y N 397 
TYR CD1    C  Y N 398 
TYR CD2    C  Y N 399 
TYR CE1    C  Y N 400 
TYR CE2    C  Y N 401 
TYR CZ     C  Y N 402 
TYR OH     O  N N 403 
TYR OXT    O  N N 404 
TYR H      H  N N 405 
TYR H2     H  N N 406 
TYR HA     H  N N 407 
TYR HB2    H  N N 408 
TYR HB3    H  N N 409 
TYR HD1    H  N N 410 
TYR HD2    H  N N 411 
TYR HE1    H  N N 412 
TYR HE2    H  N N 413 
TYR HH     H  N N 414 
TYR HXT    H  N N 415 
VAL N      N  N N 416 
VAL CA     C  N S 417 
VAL C      C  N N 418 
VAL O      O  N N 419 
VAL CB     C  N N 420 
VAL CG1    C  N N 421 
VAL CG2    C  N N 422 
VAL OXT    O  N N 423 
VAL H      H  N N 424 
VAL H2     H  N N 425 
VAL HA     H  N N 426 
VAL HB     H  N N 427 
VAL HG11   H  N N 428 
VAL HG12   H  N N 429 
VAL HG13   H  N N 430 
VAL HG21   H  N N 431 
VAL HG22   H  N N 432 
VAL HG23   H  N N 433 
VAL HXT    H  N N 434 
# 
loop_
_chem_comp_bond.comp_id 
_chem_comp_bond.atom_id_1 
_chem_comp_bond.atom_id_2 
_chem_comp_bond.value_order 
_chem_comp_bond.pdbx_aromatic_flag 
_chem_comp_bond.pdbx_stereo_config 
_chem_comp_bond.pdbx_ordinal 
ALA N     CA     sing N N 1   
ALA N     H      sing N N 2   
ALA N     H2     sing N N 3   
ALA CA    C      sing N N 4   
ALA CA    CB     sing N N 5   
ALA CA    HA     sing N N 6   
ALA C     O      doub N N 7   
ALA C     OXT    sing N N 8   
ALA CB    HB1    sing N N 9   
ALA CB    HB2    sing N N 10  
ALA CB    HB3    sing N N 11  
ALA OXT   HXT    sing N N 12  
ARG N     CA     sing N N 13  
ARG N     H      sing N N 14  
ARG N     H2     sing N N 15  
ARG CA    C      sing N N 16  
ARG CA    CB     sing N N 17  
ARG CA    HA     sing N N 18  
ARG C     O      doub N N 19  
ARG C     OXT    sing N N 20  
ARG CB    CG     sing N N 21  
ARG CB    HB2    sing N N 22  
ARG CB    HB3    sing N N 23  
ARG CG    CD     sing N N 24  
ARG CG    HG2    sing N N 25  
ARG CG    HG3    sing N N 26  
ARG CD    NE     sing N N 27  
ARG CD    HD2    sing N N 28  
ARG CD    HD3    sing N N 29  
ARG NE    CZ     sing N N 30  
ARG NE    HE     sing N N 31  
ARG CZ    NH1    sing N N 32  
ARG CZ    NH2    doub N N 33  
ARG NH1   HH11   sing N N 34  
ARG NH1   HH12   sing N N 35  
ARG NH2   HH21   sing N N 36  
ARG NH2   HH22   sing N N 37  
ARG OXT   HXT    sing N N 38  
ASN N     CA     sing N N 39  
ASN N     H      sing N N 40  
ASN N     H2     sing N N 41  
ASN CA    C      sing N N 42  
ASN CA    CB     sing N N 43  
ASN CA    HA     sing N N 44  
ASN C     O      doub N N 45  
ASN C     OXT    sing N N 46  
ASN CB    CG     sing N N 47  
ASN CB    HB2    sing N N 48  
ASN CB    HB3    sing N N 49  
ASN CG    OD1    doub N N 50  
ASN CG    ND2    sing N N 51  
ASN ND2   HD21   sing N N 52  
ASN ND2   HD22   sing N N 53  
ASN OXT   HXT    sing N N 54  
ASP N     CA     sing N N 55  
ASP N     H      sing N N 56  
ASP N     H2     sing N N 57  
ASP CA    C      sing N N 58  
ASP CA    CB     sing N N 59  
ASP CA    HA     sing N N 60  
ASP C     O      doub N N 61  
ASP C     OXT    sing N N 62  
ASP CB    CG     sing N N 63  
ASP CB    HB2    sing N N 64  
ASP CB    HB3    sing N N 65  
ASP CG    OD1    doub N N 66  
ASP CG    OD2    sing N N 67  
ASP OD2   HD2    sing N N 68  
ASP OXT   HXT    sing N N 69  
CYS N     CA     sing N N 70  
CYS N     H      sing N N 71  
CYS N     H2     sing N N 72  
CYS CA    C      sing N N 73  
CYS CA    CB     sing N N 74  
CYS CA    HA     sing N N 75  
CYS C     O      doub N N 76  
CYS C     OXT    sing N N 77  
CYS CB    SG     sing N N 78  
CYS CB    HB2    sing N N 79  
CYS CB    HB3    sing N N 80  
CYS SG    HG     sing N N 81  
CYS OXT   HXT    sing N N 82  
GDP PB    O1B    doub N N 83  
GDP PB    O2B    sing N N 84  
GDP PB    O3B    sing N N 85  
GDP PB    O3A    sing N N 86  
GDP O2B   HOB2   sing N N 87  
GDP O3B   HOB3   sing N N 88  
GDP O3A   PA     sing N N 89  
GDP PA    O1A    doub N N 90  
GDP PA    O2A    sing N N 91  
GDP PA    "O5'"  sing N N 92  
GDP O2A   HOA2   sing N N 93  
GDP "O5'" "C5'"  sing N N 94  
GDP "C5'" "C4'"  sing N N 95  
GDP "C5'" "H5'"  sing N N 96  
GDP "C5'" "H5''" sing N N 97  
GDP "C4'" "O4'"  sing N N 98  
GDP "C4'" "C3'"  sing N N 99  
GDP "C4'" "H4'"  sing N N 100 
GDP "O4'" "C1'"  sing N N 101 
GDP "C3'" "O3'"  sing N N 102 
GDP "C3'" "C2'"  sing N N 103 
GDP "C3'" "H3'"  sing N N 104 
GDP "O3'" "HO3'" sing N N 105 
GDP "C2'" "O2'"  sing N N 106 
GDP "C2'" "C1'"  sing N N 107 
GDP "C2'" "H2'"  sing N N 108 
GDP "O2'" "HO2'" sing N N 109 
GDP "C1'" N9     sing N N 110 
GDP "C1'" "H1'"  sing N N 111 
GDP N9    C8     sing Y N 112 
GDP N9    C4     sing Y N 113 
GDP C8    N7     doub Y N 114 
GDP C8    H8     sing N N 115 
GDP N7    C5     sing Y N 116 
GDP C5    C6     sing N N 117 
GDP C5    C4     doub Y N 118 
GDP C6    O6     doub N N 119 
GDP C6    N1     sing N N 120 
GDP N1    C2     sing N N 121 
GDP N1    HN1    sing N N 122 
GDP C2    N2     sing N N 123 
GDP C2    N3     doub N N 124 
GDP N2    HN21   sing N N 125 
GDP N2    HN22   sing N N 126 
GDP N3    C4     sing N N 127 
GLN N     CA     sing N N 128 
GLN N     H      sing N N 129 
GLN N     H2     sing N N 130 
GLN CA    C      sing N N 131 
GLN CA    CB     sing N N 132 
GLN CA    HA     sing N N 133 
GLN C     O      doub N N 134 
GLN C     OXT    sing N N 135 
GLN CB    CG     sing N N 136 
GLN CB    HB2    sing N N 137 
GLN CB    HB3    sing N N 138 
GLN CG    CD     sing N N 139 
GLN CG    HG2    sing N N 140 
GLN CG    HG3    sing N N 141 
GLN CD    OE1    doub N N 142 
GLN CD    NE2    sing N N 143 
GLN NE2   HE21   sing N N 144 
GLN NE2   HE22   sing N N 145 
GLN OXT   HXT    sing N N 146 
GLU N     CA     sing N N 147 
GLU N     H      sing N N 148 
GLU N     H2     sing N N 149 
GLU CA    C      sing N N 150 
GLU CA    CB     sing N N 151 
GLU CA    HA     sing N N 152 
GLU C     O      doub N N 153 
GLU C     OXT    sing N N 154 
GLU CB    CG     sing N N 155 
GLU CB    HB2    sing N N 156 
GLU CB    HB3    sing N N 157 
GLU CG    CD     sing N N 158 
GLU CG    HG2    sing N N 159 
GLU CG    HG3    sing N N 160 
GLU CD    OE1    doub N N 161 
GLU CD    OE2    sing N N 162 
GLU OE2   HE2    sing N N 163 
GLU OXT   HXT    sing N N 164 
GLY N     CA     sing N N 165 
GLY N     H      sing N N 166 
GLY N     H2     sing N N 167 
GLY CA    C      sing N N 168 
GLY CA    HA2    sing N N 169 
GLY CA    HA3    sing N N 170 
GLY C     O      doub N N 171 
GLY C     OXT    sing N N 172 
GLY OXT   HXT    sing N N 173 
HIS N     CA     sing N N 174 
HIS N     H      sing N N 175 
HIS N     H2     sing N N 176 
HIS CA    C      sing N N 177 
HIS CA    CB     sing N N 178 
HIS CA    HA     sing N N 179 
HIS C     O      doub N N 180 
HIS C     OXT    sing N N 181 
HIS CB    CG     sing N N 182 
HIS CB    HB2    sing N N 183 
HIS CB    HB3    sing N N 184 
HIS CG    ND1    sing Y N 185 
HIS CG    CD2    doub Y N 186 
HIS ND1   CE1    doub Y N 187 
HIS ND1   HD1    sing N N 188 
HIS CD2   NE2    sing Y N 189 
HIS CD2   HD2    sing N N 190 
HIS CE1   NE2    sing Y N 191 
HIS CE1   HE1    sing N N 192 
HIS NE2   HE2    sing N N 193 
HIS OXT   HXT    sing N N 194 
HOH O     H1     sing N N 195 
HOH O     H2     sing N N 196 
ILE N     CA     sing N N 197 
ILE N     H      sing N N 198 
ILE N     H2     sing N N 199 
ILE CA    C      sing N N 200 
ILE CA    CB     sing N N 201 
ILE CA    HA     sing N N 202 
ILE C     O      doub N N 203 
ILE C     OXT    sing N N 204 
ILE CB    CG1    sing N N 205 
ILE CB    CG2    sing N N 206 
ILE CB    HB     sing N N 207 
ILE CG1   CD1    sing N N 208 
ILE CG1   HG12   sing N N 209 
ILE CG1   HG13   sing N N 210 
ILE CG2   HG21   sing N N 211 
ILE CG2   HG22   sing N N 212 
ILE CG2   HG23   sing N N 213 
ILE CD1   HD11   sing N N 214 
ILE CD1   HD12   sing N N 215 
ILE CD1   HD13   sing N N 216 
ILE OXT   HXT    sing N N 217 
LEU N     CA     sing N N 218 
LEU N     H      sing N N 219 
LEU N     H2     sing N N 220 
LEU CA    C      sing N N 221 
LEU CA    CB     sing N N 222 
LEU CA    HA     sing N N 223 
LEU C     O      doub N N 224 
LEU C     OXT    sing N N 225 
LEU CB    CG     sing N N 226 
LEU CB    HB2    sing N N 227 
LEU CB    HB3    sing N N 228 
LEU CG    CD1    sing N N 229 
LEU CG    CD2    sing N N 230 
LEU CG    HG     sing N N 231 
LEU CD1   HD11   sing N N 232 
LEU CD1   HD12   sing N N 233 
LEU CD1   HD13   sing N N 234 
LEU CD2   HD21   sing N N 235 
LEU CD2   HD22   sing N N 236 
LEU CD2   HD23   sing N N 237 
LEU OXT   HXT    sing N N 238 
LYS N     CA     sing N N 239 
LYS N     H      sing N N 240 
LYS N     H2     sing N N 241 
LYS CA    C      sing N N 242 
LYS CA    CB     sing N N 243 
LYS CA    HA     sing N N 244 
LYS C     O      doub N N 245 
LYS C     OXT    sing N N 246 
LYS CB    CG     sing N N 247 
LYS CB    HB2    sing N N 248 
LYS CB    HB3    sing N N 249 
LYS CG    CD     sing N N 250 
LYS CG    HG2    sing N N 251 
LYS CG    HG3    sing N N 252 
LYS CD    CE     sing N N 253 
LYS CD    HD2    sing N N 254 
LYS CD    HD3    sing N N 255 
LYS CE    NZ     sing N N 256 
LYS CE    HE2    sing N N 257 
LYS CE    HE3    sing N N 258 
LYS NZ    HZ1    sing N N 259 
LYS NZ    HZ2    sing N N 260 
LYS NZ    HZ3    sing N N 261 
LYS OXT   HXT    sing N N 262 
MET N     CA     sing N N 263 
MET N     H      sing N N 264 
MET N     H2     sing N N 265 
MET CA    C      sing N N 266 
MET CA    CB     sing N N 267 
MET CA    HA     sing N N 268 
MET C     O      doub N N 269 
MET C     OXT    sing N N 270 
MET CB    CG     sing N N 271 
MET CB    HB2    sing N N 272 
MET CB    HB3    sing N N 273 
MET CG    SD     sing N N 274 
MET CG    HG2    sing N N 275 
MET CG    HG3    sing N N 276 
MET SD    CE     sing N N 277 
MET CE    HE1    sing N N 278 
MET CE    HE2    sing N N 279 
MET CE    HE3    sing N N 280 
MET OXT   HXT    sing N N 281 
PHE N     CA     sing N N 282 
PHE N     H      sing N N 283 
PHE N     H2     sing N N 284 
PHE CA    C      sing N N 285 
PHE CA    CB     sing N N 286 
PHE CA    HA     sing N N 287 
PHE C     O      doub N N 288 
PHE C     OXT    sing N N 289 
PHE CB    CG     sing N N 290 
PHE CB    HB2    sing N N 291 
PHE CB    HB3    sing N N 292 
PHE CG    CD1    doub Y N 293 
PHE CG    CD2    sing Y N 294 
PHE CD1   CE1    sing Y N 295 
PHE CD1   HD1    sing N N 296 
PHE CD2   CE2    doub Y N 297 
PHE CD2   HD2    sing N N 298 
PHE CE1   CZ     doub Y N 299 
PHE CE1   HE1    sing N N 300 
PHE CE2   CZ     sing Y N 301 
PHE CE2   HE2    sing N N 302 
PHE CZ    HZ     sing N N 303 
PHE OXT   HXT    sing N N 304 
PRO N     CA     sing N N 305 
PRO N     CD     sing N N 306 
PRO N     H      sing N N 307 
PRO CA    C      sing N N 308 
PRO CA    CB     sing N N 309 
PRO CA    HA     sing N N 310 
PRO C     O      doub N N 311 
PRO C     OXT    sing N N 312 
PRO CB    CG     sing N N 313 
PRO CB    HB2    sing N N 314 
PRO CB    HB3    sing N N 315 
PRO CG    CD     sing N N 316 
PRO CG    HG2    sing N N 317 
PRO CG    HG3    sing N N 318 
PRO CD    HD2    sing N N 319 
PRO CD    HD3    sing N N 320 
PRO OXT   HXT    sing N N 321 
SER N     CA     sing N N 322 
SER N     H      sing N N 323 
SER N     H2     sing N N 324 
SER CA    C      sing N N 325 
SER CA    CB     sing N N 326 
SER CA    HA     sing N N 327 
SER C     O      doub N N 328 
SER C     OXT    sing N N 329 
SER CB    OG     sing N N 330 
SER CB    HB2    sing N N 331 
SER CB    HB3    sing N N 332 
SER OG    HG     sing N N 333 
SER OXT   HXT    sing N N 334 
THR N     CA     sing N N 335 
THR N     H      sing N N 336 
THR N     H2     sing N N 337 
THR CA    C      sing N N 338 
THR CA    CB     sing N N 339 
THR CA    HA     sing N N 340 
THR C     O      doub N N 341 
THR C     OXT    sing N N 342 
THR CB    OG1    sing N N 343 
THR CB    CG2    sing N N 344 
THR CB    HB     sing N N 345 
THR OG1   HG1    sing N N 346 
THR CG2   HG21   sing N N 347 
THR CG2   HG22   sing N N 348 
THR CG2   HG23   sing N N 349 
THR OXT   HXT    sing N N 350 
TRP N     CA     sing N N 351 
TRP N     H      sing N N 352 
TRP N     H2     sing N N 353 
TRP CA    C      sing N N 354 
TRP CA    CB     sing N N 355 
TRP CA    HA     sing N N 356 
TRP C     O      doub N N 357 
TRP C     OXT    sing N N 358 
TRP CB    CG     sing N N 359 
TRP CB    HB2    sing N N 360 
TRP CB    HB3    sing N N 361 
TRP CG    CD1    doub Y N 362 
TRP CG    CD2    sing Y N 363 
TRP CD1   NE1    sing Y N 364 
TRP CD1   HD1    sing N N 365 
TRP CD2   CE2    doub Y N 366 
TRP CD2   CE3    sing Y N 367 
TRP NE1   CE2    sing Y N 368 
TRP NE1   HE1    sing N N 369 
TRP CE2   CZ2    sing Y N 370 
TRP CE3   CZ3    doub Y N 371 
TRP CE3   HE3    sing N N 372 
TRP CZ2   CH2    doub Y N 373 
TRP CZ2   HZ2    sing N N 374 
TRP CZ3   CH2    sing Y N 375 
TRP CZ3   HZ3    sing N N 376 
TRP CH2   HH2    sing N N 377 
TRP OXT   HXT    sing N N 378 
TYR N     CA     sing N N 379 
TYR N     H      sing N N 380 
TYR N     H2     sing N N 381 
TYR CA    C      sing N N 382 
TYR CA    CB     sing N N 383 
TYR CA    HA     sing N N 384 
TYR C     O      doub N N 385 
TYR C     OXT    sing N N 386 
TYR CB    CG     sing N N 387 
TYR CB    HB2    sing N N 388 
TYR CB    HB3    sing N N 389 
TYR CG    CD1    doub Y N 390 
TYR CG    CD2    sing Y N 391 
TYR CD1   CE1    sing Y N 392 
TYR CD1   HD1    sing N N 393 
TYR CD2   CE2    doub Y N 394 
TYR CD2   HD2    sing N N 395 
TYR CE1   CZ     doub Y N 396 
TYR CE1   HE1    sing N N 397 
TYR CE2   CZ     sing Y N 398 
TYR CE2   HE2    sing N N 399 
TYR CZ    OH     sing N N 400 
TYR OH    HH     sing N N 401 
TYR OXT   HXT    sing N N 402 
VAL N     CA     sing N N 403 
VAL N     H      sing N N 404 
VAL N     H2     sing N N 405 
VAL CA    C      sing N N 406 
VAL CA    CB     sing N N 407 
VAL CA    HA     sing N N 408 
VAL C     O      doub N N 409 
VAL C     OXT    sing N N 410 
VAL CB    CG1    sing N N 411 
VAL CB    CG2    sing N N 412 
VAL CB    HB     sing N N 413 
VAL CG1   HG11   sing N N 414 
VAL CG1   HG12   sing N N 415 
VAL CG1   HG13   sing N N 416 
VAL CG2   HG21   sing N N 417 
VAL CG2   HG22   sing N N 418 
VAL CG2   HG23   sing N N 419 
VAL OXT   HXT    sing N N 420 
# 
_pdbx_initial_refinement_model.accession_code   ? 
_pdbx_initial_refinement_model.id               1 
_pdbx_initial_refinement_model.entity_id_list   ? 
_pdbx_initial_refinement_model.type             other 
_pdbx_initial_refinement_model.source_name      ? 
_pdbx_initial_refinement_model.details          'IN HOUSE STRUCTURE.' 
# 
_atom_sites.entry_id                    2W2T 
_atom_sites.fract_transf_matrix[1][1]   0.00472855 
_atom_sites.fract_transf_matrix[1][2]   -0.01227289 
_atom_sites.fract_transf_matrix[1][3]   0.01970844 
_atom_sites.fract_transf_matrix[2][1]   0.00332538 
_atom_sites.fract_transf_matrix[2][2]   0.00851686 
_atom_sites.fract_transf_matrix[2][3]   0.00450580 
_atom_sites.fract_transf_matrix[3][1]   -0.00855051 
_atom_sites.fract_transf_matrix[3][2]   0.00169483 
_atom_sites.fract_transf_matrix[3][3]   0.00310690 
_atom_sites.fract_transf_vector[1]      -0.220878 
_atom_sites.fract_transf_vector[2]      -0.234930 
_atom_sites.fract_transf_vector[3]      0.120560 
# 
loop_
_atom_type.symbol 
C  
MG 
N  
O  
P  
S  
# 
loop_
_atom_site.group_PDB 
_atom_site.id 
_atom_site.type_symbol 
_atom_site.label_atom_id 
_atom_site.label_alt_id 
_atom_site.label_comp_id 
_atom_site.label_asym_id 
_atom_site.label_entity_id 
_atom_site.label_seq_id 
_atom_site.pdbx_PDB_ins_code 
_atom_site.Cartn_x 
_atom_site.Cartn_y 
_atom_site.Cartn_z 
_atom_site.occupancy 
_atom_site.B_iso_or_equiv 
_atom_site.pdbx_formal_charge 
_atom_site.auth_seq_id 
_atom_site.auth_comp_id 
_atom_site.auth_asym_id 
_atom_site.auth_atom_id 
_atom_site.pdbx_PDB_model_num 
ATOM   1    N  N     . GLN A 1 8   ? 0.251   12.446  18.658  1.00 62.58 ? 2    GLN A N     1 
ATOM   2    C  CA    . GLN A 1 8   ? 0.571   12.859  17.286  1.00 65.16 ? 2    GLN A CA    1 
ATOM   3    C  C     . GLN A 1 8   ? -0.458  12.291  16.303  1.00 60.12 ? 2    GLN A C     1 
ATOM   4    O  O     . GLN A 1 8   ? -0.690  11.065  16.270  1.00 58.07 ? 2    GLN A O     1 
ATOM   5    C  CB    . GLN A 1 8   ? 1.984   12.414  16.894  1.00 58.55 ? 2    GLN A CB    1 
ATOM   6    N  N     . ALA A 1 9   ? -1.098  13.181  15.539  1.00 60.64 ? 3    ALA A N     1 
ATOM   7    C  CA    . ALA A 1 9   ? -2.080  12.747  14.546  1.00 56.84 ? 3    ALA A CA    1 
ATOM   8    C  C     . ALA A 1 9   ? -1.375  12.601  13.219  1.00 54.28 ? 3    ALA A C     1 
ATOM   9    O  O     . ALA A 1 9   ? -0.814  13.571  12.694  1.00 55.79 ? 3    ALA A O     1 
ATOM   10   C  CB    . ALA A 1 9   ? -3.226  13.746  14.437  1.00 59.98 ? 3    ALA A CB    1 
ATOM   11   N  N     . ILE A 1 10  ? -1.357  11.401  12.661  1.00 52.30 ? 4    ILE A N     1 
ATOM   12   C  CA    . ILE A 1 10  ? -0.705  11.261  11.356  1.00 49.06 ? 4    ILE A CA    1 
ATOM   13   C  C     . ILE A 1 10  ? -1.773  10.831  10.375  1.00 44.85 ? 4    ILE A C     1 
ATOM   14   O  O     . ILE A 1 10  ? -2.567  9.946   10.680  1.00 46.22 ? 4    ILE A O     1 
ATOM   15   C  CB    . ILE A 1 10  ? 0.429   10.194  11.340  1.00 52.15 ? 4    ILE A CB    1 
ATOM   16   C  CG1   . ILE A 1 10  ? 1.369   10.269  12.578  1.00 56.05 ? 4    ILE A CG1   1 
ATOM   17   C  CG2   . ILE A 1 10  ? 1.173   10.253  10.015  1.00 45.15 ? 4    ILE A CG2   1 
ATOM   18   C  CD1   . ILE A 1 10  ? 2.309   11.435  12.601  1.00 54.39 ? 4    ILE A CD1   1 
ATOM   19   N  N     . LYS A 1 11  ? -1.825  11.468  9.215   1.00 45.48 ? 5    LYS A N     1 
ATOM   20   C  CA    . LYS A 1 11  ? -2.753  11.041  8.172   1.00 43.18 ? 5    LYS A CA    1 
ATOM   21   C  C     . LYS A 1 11  ? -1.981  10.284  7.101   1.00 38.52 ? 5    LYS A C     1 
ATOM   22   O  O     . LYS A 1 11  ? -1.042  10.791  6.491   1.00 42.64 ? 5    LYS A O     1 
ATOM   23   C  CB    . LYS A 1 11  ? -3.504  12.227  7.534   1.00 39.20 ? 5    LYS A CB    1 
ATOM   24   C  CG    . LYS A 1 11  ? -4.108  11.923  6.155   1.00 37.97 ? 5    LYS A CG    1 
ATOM   25   C  CD    . LYS A 1 11  ? -5.152  13.069  5.731   1.00 41.66 ? 5    LYS A CD    1 
ATOM   26   C  CE    . LYS A 1 11  ? -5.690  12.873  4.323   1.00 39.57 ? 5    LYS A CE    1 
ATOM   27   N  NZ    . LYS A 1 11  ? -6.720  13.867  3.895   1.00 39.35 ? 5    LYS A NZ    1 
ATOM   28   N  N     . CYS A 1 12  ? -2.410  9.073   6.833   1.00 36.44 ? 6    CYS A N     1 
ATOM   29   C  CA    . CYS A 1 12  ? -1.782  8.285   5.800   1.00 38.80 ? 6    CYS A CA    1 
ATOM   30   C  C     . CYS A 1 12  ? -2.771  7.830   4.718   1.00 34.78 ? 6    CYS A C     1 
ATOM   31   O  O     . CYS A 1 12  ? -3.762  7.152   5.034   1.00 33.56 ? 6    CYS A O     1 
ATOM   32   C  CB    . CYS A 1 12  ? -1.175  7.069   6.492   1.00 36.33 ? 6    CYS A CB    1 
ATOM   33   S  SG    . CYS A 1 12  ? -0.638  5.721   5.434   1.00 35.72 ? 6    CYS A SG    1 
ATOM   34   N  N     . VAL A 1 13  ? -2.498  8.149   3.448   1.00 36.02 ? 7    VAL A N     1 
ATOM   35   C  CA    . VAL A 1 13  ? -3.356  7.662   2.366   1.00 33.42 ? 7    VAL A CA    1 
ATOM   36   C  C     . VAL A 1 13  ? -2.794  6.419   1.652   1.00 30.61 ? 7    VAL A C     1 
ATOM   37   O  O     . VAL A 1 13  ? -1.624  6.362   1.369   1.00 35.17 ? 7    VAL A O     1 
ATOM   38   C  CB    . VAL A 1 13  ? -3.770  8.826   1.366   1.00 34.35 ? 7    VAL A CB    1 
ATOM   39   C  CG1   . VAL A 1 13  ? -4.553  8.311   0.161   1.00 31.36 ? 7    VAL A CG1   1 
ATOM   40   C  CG2   . VAL A 1 13  ? -4.525  9.932   2.123   1.00 29.07 ? 7    VAL A CG2   1 
ATOM   41   N  N     . VAL A 1 14  ? -3.633  5.431   1.365   1.00 26.39 ? 8    VAL A N     1 
ATOM   42   C  CA    . VAL A 1 14  ? -3.276  4.231   0.632   1.00 28.05 ? 8    VAL A CA    1 
ATOM   43   C  C     . VAL A 1 14  ? -3.777  4.267   -0.839  1.00 28.89 ? 8    VAL A C     1 
ATOM   44   O  O     . VAL A 1 14  ? -4.973  4.246   -1.079  1.00 29.53 ? 8    VAL A O     1 
ATOM   45   C  CB    . VAL A 1 14  ? -3.825  2.958   1.367   1.00 32.37 ? 8    VAL A CB    1 
ATOM   46   C  CG1   . VAL A 1 14  ? -3.343  1.678   0.733   1.00 25.56 ? 8    VAL A CG1   1 
ATOM   47   C  CG2   . VAL A 1 14  ? -3.376  2.977   2.826   1.00 35.94 ? 8    VAL A CG2   1 
ATOM   48   N  N     . VAL A 1 15  ? -2.859  4.310   -1.816  1.00 28.77 ? 9    VAL A N     1 
ATOM   49   C  CA    . VAL A 1 15  ? -3.251  4.248   -3.249  1.00 26.23 ? 9    VAL A CA    1 
ATOM   50   C  C     . VAL A 1 15  ? -2.751  2.942   -3.947  1.00 28.75 ? 9    VAL A C     1 
ATOM   51   O  O     . VAL A 1 15  ? -1.958  2.165   -3.348  1.00 27.09 ? 9    VAL A O     1 
ATOM   52   C  CB    . VAL A 1 15  ? -2.874  5.529   -3.999  1.00 26.85 ? 9    VAL A CB    1 
ATOM   53   C  CG1   . VAL A 1 15  ? -3.288  6.739   -3.229  1.00 31.14 ? 9    VAL A CG1   1 
ATOM   54   C  CG2   . VAL A 1 15  ? -1.318  5.602   -4.244  1.00 30.15 ? 9    VAL A CG2   1 
ATOM   55   N  N     . GLY A 1 16  ? -3.238  2.682   -5.171  1.00 28.62 ? 10   GLY A N     1 
ATOM   56   C  CA    . GLY A 1 16  ? -2.803  1.539   -5.974  1.00 25.29 ? 10   GLY A CA    1 
ATOM   57   C  C     . GLY A 1 16  ? -3.949  0.868   -6.728  1.00 27.07 ? 10   GLY A C     1 
ATOM   58   O  O     . GLY A 1 16  ? -5.112  1.234   -6.556  1.00 28.04 ? 10   GLY A O     1 
ATOM   59   N  N     . ASP A 1 17  ? -3.612  -0.034  -7.646  1.00 24.83 ? 11   ASP A N     1 
ATOM   60   C  CA    . ASP A 1 17  ? -4.614  -0.643  -8.480  1.00 25.48 ? 11   ASP A CA    1 
ATOM   61   C  C     . ASP A 1 17  ? -5.717  -1.313  -7.672  1.00 29.01 ? 11   ASP A C     1 
ATOM   62   O  O     . ASP A 1 17  ? -5.470  -1.902  -6.647  1.00 26.73 ? 11   ASP A O     1 
ATOM   63   C  CB    . ASP A 1 17  ? -4.004  -1.658  -9.418  1.00 22.50 ? 11   ASP A CB    1 
ATOM   64   C  CG    . ASP A 1 17  ? -3.282  -0.979  -10.636 1.00 28.75 ? 11   ASP A CG    1 
ATOM   65   O  OD1   . ASP A 1 17  ? -3.143  0.290   -10.648 1.00 23.20 ? 11   ASP A OD1   1 
ATOM   66   O  OD2   . ASP A 1 17  ? -2.828  -1.770  -11.489 1.00 27.13 ? 11   ASP A OD2   1 
ATOM   67   N  N     . VAL A 1 18  ? -6.912  -1.332  -8.214  1.00 27.58 ? 12   VAL A N     1 
ATOM   68   C  CA    . VAL A 1 18  ? -7.999  -2.117  -7.639  1.00 27.91 ? 12   VAL A CA    1 
ATOM   69   C  C     . VAL A 1 18  ? -7.454  -3.525  -7.503  1.00 33.98 ? 12   VAL A C     1 
ATOM   70   O  O     . VAL A 1 18  ? -6.754  -4.019  -8.390  1.00 27.44 ? 12   VAL A O     1 
ATOM   71   C  CB    . VAL A 1 18  ? -9.242  -2.112  -8.574  1.00 32.16 ? 12   VAL A CB    1 
ATOM   72   C  CG1   . VAL A 1 18  ? -10.349 -3.097  -8.091  1.00 31.69 ? 12   VAL A CG1   1 
ATOM   73   C  CG2   . VAL A 1 18  ? -9.743  -0.683  -8.682  1.00 28.43 ? 12   VAL A CG2   1 
ATOM   74   N  N     . ALA A 1 19  ? -7.761  -4.135  -6.365  1.00 29.72 ? 13   ALA A N     1 
ATOM   75   C  CA    . ALA A 1 19  ? -7.500  -5.529  -6.091  1.00 28.93 ? 13   ALA A CA    1 
ATOM   76   C  C     . ALA A 1 19  ? -6.059  -5.848  -5.714  1.00 32.10 ? 13   ALA A C     1 
ATOM   77   O  O     . ALA A 1 19  ? -5.698  -7.032  -5.671  1.00 36.29 ? 13   ALA A O     1 
ATOM   78   C  CB    . ALA A 1 19  ? -8.069  -6.446  -7.198  1.00 27.88 ? 13   ALA A CB    1 
ATOM   79   N  N     . VAL A 1 20  ? -5.229  -4.834  -5.395  1.00 27.75 ? 14   VAL A N     1 
ATOM   80   C  CA    . VAL A 1 20  ? -3.874  -5.144  -4.844  1.00 25.87 ? 14   VAL A CA    1 
ATOM   81   C  C     . VAL A 1 20  ? -3.970  -5.543  -3.367  1.00 29.18 ? 14   VAL A C     1 
ATOM   82   O  O     . VAL A 1 20  ? -3.043  -6.129  -2.842  1.00 29.80 ? 14   VAL A O     1 
ATOM   83   C  CB    . VAL A 1 20  ? -2.858  -3.992  -4.973  1.00 25.79 ? 14   VAL A CB    1 
ATOM   84   C  CG1   . VAL A 1 20  ? -2.507  -3.711  -6.565  1.00 24.08 ? 14   VAL A CG1   1 
ATOM   85   C  CG2   . VAL A 1 20  ? -3.419  -2.739  -4.331  1.00 23.79 ? 14   VAL A CG2   1 
ATOM   86   N  N     . GLY A 1 21  ? -5.120  -5.251  -2.717  1.00 30.37 ? 15   GLY A N     1 
ATOM   87   C  CA    . GLY A 1 21  ? -5.298  -5.607  -1.318  1.00 30.21 ? 15   GLY A CA    1 
ATOM   88   C  C     . GLY A 1 21  ? -5.229  -4.435  -0.342  1.00 27.55 ? 15   GLY A C     1 
ATOM   89   O  O     . GLY A 1 21  ? -4.872  -4.658  0.817   1.00 27.82 ? 15   GLY A O     1 
ATOM   90   N  N     . LYS A 1 22  ? -5.584  -3.225  -0.783  1.00 21.28 ? 16   LYS A N     1 
ATOM   91   C  CA    . LYS A 1 22  ? -5.533  -1.988  0.030   1.00 26.32 ? 16   LYS A CA    1 
ATOM   92   C  C     . LYS A 1 22  ? -6.536  -2.099  1.256   1.00 28.11 ? 16   LYS A C     1 
ATOM   93   O  O     . LYS A 1 22  ? -6.185  -1.857  2.440   1.00 26.92 ? 16   LYS A O     1 
ATOM   94   C  CB    . LYS A 1 22  ? -5.901  -0.749  -0.848  1.00 26.59 ? 16   LYS A CB    1 
ATOM   95   C  CG    . LYS A 1 22  ? -4.924  -0.527  -2.067  1.00 25.14 ? 16   LYS A CG    1 
ATOM   96   C  CD    . LYS A 1 22  ? -5.168  0.852   -2.759  1.00 26.33 ? 16   LYS A CD    1 
ATOM   97   C  CE    . LYS A 1 22  ? -6.542  0.927   -3.457  1.00 23.49 ? 16   LYS A CE    1 
ATOM   98   N  NZ    . LYS A 1 22  ? -6.756  -0.221  -4.317  1.00 23.58 ? 16   LYS A NZ    1 
ATOM   99   N  N     . THR A 1 23  ? -7.769  -2.450  0.921   1.00 27.03 ? 17   THR A N     1 
ATOM   100  C  CA    . THR A 1 23  ? -8.819  -2.473  1.918   1.00 28.22 ? 17   THR A CA    1 
ATOM   101  C  C     . THR A 1 23  ? -8.416  -3.613  2.965   1.00 28.35 ? 17   THR A C     1 
ATOM   102  O  O     . THR A 1 23  ? -8.438  -3.353  4.173   1.00 27.93 ? 17   THR A O     1 
ATOM   103  C  CB    . THR A 1 23  ? -10.199 -2.675  1.311   1.00 27.82 ? 17   THR A CB    1 
ATOM   104  O  OG1   . THR A 1 23  ? -10.566 -1.486  0.542   1.00 23.96 ? 17   THR A OG1   1 
ATOM   105  C  CG2   . THR A 1 23  ? -11.206 -2.901  2.446   1.00 25.25 ? 17   THR A CG2   1 
ATOM   106  N  N     . CYS A 1 24  ? -8.048  -4.812  2.472   1.00 28.31 ? 18   CYS A N     1 
ATOM   107  C  CA    . CYS A 1 24  ? -7.597  -5.917  3.387   1.00 35.39 ? 18   CYS A CA    1 
ATOM   108  C  C     . CYS A 1 24  ? -6.421  -5.503  4.273   1.00 31.99 ? 18   CYS A C     1 
ATOM   109  O  O     . CYS A 1 24  ? -6.397  -5.779  5.490   1.00 31.63 ? 18   CYS A O     1 
ATOM   110  C  CB    . CYS A 1 24  ? -7.339  -7.265  2.678   1.00 24.99 ? 18   CYS A CB    1 
ATOM   111  S  SG    . CYS A 1 24  ? -8.904  -7.961  2.106   1.00 34.62 ? 18   CYS A SG    1 
ATOM   112  N  N     . LEU A 1 25  ? -5.485  -4.787  3.675   1.00 27.85 ? 19   LEU A N     1 
ATOM   113  C  CA    . LEU A 1 25  ? -4.281  -4.314  4.404   1.00 33.22 ? 19   LEU A CA    1 
ATOM   114  C  C     . LEU A 1 25  ? -4.722  -3.449  5.617   1.00 34.25 ? 19   LEU A C     1 
ATOM   115  O  O     . LEU A 1 25  ? -4.305  -3.674  6.764   1.00 35.53 ? 19   LEU A O     1 
ATOM   116  C  CB    . LEU A 1 25  ? -3.390  -3.499  3.489   1.00 31.50 ? 19   LEU A CB    1 
ATOM   117  C  CG    . LEU A 1 25  ? -2.404  -2.680  4.263   1.00 35.27 ? 19   LEU A CG    1 
ATOM   118  C  CD1   . LEU A 1 25  ? -1.012  -3.497  4.230   1.00 37.53 ? 19   LEU A CD1   1 
ATOM   119  C  CD2   . LEU A 1 25  ? -2.210  -1.455  3.516   1.00 38.76 ? 19   LEU A CD2   1 
ATOM   120  N  N     . LEU A 1 26  ? -5.589  -2.476  5.356   1.00 30.78 ? 20   LEU A N     1 
ATOM   121  C  CA    . LEU A 1 26  ? -6.052  -1.533  6.371   1.00 30.90 ? 20   LEU A CA    1 
ATOM   122  C  C     . LEU A 1 26  ? -6.853  -2.238  7.493   1.00 34.94 ? 20   LEU A C     1 
ATOM   123  O  O     . LEU A 1 26  ? -6.694  -1.954  8.673   1.00 37.31 ? 20   LEU A O     1 
ATOM   124  C  CB    . LEU A 1 26  ? -6.922  -0.452  5.703   1.00 31.31 ? 20   LEU A CB    1 
ATOM   125  C  CG    . LEU A 1 26  ? -6.145  0.405   4.713   1.00 30.16 ? 20   LEU A CG    1 
ATOM   126  C  CD1   . LEU A 1 26  ? -7.223  1.421   4.136   1.00 26.62 ? 20   LEU A CD1   1 
ATOM   127  C  CD2   . LEU A 1 26  ? -5.075  1.111   5.473   1.00 27.88 ? 20   LEU A CD2   1 
ATOM   128  N  N     . ILE A 1 27  ? -7.731  -3.152  7.108   1.00 31.52 ? 21   ILE A N     1 
ATOM   129  C  CA    . ILE A 1 27  ? -8.563  -3.807  8.051   1.00 32.31 ? 21   ILE A CA    1 
ATOM   130  C  C     . ILE A 1 27  ? -7.770  -4.921  8.782   1.00 35.21 ? 21   ILE A C     1 
ATOM   131  O  O     . ILE A 1 27  ? -8.014  -5.202  9.963   1.00 34.30 ? 21   ILE A O     1 
ATOM   132  C  CB    . ILE A 1 27  ? -9.765  -4.458  7.354   1.00 30.14 ? 21   ILE A CB    1 
ATOM   133  C  CG1   . ILE A 1 27  ? -10.694 -3.356  6.736   1.00 30.66 ? 21   ILE A CG1   1 
ATOM   134  C  CG2   . ILE A 1 27  ? -10.538 -5.354  8.347   1.00 32.09 ? 21   ILE A CG2   1 
ATOM   135  C  CD1   . ILE A 1 27  ? -11.843 -3.941  6.092   1.00 28.68 ? 21   ILE A CD1   1 
ATOM   136  N  N     . SER A 1 28  ? -6.939  -5.643  8.048   1.00 33.26 ? 22   SER A N     1 
ATOM   137  C  CA    . SER A 1 28  ? -6.087  -6.615  8.725   1.00 36.19 ? 22   SER A CA    1 
ATOM   138  C  C     . SER A 1 28  ? -5.214  -5.878  9.770   1.00 36.93 ? 22   SER A C     1 
ATOM   139  O  O     . SER A 1 28  ? -4.976  -6.340  10.918  1.00 41.68 ? 22   SER A O     1 
ATOM   140  C  CB    . SER A 1 28  ? -5.259  -7.393  7.708   1.00 31.73 ? 22   SER A CB    1 
ATOM   141  O  OG    . SER A 1 28  ? -4.648  -8.417  8.445   1.00 45.07 ? 22   SER A OG    1 
ATOM   142  N  N     . TYR A 1 29  ? -4.742  -4.707  9.402   1.00 31.11 ? 23   TYR A N     1 
ATOM   143  C  CA    . TYR A 1 29  ? -3.974  -3.935  10.340  1.00 34.70 ? 23   TYR A CA    1 
ATOM   144  C  C     . TYR A 1 29  ? -4.739  -3.480  11.562  1.00 35.92 ? 23   TYR A C     1 
ATOM   145  O  O     . TYR A 1 29  ? -4.306  -3.831  12.644  1.00 33.89 ? 23   TYR A O     1 
ATOM   146  C  CB    . TYR A 1 29  ? -3.280  -2.767  9.712   1.00 32.29 ? 23   TYR A CB    1 
ATOM   147  C  CG    . TYR A 1 29  ? -2.384  -1.979  10.639  1.00 31.21 ? 23   TYR A CG    1 
ATOM   148  C  CD1   . TYR A 1 29  ? -1.255  -2.572  11.280  1.00 33.59 ? 23   TYR A CD1   1 
ATOM   149  C  CD2   . TYR A 1 29  ? -2.644  -0.639  10.887  1.00 32.08 ? 23   TYR A CD2   1 
ATOM   150  C  CE1   . TYR A 1 29  ? -0.435  -1.802  12.137  1.00 33.31 ? 23   TYR A CE1   1 
ATOM   151  C  CE2   . TYR A 1 29  ? -1.806  0.150   11.681  1.00 32.35 ? 23   TYR A CE2   1 
ATOM   152  C  CZ    . TYR A 1 29  ? -0.712  -0.450  12.333  1.00 36.34 ? 23   TYR A CZ    1 
ATOM   153  O  OH    . TYR A 1 29  ? 0.072   0.374   13.114  1.00 35.49 ? 23   TYR A OH    1 
ATOM   154  N  N     . THR A 1 30  ? -5.836  -2.705  11.396  1.00 33.67 ? 24   THR A N     1 
ATOM   155  C  CA    . THR A 1 30  ? -6.513  -2.027  12.507  1.00 36.57 ? 24   THR A CA    1 
ATOM   156  C  C     . THR A 1 30  ? -7.225  -2.977  13.500  1.00 38.60 ? 24   THR A C     1 
ATOM   157  O  O     . THR A 1 30  ? -7.318  -2.662  14.693  1.00 34.43 ? 24   THR A O     1 
ATOM   158  C  CB    . THR A 1 30  ? -7.545  -0.989  11.985  1.00 36.95 ? 24   THR A CB    1 
ATOM   159  O  OG1   . THR A 1 30  ? -8.444  -1.681  11.125  1.00 35.08 ? 24   THR A OG1   1 
ATOM   160  C  CG2   . THR A 1 30  ? -6.829  0.115   11.213  1.00 34.53 ? 24   THR A CG2   1 
ATOM   161  N  N     . THR A 1 31  ? -7.678  -4.129  12.989  1.00 38.39 ? 25   THR A N     1 
ATOM   162  C  CA    . THR A 1 31  ? -8.450  -5.099  13.726  1.00 40.47 ? 25   THR A CA    1 
ATOM   163  C  C     . THR A 1 31  ? -7.767  -6.485  13.912  1.00 47.29 ? 25   THR A C     1 
ATOM   164  O  O     . THR A 1 31  ? -8.307  -7.374  14.600  1.00 44.05 ? 25   THR A O     1 
ATOM   165  C  CB    . THR A 1 31  ? -9.784  -5.364  13.071  1.00 40.29 ? 25   THR A CB    1 
ATOM   166  O  OG1   . THR A 1 31  ? -9.581  -6.195  11.924  1.00 44.36 ? 25   THR A OG1   1 
ATOM   167  C  CG2   . THR A 1 31  ? -10.521 -4.064  12.761  1.00 43.58 ? 25   THR A CG2   1 
ATOM   168  N  N     . ASN A 1 32  ? -6.600  -6.662  13.301  1.00 42.34 ? 26   ASN A N     1 
ATOM   169  C  CA    . ASN A 1 32  ? -5.782  -7.878  13.503  1.00 49.43 ? 26   ASN A CA    1 
ATOM   170  C  C     . ASN A 1 32  ? -6.511  -9.131  12.949  1.00 49.47 ? 26   ASN A C     1 
ATOM   171  O  O     . ASN A 1 32  ? -6.092  -10.266 13.179  1.00 52.94 ? 26   ASN A O     1 
ATOM   172  C  CB    . ASN A 1 32  ? -5.281  -8.019  14.988  1.00 42.73 ? 26   ASN A CB    1 
ATOM   173  C  CG    . ASN A 1 32  ? -4.199  -6.927  15.366  1.00 46.95 ? 26   ASN A CG    1 
ATOM   174  O  OD1   . ASN A 1 32  ? -3.258  -6.694  14.598  1.00 54.75 ? 26   ASN A OD1   1 
ATOM   175  N  ND2   . ASN A 1 32  ? -4.348  -6.262  16.528  1.00 44.36 ? 26   ASN A ND2   1 
ATOM   176  N  N     . ALA A 1 33  ? -7.576  -8.894  12.182  1.00 48.30 ? 27   ALA A N     1 
ATOM   177  C  CA    . ALA A 1 33  ? -8.248  -9.949  11.422  1.00 48.42 ? 27   ALA A CA    1 
ATOM   178  C  C     . ALA A 1 33  ? -8.397  -9.621  9.895   1.00 49.24 ? 27   ALA A C     1 
ATOM   179  O  O     . ALA A 1 33  ? -8.609  -8.473  9.499   1.00 45.60 ? 27   ALA A O     1 
ATOM   180  C  CB    . ALA A 1 33  ? -9.615  -10.225 12.028  1.00 50.95 ? 27   ALA A CB    1 
ATOM   181  N  N     . PHE A 1 34  ? -8.334  -10.683 9.085   1.00 50.27 ? 28   PHE A N     1 
ATOM   182  C  CA    . PHE A 1 34  ? -8.384  -10.647 7.638   1.00 50.80 ? 28   PHE A CA    1 
ATOM   183  C  C     . PHE A 1 34  ? -9.764  -10.991 7.093   1.00 49.16 ? 28   PHE A C     1 
ATOM   184  O  O     . PHE A 1 34  ? -10.283 -12.121 7.253   1.00 41.36 ? 28   PHE A O     1 
ATOM   185  C  CB    . PHE A 1 34  ? -7.343  -11.615 7.080   1.00 45.37 ? 28   PHE A CB    1 
ATOM   186  C  CG    . PHE A 1 34  ? -7.332  -11.718 5.586   1.00 47.12 ? 28   PHE A CG    1 
ATOM   187  C  CD1   . PHE A 1 34  ? -6.652  -10.780 4.823   1.00 40.17 ? 28   PHE A CD1   1 
ATOM   188  C  CD2   . PHE A 1 34  ? -7.937  -12.791 4.938   1.00 47.27 ? 28   PHE A CD2   1 
ATOM   189  C  CE1   . PHE A 1 34  ? -6.594  -10.889 3.409   1.00 42.82 ? 28   PHE A CE1   1 
ATOM   190  C  CE2   . PHE A 1 34  ? -7.883  -12.893 3.529   1.00 50.90 ? 28   PHE A CE2   1 
ATOM   191  C  CZ    . PHE A 1 34  ? -7.206  -11.938 2.768   1.00 40.65 ? 28   PHE A CZ    1 
ATOM   192  N  N     . PRO A 1 35  ? -10.345 -10.010 6.380   1.00 50.38 ? 29   PRO A N     1 
ATOM   193  C  CA    . PRO A 1 35  ? -11.700 -10.153 5.837   1.00 47.77 ? 29   PRO A CA    1 
ATOM   194  C  C     . PRO A 1 35  ? -11.757 -11.219 4.769   1.00 52.90 ? 29   PRO A C     1 
ATOM   195  O  O     . PRO A 1 35  ? -12.613 -12.083 4.864   1.00 58.33 ? 29   PRO A O     1 
ATOM   196  C  CB    . PRO A 1 35  ? -11.996 -8.779  5.263   1.00 43.58 ? 29   PRO A CB    1 
ATOM   197  C  CG    . PRO A 1 35  ? -11.186 -7.851  6.172   1.00 46.86 ? 29   PRO A CG    1 
ATOM   198  C  CD    . PRO A 1 35  ? -9.867  -8.617  6.340   1.00 43.19 ? 29   PRO A CD    1 
ATOM   199  N  N     . GLY A 1 36  ? -10.825 -11.200 3.812   1.00 55.94 ? 30   GLY A N     1 
ATOM   200  C  CA    . GLY A 1 36  ? -10.926 -11.978 2.567   1.00 56.41 ? 30   GLY A CA    1 
ATOM   201  C  C     . GLY A 1 36  ? -12.311 -12.501 2.152   1.00 59.44 ? 30   GLY A C     1 
ATOM   202  O  O     . GLY A 1 36  ? -12.798 -12.190 1.053   1.00 53.48 ? 30   GLY A O     1 
ATOM   203  N  N     . GLU A 1 37  ? -12.882 -13.354 3.026   1.00 63.98 ? 31   GLU A N     1 
ATOM   204  C  CA    . GLU A 1 37  ? -14.284 -13.804 2.991   1.00 65.54 ? 31   GLU A CA    1 
ATOM   205  C  C     . GLU A 1 37  ? -15.329 -12.637 2.846   1.00 67.43 ? 31   GLU A C     1 
ATOM   206  O  O     . GLU A 1 37  ? -15.954 -12.468 1.768   1.00 65.85 ? 31   GLU A O     1 
ATOM   207  C  CB    . GLU A 1 37  ? -14.585 -14.676 4.233   1.00 60.96 ? 31   GLU A CB    1 
ATOM   208  N  N     . TYR A 1 38  ? -15.510 -11.843 3.912   1.00 58.09 ? 32   TYR A N     1 
ATOM   209  C  CA    . TYR A 1 38  ? -16.383 -10.664 3.840   1.00 59.24 ? 32   TYR A CA    1 
ATOM   210  C  C     . TYR A 1 38  ? -15.727 -9.259  3.621   1.00 49.60 ? 32   TYR A C     1 
ATOM   211  O  O     . TYR A 1 38  ? -15.553 -8.507  4.600   1.00 46.53 ? 32   TYR A O     1 
ATOM   212  C  CB    . TYR A 1 38  ? -17.232 -10.621 5.118   1.00 56.82 ? 32   TYR A CB    1 
ATOM   213  N  N     . ILE A 1 39  ? -15.416 -8.853  2.379   1.00 44.93 ? 33   ILE A N     1 
ATOM   214  C  CA    . ILE A 1 39  ? -14.794 -7.530  2.234   1.00 36.48 ? 33   ILE A CA    1 
ATOM   215  C  C     . ILE A 1 39  ? -15.845 -6.425  2.042   1.00 36.67 ? 33   ILE A C     1 
ATOM   216  O  O     . ILE A 1 39  ? -16.630 -6.480  1.083   1.00 36.08 ? 33   ILE A O     1 
ATOM   217  C  CB    . ILE A 1 39  ? -13.721 -7.457  1.047   1.00 39.23 ? 33   ILE A CB    1 
ATOM   218  C  CG1   . ILE A 1 39  ? -12.533 -8.388  1.269   1.00 36.74 ? 33   ILE A CG1   1 
ATOM   219  C  CG2   . ILE A 1 39  ? -13.160 -6.041  0.896   1.00 34.32 ? 33   ILE A CG2   1 
ATOM   220  C  CD1   . ILE A 1 39  ? -11.802 -8.736  -0.093  1.00 32.82 ? 33   ILE A CD1   1 
ATOM   221  N  N     . PRO A 1 40  ? -15.830 -5.400  2.923   1.00 34.27 ? 34   PRO A N     1 
ATOM   222  C  CA    . PRO A 1 40  ? -16.711 -4.212  2.874   1.00 33.52 ? 34   PRO A CA    1 
ATOM   223  C  C     . PRO A 1 40  ? -16.476 -3.440  1.565   1.00 33.64 ? 34   PRO A C     1 
ATOM   224  O  O     . PRO A 1 40  ? -15.303 -3.298  1.213   1.00 32.77 ? 34   PRO A O     1 
ATOM   225  C  CB    . PRO A 1 40  ? -16.208 -3.326  4.014   1.00 33.90 ? 34   PRO A CB    1 
ATOM   226  C  CG    . PRO A 1 40  ? -14.990 -3.987  4.599   1.00 34.48 ? 34   PRO A CG    1 
ATOM   227  C  CD    . PRO A 1 40  ? -14.639 -5.204  3.774   1.00 38.90 ? 34   PRO A CD    1 
ATOM   228  N  N     . THR A 1 41  ? -17.503 -2.949  0.867   1.00 28.52 ? 35   THR A N     1 
ATOM   229  C  CA    . THR A 1 41  ? -17.327 -2.205  -0.395  1.00 26.74 ? 35   THR A CA    1 
ATOM   230  C  C     . THR A 1 41  ? -17.447 -0.686  -0.254  1.00 28.54 ? 35   THR A C     1 
ATOM   231  O  O     . THR A 1 41  ? -17.155 0.056   -1.182  1.00 28.69 ? 35   THR A O     1 
ATOM   232  C  CB    . THR A 1 41  ? -18.388 -2.642  -1.356  1.00 31.53 ? 35   THR A CB    1 
ATOM   233  O  OG1   . THR A 1 41  ? -19.652 -2.535  -0.679  1.00 30.40 ? 35   THR A OG1   1 
ATOM   234  C  CG2   . THR A 1 41  ? -18.196 -4.096  -1.711  1.00 33.79 ? 35   THR A CG2   1 
ATOM   235  N  N     . VAL A 1 42  ? -17.828 -0.194  0.920   1.00 26.02 ? 36   VAL A N     1 
ATOM   236  C  CA    . VAL A 1 42  ? -17.905 1.239   1.117   1.00 26.73 ? 36   VAL A CA    1 
ATOM   237  C  C     . VAL A 1 42  ? -16.522 1.756   1.414   1.00 29.53 ? 36   VAL A C     1 
ATOM   238  O  O     . VAL A 1 42  ? -15.877 1.304   2.365   1.00 28.17 ? 36   VAL A O     1 
ATOM   239  C  CB    . VAL A 1 42  ? -18.909 1.647   2.280   1.00 28.02 ? 36   VAL A CB    1 
ATOM   240  C  CG1   . VAL A 1 42  ? -18.790 3.136   2.553   1.00 27.63 ? 36   VAL A CG1   1 
ATOM   241  C  CG2   . VAL A 1 42  ? -20.369 1.233   1.928   1.00 27.85 ? 36   VAL A CG2   1 
ATOM   242  N  N     . PHE A 1 43  ? -15.982 2.590   0.522   1.00 27.44 ? 37   PHE A N     1 
ATOM   243  C  CA    . PHE A 1 43  ? -14.601 3.073   0.715   1.00 28.09 ? 37   PHE A CA    1 
ATOM   244  C  C     . PHE A 1 43  ? -14.571 3.871   2.019   1.00 32.10 ? 37   PHE A C     1 
ATOM   245  O  O     . PHE A 1 43  ? -15.358 4.823   2.179   1.00 28.49 ? 37   PHE A O     1 
ATOM   246  C  CB    . PHE A 1 43  ? -14.099 3.932   -0.458  1.00 23.48 ? 37   PHE A CB    1 
ATOM   247  C  CG    . PHE A 1 43  ? -14.202 3.241   -1.775  1.00 27.53 ? 37   PHE A CG    1 
ATOM   248  C  CD1   . PHE A 1 43  ? -13.183 2.389   -2.234  1.00 27.73 ? 37   PHE A CD1   1 
ATOM   249  C  CD2   . PHE A 1 43  ? -15.326 3.464   -2.600  1.00 27.53 ? 37   PHE A CD2   1 
ATOM   250  C  CE1   . PHE A 1 43  ? -13.304 1.715   -3.494  1.00 23.87 ? 37   PHE A CE1   1 
ATOM   251  C  CE2   . PHE A 1 43  ? -15.456 2.809   -3.816  1.00 26.67 ? 37   PHE A CE2   1 
ATOM   252  C  CZ    . PHE A 1 43  ? -14.476 1.942   -4.253  1.00 26.34 ? 37   PHE A CZ    1 
ATOM   253  N  N     . ASP A 1 44  ? -13.651 3.525   2.935   1.00 29.37 ? 38   ASP A N     1 
ATOM   254  C  CA    . ASP A 1 44  ? -13.702 4.175   4.239   1.00 29.56 ? 38   ASP A CA    1 
ATOM   255  C  C     . ASP A 1 44  ? -12.350 4.637   4.763   1.00 33.97 ? 38   ASP A C     1 
ATOM   256  O  O     . ASP A 1 44  ? -11.328 4.394   4.156   1.00 30.37 ? 38   ASP A O     1 
ATOM   257  C  CB    . ASP A 1 44  ? -14.285 3.165   5.224   1.00 30.98 ? 38   ASP A CB    1 
ATOM   258  C  CG    . ASP A 1 44  ? -15.361 3.766   6.191   1.00 36.57 ? 38   ASP A CG    1 
ATOM   259  O  OD1   . ASP A 1 44  ? -15.193 4.925   6.717   1.00 34.95 ? 38   ASP A OD1   1 
ATOM   260  O  OD2   . ASP A 1 44  ? -16.348 3.019   6.404   1.00 32.08 ? 38   ASP A OD2   1 
ATOM   261  N  N     . ASN A 1 45  ? -12.372 5.292   5.914   1.00 32.02 ? 39   ASN A N     1 
ATOM   262  C  CA    . ASN A 1 45  ? -11.193 5.607   6.668   1.00 32.46 ? 39   ASN A CA    1 
ATOM   263  C  C     . ASN A 1 45  ? -11.240 4.912   8.033   1.00 36.31 ? 39   ASN A C     1 
ATOM   264  O  O     . ASN A 1 45  ? -12.315 4.548   8.534   1.00 30.26 ? 39   ASN A O     1 
ATOM   265  C  CB    . ASN A 1 45  ? -10.982 7.101   6.807   1.00 37.62 ? 39   ASN A CB    1 
ATOM   266  C  CG    . ASN A 1 45  ? -12.147 7.781   7.524   1.00 43.28 ? 39   ASN A CG    1 
ATOM   267  O  OD1   . ASN A 1 45  ? -13.203 7.991   6.929   1.00 48.67 ? 39   ASN A OD1   1 
ATOM   268  N  ND2   . ASN A 1 45  ? -11.971 8.103   8.792   1.00 36.07 ? 39   ASN A ND2   1 
ATOM   269  N  N     . TYR A 1 46  ? -10.042 4.680   8.580   1.00 36.03 ? 40   TYR A N     1 
ATOM   270  C  CA    . TYR A 1 46  ? -9.869  3.870   9.764   1.00 38.42 ? 40   TYR A CA    1 
ATOM   271  C  C     . TYR A 1 46  ? -8.870  4.533   10.701  1.00 40.55 ? 40   TYR A C     1 
ATOM   272  O  O     . TYR A 1 46  ? -8.392  5.635   10.459  1.00 40.89 ? 40   TYR A O     1 
ATOM   273  C  CB    . TYR A 1 46  ? -9.438  2.447   9.426   1.00 34.90 ? 40   TYR A CB    1 
ATOM   274  C  CG    . TYR A 1 46  ? -10.215 1.767   8.322   1.00 32.44 ? 40   TYR A CG    1 
ATOM   275  C  CD1   . TYR A 1 46  ? -9.811  1.888   6.969   1.00 32.13 ? 40   TYR A CD1   1 
ATOM   276  C  CD2   . TYR A 1 46  ? -11.353 1.011   8.611   1.00 32.75 ? 40   TYR A CD2   1 
ATOM   277  C  CE1   . TYR A 1 46  ? -10.553 1.256   5.928   1.00 28.73 ? 40   TYR A CE1   1 
ATOM   278  C  CE2   . TYR A 1 46  ? -12.062 0.374   7.610   1.00 31.13 ? 40   TYR A CE2   1 
ATOM   279  C  CZ    . TYR A 1 46  ? -11.641 0.498   6.252   1.00 30.80 ? 40   TYR A CZ    1 
ATOM   280  O  OH    . TYR A 1 46  ? -12.363 -0.167  5.285   1.00 29.59 ? 40   TYR A OH    1 
ATOM   281  N  N     . SER A 1 47  ? -8.623  3.895   11.826  1.00 41.01 ? 41   SER A N     1 
ATOM   282  C  CA    . SER A 1 47  ? -7.890  4.573   12.859  1.00 42.72 ? 41   SER A CA    1 
ATOM   283  C  C     . SER A 1 47  ? -7.130  3.537   13.678  1.00 42.66 ? 41   SER A C     1 
ATOM   284  O  O     . SER A 1 47  ? -7.559  2.378   13.816  1.00 40.38 ? 41   SER A O     1 
ATOM   285  C  CB    . SER A 1 47  ? -8.883  5.325   13.732  1.00 44.33 ? 41   SER A CB    1 
ATOM   286  O  OG    . SER A 1 47  ? -8.366  5.541   15.009  1.00 51.92 ? 41   SER A OG    1 
ATOM   287  N  N     . ALA A 1 48  ? -5.987  3.951   14.193  1.00 42.57 ? 42   ALA A N     1 
ATOM   288  C  CA    . ALA A 1 48  ? -5.210  3.099   15.092  1.00 46.28 ? 42   ALA A CA    1 
ATOM   289  C  C     . ALA A 1 48  ? -4.306  3.945   15.992  1.00 49.93 ? 42   ALA A C     1 
ATOM   290  O  O     . ALA A 1 48  ? -3.706  4.940   15.555  1.00 46.71 ? 42   ALA A O     1 
ATOM   291  C  CB    . ALA A 1 48  ? -4.407  2.031   14.347  1.00 45.23 ? 42   ALA A CB    1 
ATOM   292  N  N     . ASN A 1 49  ? -4.303  3.563   17.273  1.00 51.44 ? 43   ASN A N     1 
ATOM   293  C  CA    . ASN A 1 49  ? -3.460  4.190   18.280  1.00 52.90 ? 43   ASN A CA    1 
ATOM   294  C  C     . ASN A 1 49  ? -2.240  3.305   18.467  1.00 52.20 ? 43   ASN A C     1 
ATOM   295  O  O     . ASN A 1 49  ? -2.353  2.152   18.958  1.00 50.95 ? 43   ASN A O     1 
ATOM   296  C  CB    . ASN A 1 49  ? -4.228  4.365   19.580  1.00 49.46 ? 43   ASN A CB    1 
ATOM   297  C  CG    . ASN A 1 49  ? -5.378  5.354   19.430  1.00 55.62 ? 43   ASN A CG    1 
ATOM   298  O  OD1   . ASN A 1 49  ? -5.146  6.537   19.141  1.00 52.59 ? 43   ASN A OD1   1 
ATOM   299  N  ND2   . ASN A 1 49  ? -6.633  4.871   19.605  1.00 57.40 ? 43   ASN A ND2   1 
ATOM   300  N  N     . VAL A 1 50  ? -1.097  3.851   18.057  1.00 53.21 ? 44   VAL A N     1 
ATOM   301  C  CA    . VAL A 1 50  ? 0.162   3.103   17.948  1.00 55.47 ? 44   VAL A CA    1 
ATOM   302  C  C     . VAL A 1 50  ? 1.257   3.770   18.765  1.00 58.22 ? 44   VAL A C     1 
ATOM   303  O  O     . VAL A 1 50  ? 1.357   5.005   18.810  1.00 56.61 ? 44   VAL A O     1 
ATOM   304  C  CB    . VAL A 1 50  ? 0.653   3.017   16.470  1.00 47.84 ? 44   VAL A CB    1 
ATOM   305  N  N     . MET A 1 51  ? 2.083   2.930   19.392  1.00 63.50 ? 45   MET A N     1 
ATOM   306  C  CA    . MET A 1 51  ? 3.323   3.372   20.037  1.00 67.51 ? 45   MET A CA    1 
ATOM   307  C  C     . MET A 1 51  ? 4.528   3.056   19.117  1.00 64.44 ? 45   MET A C     1 
ATOM   308  O  O     . MET A 1 51  ? 4.739   1.906   18.705  1.00 60.76 ? 45   MET A O     1 
ATOM   309  C  CB    . MET A 1 51  ? 3.456   2.683   21.409  1.00 71.20 ? 45   MET A CB    1 
ATOM   310  C  CG    . MET A 1 51  ? 4.368   3.378   22.442  1.00 74.46 ? 45   MET A CG    1 
ATOM   311  S  SD    . MET A 1 51  ? 3.663   4.822   23.299  1.00 84.80 ? 45   MET A SD    1 
ATOM   312  C  CE    . MET A 1 51  ? 4.797   6.088   22.781  1.00 70.53 ? 45   MET A CE    1 
ATOM   313  N  N     . VAL A 1 52  ? 5.294   4.085   18.776  1.00 64.14 ? 46   VAL A N     1 
ATOM   314  C  CA    . VAL A 1 52  ? 6.441   3.915   17.880  1.00 69.77 ? 46   VAL A CA    1 
ATOM   315  C  C     . VAL A 1 52  ? 7.641   4.683   18.451  1.00 73.67 ? 46   VAL A C     1 
ATOM   316  O  O     . VAL A 1 52  ? 7.501   5.891   18.743  1.00 72.26 ? 46   VAL A O     1 
ATOM   317  C  CB    . VAL A 1 52  ? 6.110   4.360   16.384  1.00 67.96 ? 46   VAL A CB    1 
ATOM   318  C  CG1   . VAL A 1 52  ? 7.377   4.478   15.514  1.00 64.30 ? 46   VAL A CG1   1 
ATOM   319  C  CG2   . VAL A 1 52  ? 5.102   3.393   15.715  1.00 58.82 ? 46   VAL A CG2   1 
ATOM   320  N  N     . ASP A 1 53  ? 8.789   3.992   18.636  1.00 74.56 ? 47   ASP A N     1 
ATOM   321  C  CA    . ASP A 1 53  ? 9.995   4.607   19.233  1.00 72.35 ? 47   ASP A CA    1 
ATOM   322  C  C     . ASP A 1 53  ? 9.629   5.599   20.382  1.00 71.07 ? 47   ASP A C     1 
ATOM   323  O  O     . ASP A 1 53  ? 9.996   6.790   20.360  1.00 70.87 ? 47   ASP A O     1 
ATOM   324  C  CB    . ASP A 1 53  ? 10.900  5.241   18.151  1.00 69.10 ? 47   ASP A CB    1 
ATOM   325  N  N     . SER A 1 54  ? 8.870   5.076   21.354  1.00 73.16 ? 48   SER A N     1 
ATOM   326  C  CA    . SER A 1 54  ? 8.442   5.793   22.579  1.00 76.79 ? 48   SER A CA    1 
ATOM   327  C  C     . SER A 1 54  ? 7.498   7.023   22.410  1.00 75.73 ? 48   SER A C     1 
ATOM   328  O  O     . SER A 1 54  ? 7.212   7.736   23.382  1.00 73.44 ? 48   SER A O     1 
ATOM   329  C  CB    . SER A 1 54  ? 9.656   6.118   23.477  1.00 74.07 ? 48   SER A CB    1 
ATOM   330  N  N     . LYS A 1 55  ? 7.000   7.245   21.189  1.00 75.07 ? 49   LYS A N     1 
ATOM   331  C  CA    . LYS A 1 55  ? 6.031   8.322   20.907  1.00 73.96 ? 49   LYS A CA    1 
ATOM   332  C  C     . LYS A 1 55  ? 4.604   7.789   20.614  1.00 70.59 ? 49   LYS A C     1 
ATOM   333  O  O     . LYS A 1 55  ? 4.420   6.836   19.840  1.00 67.42 ? 49   LYS A O     1 
ATOM   334  C  CB    . LYS A 1 55  ? 6.512   9.236   19.764  1.00 70.64 ? 49   LYS A CB    1 
ATOM   335  N  N     . PRO A 1 56  ? 3.594   8.396   21.260  1.00 70.56 ? 50   PRO A N     1 
ATOM   336  C  CA    . PRO A 1 56  ? 2.188   7.984   21.102  1.00 68.61 ? 50   PRO A CA    1 
ATOM   337  C  C     . PRO A 1 56  ? 1.586   8.603   19.826  1.00 58.81 ? 50   PRO A C     1 
ATOM   338  O  O     . PRO A 1 56  ? 1.715   9.817   19.579  1.00 57.70 ? 50   PRO A O     1 
ATOM   339  C  CB    . PRO A 1 56  ? 1.509   8.555   22.357  1.00 68.80 ? 50   PRO A CB    1 
ATOM   340  C  CG    . PRO A 1 56  ? 2.636   9.346   23.133  1.00 72.83 ? 50   PRO A CG    1 
ATOM   341  C  CD    . PRO A 1 56  ? 3.724   9.578   22.139  1.00 69.72 ? 50   PRO A CD    1 
ATOM   342  N  N     . VAL A 1 57  ? 0.960   7.763   19.010  1.00 54.72 ? 51   VAL A N     1 
ATOM   343  C  CA    . VAL A 1 57  ? 0.463   8.224   17.711  1.00 57.14 ? 51   VAL A CA    1 
ATOM   344  C  C     . VAL A 1 57  ? -0.969  7.809   17.409  1.00 50.43 ? 51   VAL A C     1 
ATOM   345  O  O     . VAL A 1 57  ? -1.372  6.666   17.638  1.00 50.50 ? 51   VAL A O     1 
ATOM   346  C  CB    . VAL A 1 57  ? 1.467   7.863   16.517  1.00 53.97 ? 51   VAL A CB    1 
ATOM   347  C  CG1   . VAL A 1 57  ? 0.773   7.823   15.141  1.00 51.59 ? 51   VAL A CG1   1 
ATOM   348  C  CG2   . VAL A 1 57  ? 2.590   8.858   16.475  1.00 52.42 ? 51   VAL A CG2   1 
ATOM   349  N  N     . ASN A 1 58  ? -1.754  8.769   16.949  1.00 51.20 ? 52   ASN A N     1 
ATOM   350  C  CA    . ASN A 1 58  ? -3.032  8.415   16.324  1.00 51.18 ? 52   ASN A CA    1 
ATOM   351  C  C     . ASN A 1 58  ? -2.930  8.501   14.801  1.00 50.50 ? 52   ASN A C     1 
ATOM   352  O  O     . ASN A 1 58  ? -2.753  9.592   14.189  1.00 47.45 ? 52   ASN A O     1 
ATOM   353  C  CB    . ASN A 1 58  ? -4.257  9.193   16.856  1.00 54.61 ? 52   ASN A CB    1 
ATOM   354  C  CG    . ASN A 1 58  ? -5.564  8.747   16.187  1.00 52.52 ? 52   ASN A CG    1 
ATOM   355  O  OD1   . ASN A 1 58  ? -5.991  7.595   16.304  1.00 49.74 ? 52   ASN A OD1   1 
ATOM   356  N  ND2   . ASN A 1 58  ? -6.173  9.654   15.452  1.00 56.61 ? 52   ASN A ND2   1 
ATOM   357  N  N     . LEU A 1 59  ? -3.022  7.309   14.218  1.00 47.30 ? 53   LEU A N     1 
ATOM   358  C  CA    . LEU A 1 59  ? -2.863  7.135   12.791  1.00 47.72 ? 53   LEU A CA    1 
ATOM   359  C  C     . LEU A 1 59  ? -4.224  6.965   12.107  1.00 44.63 ? 53   LEU A C     1 
ATOM   360  O  O     . LEU A 1 59  ? -4.900  5.939   12.337  1.00 44.83 ? 53   LEU A O     1 
ATOM   361  C  CB    . LEU A 1 59  ? -2.026  5.897   12.566  1.00 41.84 ? 53   LEU A CB    1 
ATOM   362  C  CG    . LEU A 1 59  ? -1.688  5.588   11.130  1.00 41.85 ? 53   LEU A CG    1 
ATOM   363  C  CD1   . LEU A 1 59  ? -0.798  6.682   10.595  1.00 43.05 ? 53   LEU A CD1   1 
ATOM   364  C  CD2   . LEU A 1 59  ? -1.007  4.246   11.102  1.00 41.84 ? 53   LEU A CD2   1 
ATOM   365  N  N     . GLY A 1 60  ? -4.605  7.966   11.312  1.00 42.13 ? 54   GLY A N     1 
ATOM   366  C  CA    . GLY A 1 60  ? -5.752  7.911   10.407  1.00 41.86 ? 54   GLY A CA    1 
ATOM   367  C  C     . GLY A 1 60  ? -5.430  7.341   9.021   1.00 42.59 ? 54   GLY A C     1 
ATOM   368  O  O     . GLY A 1 60  ? -4.709  7.945   8.220   1.00 42.11 ? 54   GLY A O     1 
ATOM   369  N  N     . LEU A 1 61  ? -5.949  6.154   8.746   1.00 39.29 ? 55   LEU A N     1 
ATOM   370  C  CA    . LEU A 1 61  ? -5.691  5.459   7.512   1.00 32.10 ? 55   LEU A CA    1 
ATOM   371  C  C     . LEU A 1 61  ? -6.865  5.651   6.522   1.00 36.59 ? 55   LEU A C     1 
ATOM   372  O  O     . LEU A 1 61  ? -8.006  5.268   6.811   1.00 34.05 ? 55   LEU A O     1 
ATOM   373  C  CB    . LEU A 1 61  ? -5.528  3.998   7.820   1.00 36.27 ? 55   LEU A CB    1 
ATOM   374  C  CG    . LEU A 1 61  ? -4.462  3.721   8.889   1.00 36.02 ? 55   LEU A CG    1 
ATOM   375  C  CD1   . LEU A 1 61  ? -4.655  2.337   9.324   1.00 33.71 ? 55   LEU A CD1   1 
ATOM   376  C  CD2   . LEU A 1 61  ? -3.060  3.952   8.269   1.00 32.82 ? 55   LEU A CD2   1 
ATOM   377  N  N     . TRP A 1 62  ? -6.562  6.238   5.375   1.00 29.46 ? 56   TRP A N     1 
ATOM   378  C  CA    . TRP A 1 62  ? -7.553  6.535   4.362   1.00 34.52 ? 56   TRP A CA    1 
ATOM   379  C  C     . TRP A 1 62  ? -7.482  5.643   3.137   1.00 31.66 ? 56   TRP A C     1 
ATOM   380  O  O     . TRP A 1 62  ? -6.490  5.715   2.371   1.00 30.09 ? 56   TRP A O     1 
ATOM   381  C  CB    . TRP A 1 62  ? -7.380  7.985   3.940   1.00 38.89 ? 56   TRP A CB    1 
ATOM   382  C  CG    . TRP A 1 62  ? -7.671  8.915   5.050   1.00 40.95 ? 56   TRP A CG    1 
ATOM   383  C  CD1   . TRP A 1 62  ? -7.032  9.013   6.253   1.00 41.84 ? 56   TRP A CD1   1 
ATOM   384  C  CD2   . TRP A 1 62  ? -8.695  9.889   5.058   1.00 48.20 ? 56   TRP A CD2   1 
ATOM   385  N  NE1   . TRP A 1 62  ? -7.603  9.996   7.015   1.00 44.07 ? 56   TRP A NE1   1 
ATOM   386  C  CE2   . TRP A 1 62  ? -8.626  10.559  6.296   1.00 49.00 ? 56   TRP A CE2   1 
ATOM   387  C  CE3   . TRP A 1 62  ? -9.650  10.276  4.128   1.00 53.62 ? 56   TRP A CE3   1 
ATOM   388  C  CZ2   . TRP A 1 62  ? -9.488  11.591  6.629   1.00 53.92 ? 56   TRP A CZ2   1 
ATOM   389  C  CZ3   . TRP A 1 62  ? -10.512 11.311  4.458   1.00 61.80 ? 56   TRP A CZ3   1 
ATOM   390  C  CH2   . TRP A 1 62  ? -10.424 11.957  5.701   1.00 57.83 ? 56   TRP A CH2   1 
ATOM   391  N  N     . ASP A 1 63  ? -8.538  4.840   2.939   1.00 23.93 ? 57   ASP A N     1 
ATOM   392  C  CA    . ASP A 1 63  ? -8.613  3.969   1.782   1.00 28.31 ? 57   ASP A CA    1 
ATOM   393  C  C     . ASP A 1 63  ? -8.994  4.830   0.511   1.00 28.87 ? 57   ASP A C     1 
ATOM   394  O  O     . ASP A 1 63  ? -9.463  5.973   0.639   1.00 29.26 ? 57   ASP A O     1 
ATOM   395  C  CB    . ASP A 1 63  ? -9.641  2.893   2.038   1.00 24.60 ? 57   ASP A CB    1 
ATOM   396  C  CG    . ASP A 1 63  ? -9.367  1.591   1.270   1.00 25.54 ? 57   ASP A CG    1 
ATOM   397  O  OD1   . ASP A 1 63  ? -8.534  1.541   0.324   1.00 26.54 ? 57   ASP A OD1   1 
ATOM   398  O  OD2   . ASP A 1 63  ? -10.088 0.584   1.550   1.00 23.11 ? 57   ASP A OD2   1 
ATOM   399  N  N     . THR A 1 64  ? -8.823  4.248   -0.677  1.00 21.72 ? 58   THR A N     1 
ATOM   400  C  CA    . THR A 1 64  ? -9.142  4.925   -1.944  1.00 27.76 ? 58   THR A CA    1 
ATOM   401  C  C     . THR A 1 64  ? -9.805  3.990   -2.975  1.00 27.42 ? 58   THR A C     1 
ATOM   402  O  O     . THR A 1 64  ? -9.603  2.759   -2.973  1.00 25.01 ? 58   THR A O     1 
ATOM   403  C  CB    . THR A 1 64  ? -7.882  5.592   -2.627  1.00 22.20 ? 58   THR A CB    1 
ATOM   404  O  OG1   . THR A 1 64  ? -6.885  4.601   -2.843  1.00 25.34 ? 58   THR A OG1   1 
ATOM   405  C  CG2   . THR A 1 64  ? -7.317  6.712   -1.777  1.00 26.39 ? 58   THR A CG2   1 
ATOM   406  N  N     . ALA A 1 65  ? -10.595 4.594   -3.860  1.00 25.33 ? 59   ALA A N     1 
ATOM   407  C  CA    . ALA A 1 65  ? -11.102 3.899   -5.023  1.00 24.37 ? 59   ALA A CA    1 
ATOM   408  C  C     . ALA A 1 65  ? -10.052 4.070   -6.191  1.00 25.90 ? 59   ALA A C     1 
ATOM   409  O  O     . ALA A 1 65  ? -9.918  5.152   -6.778  1.00 21.62 ? 59   ALA A O     1 
ATOM   410  C  CB    . ALA A 1 65  ? -12.484 4.524   -5.408  1.00 26.14 ? 59   ALA A CB    1 
ATOM   411  N  N     . GLY A 1 66  ? -9.310  2.987   -6.517  1.00 25.07 ? 60   GLY A N     1 
ATOM   412  C  CA    . GLY A 1 66  ? -8.261  3.074   -7.546  1.00 28.61 ? 60   GLY A CA    1 
ATOM   413  C  C     . GLY A 1 66  ? -8.804  2.978   -8.959  1.00 31.06 ? 60   GLY A C     1 
ATOM   414  O  O     . GLY A 1 66  ? -8.030  3.092   -9.930  1.00 28.30 ? 60   GLY A O     1 
ATOM   415  N  N     . GLN A 1 67  ? -10.098 2.710   -9.077  1.00 28.46 ? 61   GLN A N     1 
ATOM   416  C  CA    . GLN A 1 67  ? -10.758 2.615   -10.383 1.00 31.35 ? 61   GLN A CA    1 
ATOM   417  C  C     . GLN A 1 67  ? -10.526 3.910   -11.207 1.00 29.51 ? 61   GLN A C     1 
ATOM   418  O  O     . GLN A 1 67  ? -10.511 5.010   -10.645 1.00 27.85 ? 61   GLN A O     1 
ATOM   419  C  CB    . GLN A 1 67  ? -12.292 2.416   -10.272 1.00 33.07 ? 61   GLN A CB    1 
ATOM   420  C  CG    . GLN A 1 67  ? -12.825 1.098   -9.661  1.00 39.62 ? 61   GLN A CG    1 
ATOM   421  C  CD    . GLN A 1 67  ? -12.744 1.047   -8.142  1.00 30.28 ? 61   GLN A CD    1 
ATOM   422  O  OE1   . GLN A 1 67  ? -12.255 1.965   -7.517  1.00 31.92 ? 61   GLN A OE1   1 
ATOM   423  N  NE2   . GLN A 1 67  ? -13.195 -0.040  -7.561  1.00 31.02 ? 61   GLN A NE2   1 
ATOM   424  N  N     . GLU A 1 68  ? -10.357 3.745   -12.515 1.00 27.69 ? 62   GLU A N     1 
ATOM   425  C  CA    . GLU A 1 68  ? -10.184 4.849   -13.463 1.00 28.43 ? 62   GLU A CA    1 
ATOM   426  C  C     . GLU A 1 68  ? -11.416 5.795   -13.381 1.00 27.34 ? 62   GLU A C     1 
ATOM   427  O  O     . GLU A 1 68  ? -11.289 7.011   -13.446 1.00 25.99 ? 62   GLU A O     1 
ATOM   428  C  CB    . GLU A 1 68  ? -10.144 4.303   -14.895 1.00 33.73 ? 62   GLU A CB    1 
ATOM   429  N  N     . ASP A 1 69  ? -12.595 5.212   -13.169 1.00 28.63 ? 63   ASP A N     1 
ATOM   430  C  CA    . ASP A 1 69  ? -13.836 6.007   -12.982 1.00 28.18 ? 63   ASP A CA    1 
ATOM   431  C  C     . ASP A 1 69  ? -13.700 7.039   -11.883 1.00 28.24 ? 63   ASP A C     1 
ATOM   432  O  O     . ASP A 1 69  ? -14.368 8.084   -11.910 1.00 23.94 ? 63   ASP A O     1 
ATOM   433  C  CB    . ASP A 1 69  ? -15.045 5.134   -12.787 1.00 26.76 ? 63   ASP A CB    1 
ATOM   434  C  CG    . ASP A 1 69  ? -15.504 4.519   -14.063 1.00 32.13 ? 63   ASP A CG    1 
ATOM   435  O  OD1   . ASP A 1 69  ? -16.307 3.580   -14.021 1.00 32.92 ? 63   ASP A OD1   1 
ATOM   436  O  OD2   . ASP A 1 69  ? -15.071 4.973   -15.158 1.00 30.31 ? 63   ASP A OD2   1 
ATOM   437  N  N     . TYR A 1 70  ? -12.737 6.823   -10.985 1.00 22.94 ? 64   TYR A N     1 
ATOM   438  C  CA    A TYR A 1 70  ? -12.573 7.737   -9.868  0.52 25.47 ? 64   TYR A CA    1 
ATOM   439  C  CA    B TYR A 1 70  ? -12.587 7.731   -9.881  0.48 25.45 ? 64   TYR A CA    1 
ATOM   440  C  C     . TYR A 1 70  ? -11.377 8.654   -9.967  1.00 24.74 ? 64   TYR A C     1 
ATOM   441  O  O     . TYR A 1 70  ? -11.039 9.342   -8.970  1.00 26.55 ? 64   TYR A O     1 
ATOM   442  C  CB    A TYR A 1 70  ? -12.602 6.987   -8.514  0.52 26.86 ? 64   TYR A CB    1 
ATOM   443  C  CB    B TYR A 1 70  ? -12.661 6.977   -8.533  0.48 26.90 ? 64   TYR A CB    1 
ATOM   444  C  CG    A TYR A 1 70  ? -13.998 6.487   -8.242  0.52 28.27 ? 64   TYR A CG    1 
ATOM   445  C  CG    B TYR A 1 70  ? -13.527 7.754   -7.586  0.48 29.01 ? 64   TYR A CG    1 
ATOM   446  C  CD1   A TYR A 1 70  ? -14.944 7.316   -7.620  0.52 27.02 ? 64   TYR A CD1   1 
ATOM   447  C  CD1   B TYR A 1 70  ? -14.897 7.792   -7.757  0.48 26.56 ? 64   TYR A CD1   1 
ATOM   448  C  CD2   A TYR A 1 70  ? -14.398 5.257   -8.729  0.52 27.41 ? 64   TYR A CD2   1 
ATOM   449  C  CD2   B TYR A 1 70  ? -12.959 8.547   -6.631  0.48 28.21 ? 64   TYR A CD2   1 
ATOM   450  C  CE1   A TYR A 1 70  ? -16.257 6.884   -7.433  0.52 30.61 ? 64   TYR A CE1   1 
ATOM   451  C  CE1   B TYR A 1 70  ? -15.665 8.532   -6.968  0.48 29.31 ? 64   TYR A CE1   1 
ATOM   452  C  CE2   A TYR A 1 70  ? -15.669 4.812   -8.563  0.52 31.15 ? 64   TYR A CE2   1 
ATOM   453  C  CE2   B TYR A 1 70  ? -13.687 9.280   -5.857  0.48 29.55 ? 64   TYR A CE2   1 
ATOM   454  C  CZ    A TYR A 1 70  ? -16.613 5.626   -7.906  0.52 31.84 ? 64   TYR A CZ    1 
ATOM   455  C  CZ    B TYR A 1 70  ? -15.068 9.304   -6.027  0.48 31.55 ? 64   TYR A CZ    1 
ATOM   456  O  OH    A TYR A 1 70  ? -17.884 5.151   -7.720  0.52 30.30 ? 64   TYR A OH    1 
ATOM   457  O  OH    B TYR A 1 70  ? -15.832 10.066  -5.165  0.48 28.28 ? 64   TYR A OH    1 
ATOM   458  N  N     . ASP A 1 71  ? -10.791 8.748   -11.177 1.00 25.79 ? 65   ASP A N     1 
ATOM   459  C  CA    . ASP A 1 71  ? -9.601  9.561   -11.384 1.00 28.95 ? 65   ASP A CA    1 
ATOM   460  C  C     . ASP A 1 71  ? -9.751  10.982  -10.940 1.00 30.65 ? 65   ASP A C     1 
ATOM   461  O  O     . ASP A 1 71  ? -8.795  11.575  -10.468 1.00 25.80 ? 65   ASP A O     1 
ATOM   462  C  CB    . ASP A 1 71  ? -9.071  9.475   -12.850 1.00 26.06 ? 65   ASP A CB    1 
ATOM   463  C  CG    . ASP A 1 71  ? -8.408  8.120   -13.124 1.00 32.29 ? 65   ASP A CG    1 
ATOM   464  O  OD1   . ASP A 1 71  ? -8.076  7.388   -12.119 1.00 30.03 ? 65   ASP A OD1   1 
ATOM   465  O  OD2   . ASP A 1 71  ? -8.264  7.755   -14.328 1.00 30.40 ? 65   ASP A OD2   1 
ATOM   466  N  N     . ARG A 1 72  ? -10.947 11.559  -11.102 1.00 28.23 ? 66   ARG A N     1 
ATOM   467  C  CA    . ARG A 1 72  ? -11.083 12.930  -10.704 1.00 28.43 ? 66   ARG A CA    1 
ATOM   468  C  C     . ARG A 1 72  ? -11.375 13.147  -9.254  1.00 27.58 ? 66   ARG A C     1 
ATOM   469  O  O     . ARG A 1 72  ? -10.976 14.138  -8.688  1.00 34.53 ? 66   ARG A O     1 
ATOM   470  C  CB    . ARG A 1 72  ? -12.321 13.525  -11.404 1.00 37.65 ? 66   ARG A CB    1 
ATOM   471  C  CG    . ARG A 1 72  ? -11.916 14.335  -12.495 1.00 37.15 ? 66   ARG A CG    1 
ATOM   472  C  CD    . ARG A 1 72  ? -11.889 13.476  -13.659 1.00 38.83 ? 66   ARG A CD    1 
ATOM   473  N  NE    . ARG A 1 72  ? -11.085 14.104  -14.695 1.00 40.77 ? 66   ARG A NE    1 
ATOM   474  C  CZ    . ARG A 1 72  ? -11.240 13.848  -16.007 1.00 48.22 ? 66   ARG A CZ    1 
ATOM   475  N  NH1   . ARG A 1 72  ? -10.454 14.457  -16.928 1.00 53.42 ? 66   ARG A NH1   1 
ATOM   476  N  NH2   . ARG A 1 72  ? -12.216 13.032  -16.429 1.00 42.24 ? 66   ARG A NH2   1 
ATOM   477  N  N     . LEU A 1 73  ? -12.154 12.278  -8.643  1.00 26.56 ? 67   LEU A N     1 
ATOM   478  C  CA    . LEU A 1 73  ? -12.549 12.535  -7.297  1.00 27.10 ? 67   LEU A CA    1 
ATOM   479  C  C     . LEU A 1 73  ? -11.527 11.979  -6.280  1.00 31.32 ? 67   LEU A C     1 
ATOM   480  O  O     . LEU A 1 73  ? -11.425 12.489  -5.169  1.00 30.86 ? 67   LEU A O     1 
ATOM   481  C  CB    . LEU A 1 73  ? -13.881 11.871  -7.077  1.00 31.07 ? 67   LEU A CB    1 
ATOM   482  C  CG    . LEU A 1 73  ? -15.001 12.343  -8.034  1.00 33.84 ? 67   LEU A CG    1 
ATOM   483  C  CD1   . LEU A 1 73  ? -16.245 11.582  -7.570  1.00 28.72 ? 67   LEU A CD1   1 
ATOM   484  C  CD2   . LEU A 1 73  ? -15.109 13.868  -7.899  1.00 35.94 ? 67   LEU A CD2   1 
ATOM   485  N  N     . ARG A 1 74  ? -10.786 10.942  -6.666  1.00 28.39 ? 68   ARG A N     1 
ATOM   486  C  CA    . ARG A 1 74  ? -9.892  10.288  -5.657  1.00 28.02 ? 68   ARG A CA    1 
ATOM   487  C  C     . ARG A 1 74  ? -8.961  11.333  -4.960  1.00 28.36 ? 68   ARG A C     1 
ATOM   488  O  O     . ARG A 1 74  ? -8.906  11.411  -3.729  1.00 28.48 ? 68   ARG A O     1 
ATOM   489  C  CB    . ARG A 1 74  ? -9.163  9.099   -6.307  1.00 26.31 ? 68   ARG A CB    1 
ATOM   490  C  CG    . ARG A 1 74  ? -7.930  8.488   -5.540  1.00 27.45 ? 68   ARG A CG    1 
ATOM   491  C  CD    . ARG A 1 74  ? -7.379  7.195   -6.294  1.00 26.81 ? 68   ARG A CD    1 
ATOM   492  N  NE    . ARG A 1 74  ? -6.954  7.543   -7.633  1.00 28.64 ? 68   ARG A NE    1 
ATOM   493  C  CZ    . ARG A 1 74  ? -7.514  7.178   -8.784  1.00 25.29 ? 68   ARG A CZ    1 
ATOM   494  N  NH1   . ARG A 1 74  ? -6.926  7.592   -9.886  1.00 28.42 ? 68   ARG A NH1   1 
ATOM   495  N  NH2   . ARG A 1 74  ? -8.569  6.384   -8.882  1.00 21.92 ? 68   ARG A NH2   1 
ATOM   496  N  N     . PRO A 1 75  ? -8.290  12.202  -5.731  1.00 26.06 ? 69   PRO A N     1 
ATOM   497  C  CA    . PRO A 1 75  ? -7.378  13.202  -5.149  1.00 29.46 ? 69   PRO A CA    1 
ATOM   498  C  C     . PRO A 1 75  ? -7.944  14.226  -4.188  1.00 31.87 ? 69   PRO A C     1 
ATOM   499  O  O     . PRO A 1 75  ? -7.190  14.904  -3.485  1.00 37.81 ? 69   PRO A O     1 
ATOM   500  C  CB    . PRO A 1 75  ? -6.778  13.899  -6.403  1.00 30.49 ? 69   PRO A CB    1 
ATOM   501  C  CG    . PRO A 1 75  ? -6.845  12.869  -7.439  1.00 27.41 ? 69   PRO A CG    1 
ATOM   502  C  CD    . PRO A 1 75  ? -8.221  12.235  -7.202  1.00 29.47 ? 69   PRO A CD    1 
ATOM   503  N  N     . LEU A 1 76  ? -9.258  14.281  -4.074  1.00 32.99 ? 70   LEU A N     1 
ATOM   504  C  CA    . LEU A 1 76  ? -9.892  15.061  -3.032  1.00 32.62 ? 70   LEU A CA    1 
ATOM   505  C  C     . LEU A 1 76  ? -9.529  14.578  -1.621  1.00 36.00 ? 70   LEU A C     1 
ATOM   506  O  O     . LEU A 1 76  ? -9.589  15.305  -0.649  1.00 37.39 ? 70   LEU A O     1 
ATOM   507  C  CB    . LEU A 1 76  ? -11.389 14.951  -3.203  1.00 33.85 ? 70   LEU A CB    1 
ATOM   508  C  CG    . LEU A 1 76  ? -12.027 15.574  -4.437  1.00 33.66 ? 70   LEU A CG    1 
ATOM   509  C  CD1   . LEU A 1 76  ? -13.547 15.412  -4.443  1.00 29.95 ? 70   LEU A CD1   1 
ATOM   510  C  CD2   . LEU A 1 76  ? -11.557 17.037  -4.430  1.00 36.80 ? 70   LEU A CD2   1 
ATOM   511  N  N     . SER A 1 77  ? -9.130  13.343  -1.483  1.00 34.33 ? 71   SER A N     1 
ATOM   512  C  CA    . SER A 1 77  ? -8.754  12.938  -0.146  1.00 34.92 ? 71   SER A CA    1 
ATOM   513  C  C     . SER A 1 77  ? -7.247  13.176  0.120   1.00 37.53 ? 71   SER A C     1 
ATOM   514  O  O     . SER A 1 77  ? -6.745  12.773  1.161   1.00 38.00 ? 71   SER A O     1 
ATOM   515  C  CB    . SER A 1 77  ? -9.152  11.498  0.037   1.00 34.61 ? 71   SER A CB    1 
ATOM   516  O  OG    . SER A 1 77  ? -8.180  10.747  -0.635  1.00 39.35 ? 71   SER A OG    1 
ATOM   517  N  N     . TYR A 1 78  ? -6.536  13.886  -0.786  1.00 33.96 ? 72   TYR A N     1 
ATOM   518  C  CA    . TYR A 1 78  ? -5.057  13.993  -0.657  1.00 39.34 ? 72   TYR A CA    1 
ATOM   519  C  C     . TYR A 1 78  ? -4.543  15.144  0.234   1.00 43.54 ? 72   TYR A C     1 
ATOM   520  O  O     . TYR A 1 78  ? -3.546  14.969  0.929   1.00 45.20 ? 72   TYR A O     1 
ATOM   521  C  CB    . TYR A 1 78  ? -4.329  14.049  -2.004  1.00 31.70 ? 72   TYR A CB    1 
ATOM   522  C  CG    . TYR A 1 78  ? -4.397  12.774  -2.873  1.00 33.85 ? 72   TYR A CG    1 
ATOM   523  C  CD1   . TYR A 1 78  ? -4.919  11.560  -2.378  1.00 33.04 ? 72   TYR A CD1   1 
ATOM   524  C  CD2   . TYR A 1 78  ? -3.915  12.787  -4.179  1.00 31.09 ? 72   TYR A CD2   1 
ATOM   525  C  CE1   . TYR A 1 78  ? -5.017  10.426  -3.193  1.00 30.04 ? 72   TYR A CE1   1 
ATOM   526  C  CE2   . TYR A 1 78  ? -3.990  11.650  -4.978  1.00 31.82 ? 72   TYR A CE2   1 
ATOM   527  C  CZ    . TYR A 1 78  ? -4.568  10.481  -4.491  1.00 27.07 ? 72   TYR A CZ    1 
ATOM   528  O  OH    . TYR A 1 78  ? -4.609  9.347   -5.332  1.00 28.70 ? 72   TYR A OH    1 
ATOM   529  N  N     . PRO A 1 79  ? -5.235  16.311  0.228   1.00 44.71 ? 73   PRO A N     1 
ATOM   530  C  CA    . PRO A 1 79  ? -4.842  17.470  1.048   1.00 44.49 ? 73   PRO A CA    1 
ATOM   531  C  C     . PRO A 1 79  ? -4.548  17.181  2.500   1.00 45.41 ? 73   PRO A C     1 
ATOM   532  O  O     . PRO A 1 79  ? -5.324  16.451  3.134   1.00 48.86 ? 73   PRO A O     1 
ATOM   533  C  CB    . PRO A 1 79  ? -6.041  18.405  0.888   1.00 46.39 ? 73   PRO A CB    1 
ATOM   534  C  CG    . PRO A 1 79  ? -6.377  18.185  -0.572  1.00 40.42 ? 73   PRO A CG    1 
ATOM   535  C  CD    . PRO A 1 79  ? -6.309  16.689  -0.724  1.00 40.96 ? 73   PRO A CD    1 
ATOM   536  N  N     . GLN A 1 80  ? -3.428  17.699  3.021   1.00 48.22 ? 74   GLN A N     1 
ATOM   537  C  CA    . GLN A 1 80  ? -3.026  17.412  4.415   1.00 46.50 ? 74   GLN A CA    1 
ATOM   538  C  C     . GLN A 1 80  ? -2.600  15.934  4.701   1.00 46.81 ? 74   GLN A C     1 
ATOM   539  O  O     . GLN A 1 80  ? -2.594  15.496  5.843   1.00 50.31 ? 74   GLN A O     1 
ATOM   540  C  CB    . GLN A 1 80  ? -4.119  17.858  5.394   1.00 52.58 ? 74   GLN A CB    1 
ATOM   541  N  N     . THR A 1 81  ? -2.257  15.160  3.675   1.00 45.16 ? 75   THR A N     1 
ATOM   542  C  CA    . THR A 1 81  ? -1.792  13.804  3.912   1.00 42.30 ? 75   THR A CA    1 
ATOM   543  C  C     . THR A 1 81  ? -0.307  13.869  4.343   1.00 44.96 ? 75   THR A C     1 
ATOM   544  O  O     . THR A 1 81  ? 0.473   14.635  3.751   1.00 44.08 ? 75   THR A O     1 
ATOM   545  C  CB    . THR A 1 81  ? -1.902  12.981  2.635   1.00 41.10 ? 75   THR A CB    1 
ATOM   546  O  OG1   . THR A 1 81  ? -3.284  12.813  2.312   1.00 43.39 ? 75   THR A OG1   1 
ATOM   547  C  CG2   . THR A 1 81  ? -1.273  11.624  2.796   1.00 36.71 ? 75   THR A CG2   1 
ATOM   548  N  N     . ASP A 1 82  ? 0.065   13.060  5.346   1.00 45.73 ? 76   ASP A N     1 
ATOM   549  C  CA    . ASP A 1 82  ? 1.409   13.050  5.913   1.00 42.43 ? 76   ASP A CA    1 
ATOM   550  C  C     . ASP A 1 82  ? 2.285   11.992  5.263   1.00 43.14 ? 76   ASP A C     1 
ATOM   551  O  O     . ASP A 1 82  ? 3.481   12.137  5.206   1.00 41.12 ? 76   ASP A O     1 
ATOM   552  C  CB    . ASP A 1 82  ? 1.392   12.853  7.438   1.00 41.29 ? 76   ASP A CB    1 
ATOM   553  C  CG    . ASP A 1 82  ? 0.758   14.036  8.168   1.00 50.26 ? 76   ASP A CG    1 
ATOM   554  O  OD1   . ASP A 1 82  ? 1.273   15.175  7.995   1.00 53.83 ? 76   ASP A OD1   1 
ATOM   555  O  OD2   . ASP A 1 82  ? -0.275  13.840  8.877   1.00 45.29 ? 76   ASP A OD2   1 
ATOM   556  N  N     . VAL A 1 83  ? 1.700   10.928  4.756   1.00 41.40 ? 77   VAL A N     1 
ATOM   557  C  CA    . VAL A 1 83  ? 2.540   9.940   4.109   1.00 39.97 ? 77   VAL A CA    1 
ATOM   558  C  C     . VAL A 1 83  ? 1.588   9.099   3.252   1.00 38.86 ? 77   VAL A C     1 
ATOM   559  O  O     . VAL A 1 83  ? 0.432   8.888   3.650   1.00 35.50 ? 77   VAL A O     1 
ATOM   560  C  CB    . VAL A 1 83  ? 3.319   9.064   5.181   1.00 40.01 ? 77   VAL A CB    1 
ATOM   561  C  CG1   . VAL A 1 83  ? 2.360   8.544   6.290   1.00 37.71 ? 77   VAL A CG1   1 
ATOM   562  C  CG2   . VAL A 1 83  ? 4.010   7.907   4.546   1.00 36.56 ? 77   VAL A CG2   1 
ATOM   563  N  N     . PHE A 1 84  ? 2.068   8.648   2.088   1.00 34.50 ? 78   PHE A N     1 
ATOM   564  C  CA    . PHE A 1 84  ? 1.335   7.737   1.214   1.00 33.49 ? 78   PHE A CA    1 
ATOM   565  C  C     . PHE A 1 84  ? 1.900   6.365   1.290   1.00 31.98 ? 78   PHE A C     1 
ATOM   566  O  O     . PHE A 1 84  ? 3.108   6.215   1.342   1.00 34.77 ? 78   PHE A O     1 
ATOM   567  C  CB    . PHE A 1 84  ? 1.411   8.182   -0.265  1.00 32.21 ? 78   PHE A CB    1 
ATOM   568  C  CG    . PHE A 1 84  ? 0.547   9.386   -0.572  1.00 31.95 ? 78   PHE A CG    1 
ATOM   569  C  CD1   . PHE A 1 84  ? 1.023   10.682  -0.325  1.00 34.05 ? 78   PHE A CD1   1 
ATOM   570  C  CD2   . PHE A 1 84  ? -0.763  9.223   -1.027  1.00 35.84 ? 78   PHE A CD2   1 
ATOM   571  C  CE1   . PHE A 1 84  ? 0.207   11.806  -0.557  1.00 36.35 ? 78   PHE A CE1   1 
ATOM   572  C  CE2   . PHE A 1 84  ? -1.621  10.362  -1.259  1.00 31.98 ? 78   PHE A CE2   1 
ATOM   573  C  CZ    . PHE A 1 84  ? -1.115  11.637  -1.035  1.00 33.49 ? 78   PHE A CZ    1 
ATOM   574  N  N     . LEU A 1 85  ? 1.043   5.357   1.221   1.00 29.04 ? 79   LEU A N     1 
ATOM   575  C  CA    . LEU A 1 85  ? 1.495   4.031   0.801   1.00 30.08 ? 79   LEU A CA    1 
ATOM   576  C  C     . LEU A 1 85  ? 1.041   3.931   -0.645  1.00 30.83 ? 79   LEU A C     1 
ATOM   577  O  O     . LEU A 1 85  ? -0.145  4.121   -0.947  1.00 30.12 ? 79   LEU A O     1 
ATOM   578  C  CB    . LEU A 1 85  ? 0.901   2.876   1.640   1.00 31.21 ? 79   LEU A CB    1 
ATOM   579  C  CG    . LEU A 1 85  ? 0.917   3.094   3.175   1.00 32.16 ? 79   LEU A CG    1 
ATOM   580  C  CD1   . LEU A 1 85  ? 0.332   1.930   3.966   1.00 24.84 ? 79   LEU A CD1   1 
ATOM   581  C  CD2   . LEU A 1 85  ? 2.327   3.491   3.672   1.00 31.27 ? 79   LEU A CD2   1 
ATOM   582  N  N     . ILE A 1 86  ? 1.994   3.740   -1.548  1.00 28.34 ? 80   ILE A N     1 
ATOM   583  C  CA    . ILE A 1 86  ? 1.692   3.208   -2.831  1.00 26.99 ? 80   ILE A CA    1 
ATOM   584  C  C     . ILE A 1 86  ? 1.841   1.709   -2.847  1.00 29.09 ? 80   ILE A C     1 
ATOM   585  O  O     . ILE A 1 86  ? 2.931   1.145   -2.642  1.00 31.25 ? 80   ILE A O     1 
ATOM   586  C  CB    . ILE A 1 86  ? 2.572   3.832   -3.975  1.00 26.39 ? 80   ILE A CB    1 
ATOM   587  C  CG1   . ILE A 1 86  ? 2.405   5.375   -3.976  1.00 27.10 ? 80   ILE A CG1   1 
ATOM   588  C  CG2   . ILE A 1 86  ? 2.088   3.310   -5.274  1.00 27.01 ? 80   ILE A CG2   1 
ATOM   589  C  CD1   . ILE A 1 86  ? 3.170   6.142   -5.110  1.00 27.45 ? 80   ILE A CD1   1 
ATOM   590  N  N     . CYS A 1 87  ? 0.738   1.039   -3.104  1.00 29.67 ? 81   CYS A N     1 
ATOM   591  C  CA    . CYS A 1 87  ? 0.736   -0.421  -3.075  1.00 29.82 ? 81   CYS A CA    1 
ATOM   592  C  C     . CYS A 1 87  ? 0.665   -1.096  -4.449  1.00 28.15 ? 81   CYS A C     1 
ATOM   593  O  O     . CYS A 1 87  ? -0.075  -0.654  -5.333  1.00 25.05 ? 81   CYS A O     1 
ATOM   594  C  CB    . CYS A 1 87  ? -0.438  -0.901  -2.285  1.00 26.85 ? 81   CYS A CB    1 
ATOM   595  S  SG    . CYS A 1 87  ? -0.545  -0.229  -0.572  1.00 30.24 ? 81   CYS A SG    1 
ATOM   596  N  N     . PHE A 1 88  ? 1.349   -2.223  -4.599  1.00 22.92 ? 82   PHE A N     1 
ATOM   597  C  CA    . PHE A 1 88  ? 1.110   -3.105  -5.757  1.00 25.50 ? 82   PHE A CA    1 
ATOM   598  C  C     . PHE A 1 88  ? 1.123   -4.563  -5.298  1.00 28.71 ? 82   PHE A C     1 
ATOM   599  O  O     . PHE A 1 88  ? 1.757   -4.868  -4.282  1.00 28.37 ? 82   PHE A O     1 
ATOM   600  C  CB    . PHE A 1 88  ? 2.230   -2.895  -6.814  1.00 23.11 ? 82   PHE A CB    1 
ATOM   601  C  CG    . PHE A 1 88  ? 3.581   -3.428  -6.354  1.00 26.46 ? 82   PHE A CG    1 
ATOM   602  C  CD1   . PHE A 1 88  ? 4.469   -2.619  -5.657  1.00 24.77 ? 82   PHE A CD1   1 
ATOM   603  C  CD2   . PHE A 1 88  ? 3.911   -4.755  -6.577  1.00 25.76 ? 82   PHE A CD2   1 
ATOM   604  C  CE1   . PHE A 1 88  ? 5.774   -3.111  -5.263  1.00 27.99 ? 82   PHE A CE1   1 
ATOM   605  C  CE2   . PHE A 1 88  ? 5.214   -5.271  -6.139  1.00 29.26 ? 82   PHE A CE2   1 
ATOM   606  C  CZ    . PHE A 1 88  ? 6.091   -4.435  -5.477  1.00 27.68 ? 82   PHE A CZ    1 
ATOM   607  N  N     . SER A 1 89  ? 0.430   -5.459  -6.017  1.00 28.00 ? 83   SER A N     1 
ATOM   608  C  CA    . SER A 1 89  ? 0.490   -6.876  -5.643  1.00 29.71 ? 83   SER A CA    1 
ATOM   609  C  C     . SER A 1 89  ? 1.789   -7.547  -6.125  1.00 33.50 ? 83   SER A C     1 
ATOM   610  O  O     . SER A 1 89  ? 2.177   -7.428  -7.332  1.00 30.11 ? 83   SER A O     1 
ATOM   611  C  CB    . SER A 1 89  ? -0.705  -7.626  -6.233  1.00 34.92 ? 83   SER A CB    1 
ATOM   612  O  OG    . SER A 1 89  ? -0.595  -9.024  -5.937  1.00 30.26 ? 83   SER A OG    1 
ATOM   613  N  N     . LEU A 1 90  ? 2.450   -8.256  -5.204  1.00 28.74 ? 84   LEU A N     1 
ATOM   614  C  CA    . LEU A 1 90  ? 3.612   -9.033  -5.576  1.00 33.64 ? 84   LEU A CA    1 
ATOM   615  C  C     . LEU A 1 90  ? 3.225   -10.133 -6.552  1.00 35.07 ? 84   LEU A C     1 
ATOM   616  O  O     . LEU A 1 90  ? 4.112   -10.739 -7.146  1.00 36.66 ? 84   LEU A O     1 
ATOM   617  C  CB    . LEU A 1 90  ? 4.297   -9.653  -4.332  1.00 32.59 ? 84   LEU A CB    1 
ATOM   618  C  CG    . LEU A 1 90  ? 4.922   -8.571  -3.441  1.00 30.49 ? 84   LEU A CG    1 
ATOM   619  C  CD1   . LEU A 1 90  ? 5.218   -9.064  -2.048  1.00 31.83 ? 84   LEU A CD1   1 
ATOM   620  C  CD2   . LEU A 1 90  ? 6.150   -7.914  -4.114  1.00 26.31 ? 84   LEU A CD2   1 
ATOM   621  N  N     . VAL A 1 91  ? 1.934   -10.437 -6.711  1.00 29.98 ? 85   VAL A N     1 
ATOM   622  C  CA    . VAL A 1 91  ? 1.620   -11.443 -7.739  1.00 30.84 ? 85   VAL A CA    1 
ATOM   623  C  C     . VAL A 1 91  ? 0.893   -10.809 -8.921  1.00 34.03 ? 85   VAL A C     1 
ATOM   624  O  O     . VAL A 1 91  ? 0.200   -11.475 -9.709  1.00 35.55 ? 85   VAL A O     1 
ATOM   625  C  CB    . VAL A 1 91  ? 0.905   -12.684 -7.167  1.00 34.50 ? 85   VAL A CB    1 
ATOM   626  C  CG1   . VAL A 1 91  ? 1.901   -13.516 -6.315  1.00 33.86 ? 85   VAL A CG1   1 
ATOM   627  C  CG2   . VAL A 1 91  ? -0.350  -12.286 -6.339  1.00 35.00 ? 85   VAL A CG2   1 
ATOM   628  N  N     . SER A 1 92  ? 1.088   -9.504  -9.061  1.00 30.87 ? 86   SER A N     1 
ATOM   629  C  CA    . SER A 1 92  ? 0.503   -8.803  -10.231 1.00 33.16 ? 86   SER A CA    1 
ATOM   630  C  C     . SER A 1 92  ? 1.488   -7.843  -10.899 1.00 32.64 ? 86   SER A C     1 
ATOM   631  O  O     . SER A 1 92  ? 1.635   -6.684  -10.480 1.00 35.38 ? 86   SER A O     1 
ATOM   632  C  CB    . SER A 1 92  ? -0.785  -8.059  -9.866  1.00 33.87 ? 86   SER A CB    1 
ATOM   633  O  OG    . SER A 1 92  ? -1.210  -7.358  -11.049 1.00 37.33 ? 86   SER A OG    1 
ATOM   634  N  N     . PRO A 1 93  ? 2.161   -8.320  -11.958 1.00 32.58 ? 87   PRO A N     1 
ATOM   635  C  CA    . PRO A 1 93  ? 3.080   -7.398  -12.630 1.00 35.54 ? 87   PRO A CA    1 
ATOM   636  C  C     . PRO A 1 93  ? 2.402   -6.182  -13.243 1.00 32.00 ? 87   PRO A C     1 
ATOM   637  O  O     . PRO A 1 93  ? 3.049   -5.109  -13.314 1.00 31.16 ? 87   PRO A O     1 
ATOM   638  C  CB    . PRO A 1 93  ? 3.748   -8.302  -13.681 1.00 36.09 ? 87   PRO A CB    1 
ATOM   639  C  CG    . PRO A 1 93  ? 3.879   -9.631  -12.961 1.00 38.38 ? 87   PRO A CG    1 
ATOM   640  C  CD    . PRO A 1 93  ? 2.554   -9.736  -12.176 1.00 39.12 ? 87   PRO A CD    1 
ATOM   641  N  N     . ALA A 1 94  ? 1.142   -6.338  -13.672 1.00 31.44 ? 88   ALA A N     1 
ATOM   642  C  CA    . ALA A 1 94  ? 0.423   -5.184  -14.177 1.00 28.17 ? 88   ALA A CA    1 
ATOM   643  C  C     . ALA A 1 94  ? 0.358   -4.089  -13.057 1.00 29.12 ? 88   ALA A C     1 
ATOM   644  O  O     . ALA A 1 94  ? 0.616   -2.870  -13.321 1.00 26.72 ? 88   ALA A O     1 
ATOM   645  C  CB    . ALA A 1 94  ? -0.977  -5.585  -14.728 1.00 29.55 ? 88   ALA A CB    1 
ATOM   646  N  N     . SER A 1 95  ? 0.079   -4.510  -11.804 1.00 26.98 ? 89   SER A N     1 
ATOM   647  C  CA    . SER A 1 95  ? -0.002  -3.542  -10.716 1.00 26.38 ? 89   SER A CA    1 
ATOM   648  C  C     . SER A 1 95  ? 1.330   -2.831  -10.437 1.00 25.58 ? 89   SER A C     1 
ATOM   649  O  O     . SER A 1 95  ? 1.372   -1.660  -10.062 1.00 24.22 ? 89   SER A O     1 
ATOM   650  C  CB    . SER A 1 95  ? -0.599  -4.179  -9.389  1.00 26.47 ? 89   SER A CB    1 
ATOM   651  O  OG    . SER A 1 95  ? 0.442   -4.840  -8.613  1.00 28.12 ? 89   SER A OG    1 
ATOM   652  N  N     . TYR A 1 96  ? 2.416   -3.565  -10.545 1.00 25.65 ? 90   TYR A N     1 
ATOM   653  C  CA    . TYR A 1 96  ? 3.770   -3.010  -10.348 1.00 26.82 ? 90   TYR A CA    1 
ATOM   654  C  C     . TYR A 1 96  ? 4.097   -2.019  -11.452 1.00 26.70 ? 90   TYR A C     1 
ATOM   655  O  O     . TYR A 1 96  ? 4.573   -0.884  -11.212 1.00 23.25 ? 90   TYR A O     1 
ATOM   656  C  CB    . TYR A 1 96  ? 4.734   -4.200  -10.368 1.00 30.48 ? 90   TYR A CB    1 
ATOM   657  C  CG    . TYR A 1 96  ? 6.196   -3.921  -10.422 1.00 30.28 ? 90   TYR A CG    1 
ATOM   658  C  CD1   . TYR A 1 96  ? 6.998   -4.070  -9.273  1.00 30.39 ? 90   TYR A CD1   1 
ATOM   659  C  CD2   . TYR A 1 96  ? 6.815   -3.588  -11.620 1.00 34.93 ? 90   TYR A CD2   1 
ATOM   660  C  CE1   . TYR A 1 96  ? 8.361   -3.868  -9.321  1.00 36.18 ? 90   TYR A CE1   1 
ATOM   661  C  CE2   . TYR A 1 96  ? 8.214   -3.367  -11.694 1.00 36.03 ? 90   TYR A CE2   1 
ATOM   662  C  CZ    . TYR A 1 96  ? 8.977   -3.523  -10.539 1.00 38.15 ? 90   TYR A CZ    1 
ATOM   663  O  OH    . TYR A 1 96  ? 10.355  -3.315  -10.603 1.00 35.98 ? 90   TYR A OH    1 
ATOM   664  N  N     . GLU A 1 97  ? 3.800   -2.437  -12.669 1.00 25.12 ? 91   GLU A N     1 
ATOM   665  C  CA    . GLU A 1 97  ? 3.852   -1.457  -13.821 1.00 32.74 ? 91   GLU A CA    1 
ATOM   666  C  C     . GLU A 1 97  ? 3.112   -0.119  -13.556 1.00 30.47 ? 91   GLU A C     1 
ATOM   667  O  O     . GLU A 1 97  ? 3.651   0.987   -13.817 1.00 28.64 ? 91   GLU A O     1 
ATOM   668  C  CB    . GLU A 1 97  ? 3.341   -2.082  -15.111 1.00 31.58 ? 91   GLU A CB    1 
ATOM   669  C  CG    . GLU A 1 97  ? 3.374   -1.102  -16.398 1.00 41.45 ? 91   GLU A CG    1 
ATOM   670  C  CD    . GLU A 1 97  ? 4.773   -0.353  -16.705 1.00 40.46 ? 91   GLU A CD    1 
ATOM   671  O  OE1   . GLU A 1 97  ? 5.892   -0.767  -16.193 1.00 37.77 ? 91   GLU A OE1   1 
ATOM   672  O  OE2   . GLU A 1 97  ? 4.688   0.699   -17.427 1.00 37.55 ? 91   GLU A OE2   1 
ATOM   673  N  N     . ASN A 1 98  ? 1.911   -0.207  -12.945 1.00 28.98 ? 92   ASN A N     1 
ATOM   674  C  CA    . ASN A 1 98  ? 1.075   1.006   -12.781 1.00 24.38 ? 92   ASN A CA    1 
ATOM   675  C  C     . ASN A 1 98  ? 1.604   1.958   -11.732 1.00 26.67 ? 92   ASN A C     1 
ATOM   676  O  O     . ASN A 1 98  ? 1.099   3.084   -11.595 1.00 25.28 ? 92   ASN A O     1 
ATOM   677  C  CB    . ASN A 1 98  ? -0.359  0.623   -12.458 1.00 26.45 ? 92   ASN A CB    1 
ATOM   678  C  CG    . ASN A 1 98  ? -1.163  0.387   -13.701 1.00 34.48 ? 92   ASN A CG    1 
ATOM   679  O  OD1   . ASN A 1 98  ? -0.921  1.056   -14.751 1.00 36.97 ? 92   ASN A OD1   1 
ATOM   680  N  ND2   . ASN A 1 98  ? -2.045  -0.610  -13.658 1.00 31.65 ? 92   ASN A ND2   1 
ATOM   681  N  N     . VAL A 1 99  ? 2.561   1.484   -10.905 1.00 22.95 ? 93   VAL A N     1 
ATOM   682  C  CA    . VAL A 1 99  ? 3.160   2.363   -9.913  1.00 22.58 ? 93   VAL A CA    1 
ATOM   683  C  C     . VAL A 1 99  ? 3.878   3.472   -10.608 1.00 25.65 ? 93   VAL A C     1 
ATOM   684  O  O     . VAL A 1 99  ? 3.864   4.634   -10.173 1.00 26.58 ? 93   VAL A O     1 
ATOM   685  C  CB    . VAL A 1 99  ? 4.230   1.610   -9.001  1.00 24.94 ? 93   VAL A CB    1 
ATOM   686  C  CG1   . VAL A 1 99  ? 4.993   2.636   -8.122  1.00 25.52 ? 93   VAL A CG1   1 
ATOM   687  C  CG2   . VAL A 1 99  ? 3.564   0.558   -8.171  1.00 24.90 ? 93   VAL A CG2   1 
ATOM   688  N  N     . ARG A 1 100 ? 4.580   3.090   -11.667 1.00 25.27 ? 94   ARG A N     1 
ATOM   689  C  CA    . ARG A 1 100 ? 5.364   4.084   -12.378 1.00 29.55 ? 94   ARG A CA    1 
ATOM   690  C  C     . ARG A 1 100 ? 4.583   4.811   -13.489 1.00 28.14 ? 94   ARG A C     1 
ATOM   691  O  O     . ARG A 1 100 ? 4.756   6.009   -13.696 1.00 27.87 ? 94   ARG A O     1 
ATOM   692  C  CB    . ARG A 1 100 ? 6.753   3.560   -12.779 1.00 35.72 ? 94   ARG A CB    1 
ATOM   693  C  CG    . ARG A 1 100 ? 6.878   2.806   -14.097 1.00 37.03 ? 94   ARG A CG    1 
ATOM   694  C  CD    . ARG A 1 100 ? 6.477   1.313   -14.012 1.00 39.31 ? 94   ARG A CD    1 
ATOM   695  N  NE    . ARG A 1 100 ? 7.534   0.292   -14.243 1.00 48.14 ? 94   ARG A NE    1 
ATOM   696  C  CZ    . ARG A 1 100 ? 8.848   0.516   -14.243 1.00 42.28 ? 94   ARG A CZ    1 
ATOM   697  N  NH1   . ARG A 1 100 ? 9.685   -0.504  -14.402 1.00 45.20 ? 94   ARG A NH1   1 
ATOM   698  N  NH2   . ARG A 1 100 ? 9.305   1.744   -14.050 1.00 42.46 ? 94   ARG A NH2   1 
ATOM   699  N  N     . ALA A 1 101 ? 3.697   4.078   -14.149 1.00 27.90 ? 95   ALA A N     1 
ATOM   700  C  CA    . ALA A 1 101 ? 2.816   4.636   -15.167 1.00 26.72 ? 95   ALA A CA    1 
ATOM   701  C  C     . ALA A 1 101 ? 1.717   5.566   -14.627 1.00 31.24 ? 95   ALA A C     1 
ATOM   702  O  O     . ALA A 1 101 ? 1.253   6.515   -15.325 1.00 23.30 ? 95   ALA A O     1 
ATOM   703  C  CB    . ALA A 1 101 ? 2.190   3.496   -15.918 1.00 30.23 ? 95   ALA A CB    1 
ATOM   704  N  N     . LYS A 1 102 ? 1.218   5.262   -13.390 1.00 26.15 ? 96   LYS A N     1 
ATOM   705  C  CA    . LYS A 1 102 ? 0.079   5.992   -12.847 1.00 26.77 ? 96   LYS A CA    1 
ATOM   706  C  C     . LYS A 1 102 ? 0.171   6.522   -11.397 1.00 25.92 ? 96   LYS A C     1 
ATOM   707  O  O     . LYS A 1 102 ? 0.013   7.742   -11.181 1.00 23.27 ? 96   LYS A O     1 
ATOM   708  C  CB    . LYS A 1 102 ? -1.161  5.150   -13.004 1.00 27.16 ? 96   LYS A CB    1 
ATOM   709  C  CG    . LYS A 1 102 ? -2.437  5.846   -12.364 1.00 31.87 ? 96   LYS A CG    1 
ATOM   710  C  CD    . LYS A 1 102 ? -3.701  5.075   -12.646 1.00 30.65 ? 96   LYS A CD    1 
ATOM   711  C  CE    . LYS A 1 102 ? -4.930  5.874   -12.145 1.00 29.11 ? 96   LYS A CE    1 
ATOM   712  N  NZ    . LYS A 1 102 ? -5.966  5.505   -13.132 1.00 36.64 ? 96   LYS A NZ    1 
ATOM   713  N  N     . TRP A 1 103 ? 0.575   5.674   -10.427 1.00 25.28 ? 97   TRP A N     1 
ATOM   714  C  CA    . TRP A 1 103 ? 0.358   6.059   -9.029  1.00 24.71 ? 97   TRP A CA    1 
ATOM   715  C  C     . TRP A 1 103 ? 1.356   7.098   -8.538  1.00 26.28 ? 97   TRP A C     1 
ATOM   716  O  O     . TRP A 1 103 ? 1.010   8.100   -7.900  1.00 28.85 ? 97   TRP A O     1 
ATOM   717  C  CB    . TRP A 1 103 ? 0.315   4.793   -8.123  1.00 24.38 ? 97   TRP A CB    1 
ATOM   718  C  CG    . TRP A 1 103 ? -0.800  3.976   -8.534  1.00 23.99 ? 97   TRP A CG    1 
ATOM   719  C  CD1   . TRP A 1 103 ? -0.760  2.748   -9.080  1.00 23.75 ? 97   TRP A CD1   1 
ATOM   720  C  CD2   . TRP A 1 103 ? -2.220  4.364   -8.472  1.00 26.83 ? 97   TRP A CD2   1 
ATOM   721  N  NE1   . TRP A 1 103 ? -2.067  2.304   -9.370  1.00 23.23 ? 97   TRP A NE1   1 
ATOM   722  C  CE2   . TRP A 1 103 ? -2.968  3.297   -9.029  1.00 25.75 ? 97   TRP A CE2   1 
ATOM   723  C  CE3   . TRP A 1 103 ? -2.896  5.516   -8.010  1.00 20.45 ? 97   TRP A CE3   1 
ATOM   724  C  CZ2   . TRP A 1 103 ? -4.373  3.347   -9.163  1.00 22.46 ? 97   TRP A CZ2   1 
ATOM   725  C  CZ3   . TRP A 1 103 ? -4.331  5.556   -8.142  1.00 24.62 ? 97   TRP A CZ3   1 
ATOM   726  C  CH2   . TRP A 1 103 ? -5.020  4.470   -8.688  1.00 23.45 ? 97   TRP A CH2   1 
ATOM   727  N  N     . PHE A 1 104 ? 2.615   6.813   -8.758  1.00 27.24 ? 98   PHE A N     1 
ATOM   728  C  CA    . PHE A 1 104 ? 3.683   7.757   -8.423  1.00 31.91 ? 98   PHE A CA    1 
ATOM   729  C  C     . PHE A 1 104 ? 3.487   9.128   -9.082  1.00 29.83 ? 98   PHE A C     1 
ATOM   730  O  O     . PHE A 1 104 ? 3.454   10.174  -8.408  1.00 33.50 ? 98   PHE A O     1 
ATOM   731  C  CB    . PHE A 1 104 ? 5.075   7.171   -8.825  1.00 31.83 ? 98   PHE A CB    1 
ATOM   732  C  CG    . PHE A 1 104 ? 6.231   8.091   -8.487  1.00 37.59 ? 98   PHE A CG    1 
ATOM   733  C  CD1   . PHE A 1 104 ? 6.412   8.541   -7.176  1.00 35.65 ? 98   PHE A CD1   1 
ATOM   734  C  CD2   . PHE A 1 104 ? 7.109   8.554   -9.488  1.00 35.80 ? 98   PHE A CD2   1 
ATOM   735  C  CE1   . PHE A 1 104 ? 7.472   9.395   -6.843  1.00 36.20 ? 98   PHE A CE1   1 
ATOM   736  C  CE2   . PHE A 1 104 ? 8.180   9.410   -9.159  1.00 38.04 ? 98   PHE A CE2   1 
ATOM   737  C  CZ    . PHE A 1 104 ? 8.357   9.850   -7.843  1.00 36.80 ? 98   PHE A CZ    1 
ATOM   738  N  N     . PRO A 1 105 ? 3.339   9.139   -10.394 1.00 28.72 ? 99   PRO A N     1 
ATOM   739  C  CA    . PRO A 1 105 ? 2.988   10.437  -11.046 1.00 33.31 ? 99   PRO A CA    1 
ATOM   740  C  C     . PRO A 1 105 ? 1.733   11.167  -10.440 1.00 35.09 ? 99   PRO A C     1 
ATOM   741  O  O     . PRO A 1 105 ? 1.709   12.425  -10.295 1.00 32.28 ? 99   PRO A O     1 
ATOM   742  C  CB    . PRO A 1 105 ? 2.707   10.053  -12.506 1.00 30.74 ? 99   PRO A CB    1 
ATOM   743  C  CG    . PRO A 1 105 ? 3.316   8.732   -12.706 1.00 30.67 ? 99   PRO A CG    1 
ATOM   744  C  CD    . PRO A 1 105 ? 3.425   8.021   -11.351 1.00 27.15 ? 99   PRO A CD    1 
ATOM   745  N  N     . GLU A 1 106 ? 0.686   10.409  -10.078 1.00 32.06 ? 100  GLU A N     1 
ATOM   746  C  CA    . GLU A 1 106 ? -0.498  11.117  -9.589  1.00 29.15 ? 100  GLU A CA    1 
ATOM   747  C  C     . GLU A 1 106 ? -0.165  11.627  -8.190  1.00 31.26 ? 100  GLU A C     1 
ATOM   748  O  O     . GLU A 1 106 ? -0.441  12.778  -7.867  1.00 32.21 ? 100  GLU A O     1 
ATOM   749  C  CB    . GLU A 1 106 ? -1.719  10.189  -9.619  1.00 32.53 ? 100  GLU A CB    1 
ATOM   750  C  CG    . GLU A 1 106 ? -3.020  10.735  -8.949  1.00 28.71 ? 100  GLU A CG    1 
ATOM   751  C  CD    . GLU A 1 106 ? -4.100  9.711   -9.032  1.00 28.55 ? 100  GLU A CD    1 
ATOM   752  O  OE1   . GLU A 1 106 ? -4.494  9.360   -10.167 1.00 26.81 ? 100  GLU A OE1   1 
ATOM   753  O  OE2   . GLU A 1 106 ? -4.579  9.242   -7.921  1.00 32.81 ? 100  GLU A OE2   1 
ATOM   754  N  N     . VAL A 1 107 ? 0.487   10.809  -7.352  1.00 28.11 ? 101  VAL A N     1 
ATOM   755  C  CA    . VAL A 1 107 ? 0.780   11.303  -6.012  1.00 33.20 ? 101  VAL A CA    1 
ATOM   756  C  C     . VAL A 1 107 ? 1.604   12.562  -6.028  1.00 34.92 ? 101  VAL A C     1 
ATOM   757  O  O     . VAL A 1 107 ? 1.378   13.485  -5.228  1.00 39.31 ? 101  VAL A O     1 
ATOM   758  C  CB    . VAL A 1 107 ? 1.460   10.255  -5.072  1.00 37.48 ? 101  VAL A CB    1 
ATOM   759  C  CG1   . VAL A 1 107 ? 1.799   10.914  -3.762  1.00 39.52 ? 101  VAL A CG1   1 
ATOM   760  C  CG2   . VAL A 1 107 ? 0.510   9.172   -4.803  1.00 32.36 ? 101  VAL A CG2   1 
ATOM   761  N  N     . ARG A 1 108 ? 2.576   12.579  -6.941  1.00 37.54 ? 102  ARG A N     1 
ATOM   762  C  CA    . ARG A 1 108 ? 3.600   13.622  -7.012  1.00 40.67 ? 102  ARG A CA    1 
ATOM   763  C  C     . ARG A 1 108 ? 2.996   14.859  -7.628  1.00 42.19 ? 102  ARG A C     1 
ATOM   764  O  O     . ARG A 1 108 ? 3.348   15.972  -7.261  1.00 45.16 ? 102  ARG A O     1 
ATOM   765  C  CB    . ARG A 1 108 ? 4.802   13.141  -7.842  1.00 39.44 ? 102  ARG A CB    1 
ATOM   766  C  CG    . ARG A 1 108 ? 5.799   12.378  -6.988  1.00 38.84 ? 102  ARG A CG    1 
ATOM   767  C  CD    . ARG A 1 108 ? 6.305   13.265  -5.824  1.00 42.96 ? 102  ARG A CD    1 
ATOM   768  N  NE    . ARG A 1 108 ? 7.090   12.490  -4.867  1.00 43.04 ? 102  ARG A NE    1 
ATOM   769  C  CZ    . ARG A 1 108 ? 6.774   12.315  -3.581  1.00 47.32 ? 102  ARG A CZ    1 
ATOM   770  N  NH1   . ARG A 1 108 ? 7.546   11.553  -2.825  1.00 42.26 ? 102  ARG A NH1   1 
ATOM   771  N  NH2   . ARG A 1 108 ? 5.694   12.897  -3.044  1.00 44.89 ? 102  ARG A NH2   1 
ATOM   772  N  N     . HIS A 1 109 ? 2.090   14.658  -8.574  1.00 36.33 ? 103  HIS A N     1 
ATOM   773  C  CA    . HIS A 1 109 ? 1.335   15.805  -9.076  1.00 40.71 ? 103  HIS A CA    1 
ATOM   774  C  C     . HIS A 1 109 ? 0.580   16.625  -7.984  1.00 42.56 ? 103  HIS A C     1 
ATOM   775  O  O     . HIS A 1 109 ? 0.546   17.868  -8.016  1.00 43.78 ? 103  HIS A O     1 
ATOM   776  C  CB    . HIS A 1 109 ? 0.372   15.383  -10.153 1.00 36.96 ? 103  HIS A CB    1 
ATOM   777  C  CG    . HIS A 1 109 ? -0.467  16.523  -10.626 1.00 44.18 ? 103  HIS A CG    1 
ATOM   778  N  ND1   . HIS A 1 109 ? -0.059  17.374  -11.636 1.00 38.29 ? 103  HIS A ND1   1 
ATOM   779  C  CD2   . HIS A 1 109 ? -1.646  17.007  -10.169 1.00 41.83 ? 103  HIS A CD2   1 
ATOM   780  C  CE1   . HIS A 1 109 ? -0.980  18.308  -11.816 1.00 41.29 ? 103  HIS A CE1   1 
ATOM   781  N  NE2   . HIS A 1 109 ? -1.956  18.105  -10.943 1.00 44.96 ? 103  HIS A NE2   1 
ATOM   782  N  N     . HIS A 1 110 ? -0.037  15.932  -7.026  1.00 38.78 ? 104  HIS A N     1 
ATOM   783  C  CA    . HIS A 1 110 ? -0.814  16.615  -6.008  1.00 38.12 ? 104  HIS A CA    1 
ATOM   784  C  C     . HIS A 1 110 ? 0.024   16.919  -4.768  1.00 44.36 ? 104  HIS A C     1 
ATOM   785  O  O     . HIS A 1 110 ? -0.246  17.889  -4.031  1.00 48.40 ? 104  HIS A O     1 
ATOM   786  C  CB    . HIS A 1 110 ? -2.079  15.763  -5.615  1.00 38.76 ? 104  HIS A CB    1 
ATOM   787  C  CG    . HIS A 1 110 ? -3.051  15.547  -6.754  1.00 40.74 ? 104  HIS A CG    1 
ATOM   788  N  ND1   . HIS A 1 110 ? -3.995  16.487  -7.109  1.00 34.88 ? 104  HIS A ND1   1 
ATOM   789  C  CD2   . HIS A 1 110 ? -3.197  14.521  -7.637  1.00 37.65 ? 104  HIS A CD2   1 
ATOM   790  C  CE1   . HIS A 1 110 ? -4.687  16.050  -8.144  1.00 36.81 ? 104  HIS A CE1   1 
ATOM   791  N  NE2   . HIS A 1 110 ? -4.219  14.874  -8.499  1.00 34.74 ? 104  HIS A NE2   1 
ATOM   792  N  N     . CYS A 1 111 ? 0.987   16.045  -4.471  1.00 42.35 ? 105  CYS A N     1 
ATOM   793  C  CA    . CYS A 1 111 ? 1.720   16.191  -3.236  1.00 43.94 ? 105  CYS A CA    1 
ATOM   794  C  C     . CYS A 1 111 ? 3.221   16.014  -3.534  1.00 48.99 ? 105  CYS A C     1 
ATOM   795  O  O     . CYS A 1 111 ? 3.793   14.938  -3.323  1.00 48.56 ? 105  CYS A O     1 
ATOM   796  C  CB    . CYS A 1 111 ? 1.217   15.173  -2.201  1.00 46.94 ? 105  CYS A CB    1 
ATOM   797  S  SG    . CYS A 1 111 ? -0.640  15.222  -1.927  1.00 40.13 ? 105  CYS A SG    1 
ATOM   798  N  N     . PRO A 1 112 ? 3.859   17.076  -4.065  1.00 50.13 ? 106  PRO A N     1 
ATOM   799  C  CA    . PRO A 1 112 ? 5.242   16.986  -4.579  1.00 52.47 ? 106  PRO A CA    1 
ATOM   800  C  C     . PRO A 1 112 ? 6.294   16.554  -3.539  1.00 53.87 ? 106  PRO A C     1 
ATOM   801  O  O     . PRO A 1 112 ? 7.290   15.940  -3.939  1.00 53.31 ? 106  PRO A O     1 
ATOM   802  C  CB    . PRO A 1 112 ? 5.532   18.400  -5.118  1.00 52.82 ? 106  PRO A CB    1 
ATOM   803  C  CG    . PRO A 1 112 ? 4.115   19.058  -5.289  1.00 54.99 ? 106  PRO A CG    1 
ATOM   804  C  CD    . PRO A 1 112 ? 3.269   18.425  -4.216  1.00 52.15 ? 106  PRO A CD    1 
ATOM   805  N  N     . SER A 1 113 ? 6.071   16.827  -2.251  1.00 52.98 ? 107  SER A N     1 
ATOM   806  C  CA    . SER A 1 113 ? 7.104   16.588  -1.246  1.00 55.07 ? 107  SER A CA    1 
ATOM   807  C  C     . SER A 1 113 ? 6.714   15.576  -0.136  1.00 52.94 ? 107  SER A C     1 
ATOM   808  O  O     . SER A 1 113 ? 7.561   15.230  0.697   1.00 50.18 ? 107  SER A O     1 
ATOM   809  C  CB    . SER A 1 113 ? 7.504   17.918  -0.599  1.00 58.97 ? 107  SER A CB    1 
ATOM   810  O  OG    . SER A 1 113 ? 6.570   18.223  0.428   1.00 60.57 ? 107  SER A OG    1 
ATOM   811  N  N     . THR A 1 114 ? 5.457   15.118  -0.118  1.00 47.20 ? 108  THR A N     1 
ATOM   812  C  CA    . THR A 1 114 ? 5.004   14.149  0.892   1.00 48.08 ? 108  THR A CA    1 
ATOM   813  C  C     . THR A 1 114 ? 5.711   12.804  0.758   1.00 41.75 ? 108  THR A C     1 
ATOM   814  O  O     . THR A 1 114 ? 5.708   12.245  -0.318  1.00 44.15 ? 108  THR A O     1 
ATOM   815  C  CB    . THR A 1 114 ? 3.465   13.865  0.732   1.00 42.62 ? 108  THR A CB    1 
ATOM   816  O  OG1   . THR A 1 114 ? 2.749   15.094  0.824   1.00 48.12 ? 108  THR A OG1   1 
ATOM   817  C  CG2   . THR A 1 114 ? 2.981   12.913  1.773   1.00 39.30 ? 108  THR A CG2   1 
ATOM   818  N  N     . PRO A 1 115 ? 6.257   12.246  1.849   1.00 43.07 ? 109  PRO A N     1 
ATOM   819  C  CA    . PRO A 1 115 ? 6.926   10.922  1.742   1.00 42.38 ? 109  PRO A CA    1 
ATOM   820  C  C     . PRO A 1 115 ? 6.013   9.751   1.285   1.00 42.74 ? 109  PRO A C     1 
ATOM   821  O  O     . PRO A 1 115 ? 4.836   9.616   1.725   1.00 40.90 ? 109  PRO A O     1 
ATOM   822  C  CB    . PRO A 1 115 ? 7.396   10.614  3.180   1.00 44.01 ? 109  PRO A CB    1 
ATOM   823  C  CG    . PRO A 1 115 ? 7.046   11.803  4.022   1.00 45.40 ? 109  PRO A CG    1 
ATOM   824  C  CD    . PRO A 1 115 ? 6.131   12.720  3.239   1.00 43.58 ? 109  PRO A CD    1 
ATOM   825  N  N     . ILE A 1 116 ? 6.587   8.888   0.462   1.00 37.47 ? 110  ILE A N     1 
ATOM   826  C  CA    . ILE A 1 116 ? 6.000   7.655   -0.022  1.00 35.41 ? 110  ILE A CA    1 
ATOM   827  C  C     . ILE A 1 116 ? 6.698   6.446   0.587   1.00 40.35 ? 110  ILE A C     1 
ATOM   828  O  O     . ILE A 1 116 ? 7.945   6.431   0.692   1.00 40.06 ? 110  ILE A O     1 
ATOM   829  C  CB    . ILE A 1 116 ? 6.087   7.610   -1.587  1.00 34.44 ? 110  ILE A CB    1 
ATOM   830  C  CG1   . ILE A 1 116 ? 5.230   8.742   -2.171  1.00 33.75 ? 110  ILE A CG1   1 
ATOM   831  C  CG2   . ILE A 1 116 ? 5.644   6.248   -2.137  1.00 31.48 ? 110  ILE A CG2   1 
ATOM   832  C  CD1   . ILE A 1 116 ? 5.451   9.047   -3.677  1.00 34.29 ? 110  ILE A CD1   1 
ATOM   833  N  N     . ILE A 1 117 ? 5.903   5.467   1.034   1.00 38.08 ? 111  ILE A N     1 
ATOM   834  C  CA    . ILE A 1 117 ? 6.364   4.124   1.306   1.00 35.11 ? 111  ILE A CA    1 
ATOM   835  C  C     . ILE A 1 117 ? 5.849   3.266   0.177   1.00 36.60 ? 111  ILE A C     1 
ATOM   836  O  O     . ILE A 1 117 ? 4.632   3.321   -0.120  1.00 32.93 ? 111  ILE A O     1 
ATOM   837  C  CB    . ILE A 1 117 ? 5.728   3.571   2.585   1.00 39.06 ? 111  ILE A CB    1 
ATOM   838  C  CG1   . ILE A 1 117 ? 6.094   4.424   3.817   1.00 42.15 ? 111  ILE A CG1   1 
ATOM   839  C  CG2   . ILE A 1 117 ? 6.111   2.096   2.829   1.00 36.83 ? 111  ILE A CG2   1 
ATOM   840  C  CD1   . ILE A 1 117 ? 7.579   4.820   3.812   1.00 46.76 ? 111  ILE A CD1   1 
ATOM   841  N  N     . LEU A 1 118 ? 6.749   2.507   -0.478  1.00 32.37 ? 112  LEU A N     1 
ATOM   842  C  CA    . LEU A 1 118 ? 6.371   1.496   -1.477  1.00 28.45 ? 112  LEU A CA    1 
ATOM   843  C  C     . LEU A 1 118 ? 6.075   0.153   -0.877  1.00 32.35 ? 112  LEU A C     1 
ATOM   844  O  O     . LEU A 1 118 ? 6.918   -0.464  -0.186  1.00 30.85 ? 112  LEU A O     1 
ATOM   845  C  CB    . LEU A 1 118 ? 7.350   1.344   -2.664  1.00 27.97 ? 112  LEU A CB    1 
ATOM   846  C  CG    . LEU A 1 118 ? 6.930   0.369   -3.792  1.00 26.03 ? 112  LEU A CG    1 
ATOM   847  C  CD1   . LEU A 1 118 ? 5.756   0.915   -4.734  1.00 20.49 ? 112  LEU A CD1   1 
ATOM   848  C  CD2   . LEU A 1 118 ? 8.060   0.001   -4.661  1.00 29.23 ? 112  LEU A CD2   1 
ATOM   849  N  N     . VAL A 1 119 ? 4.863   -0.334  -1.135  1.00 29.29 ? 113  VAL A N     1 
ATOM   850  C  CA    . VAL A 1 119 ? 4.456   -1.547  -0.469  1.00 31.56 ? 113  VAL A CA    1 
ATOM   851  C  C     . VAL A 1 119 ? 4.093   -2.647  -1.431  1.00 31.19 ? 113  VAL A C     1 
ATOM   852  O  O     . VAL A 1 119 ? 3.141   -2.543  -2.216  1.00 29.44 ? 113  VAL A O     1 
ATOM   853  C  CB    . VAL A 1 119 ? 3.253   -1.302  0.540   1.00 29.55 ? 113  VAL A CB    1 
ATOM   854  C  CG1   . VAL A 1 119 ? 2.919   -2.573  1.259   1.00 27.29 ? 113  VAL A CG1   1 
ATOM   855  C  CG2   . VAL A 1 119 ? 3.591   -0.143  1.513   1.00 28.53 ? 113  VAL A CG2   1 
ATOM   856  N  N     . GLY A 1 120 ? 4.809   -3.757  -1.305  1.00 25.96 ? 114  GLY A N     1 
ATOM   857  C  CA    . GLY A 1 120 ? 4.417   -4.972  -1.993  1.00 29.09 ? 114  GLY A CA    1 
ATOM   858  C  C     . GLY A 1 120 ? 3.479   -5.785  -1.122  1.00 30.61 ? 114  GLY A C     1 
ATOM   859  O  O     . GLY A 1 120 ? 3.791   -6.066  0.021   1.00 31.05 ? 114  GLY A O     1 
ATOM   860  N  N     . THR A 1 121 ? 2.331   -6.199  -1.670  1.00 31.32 ? 115  THR A N     1 
ATOM   861  C  CA    . THR A 1 121 ? 1.281   -6.862  -0.882  1.00 30.98 ? 115  THR A CA    1 
ATOM   862  C  C     . THR A 1 121 ? 1.073   -8.320  -1.377  1.00 31.04 ? 115  THR A C     1 
ATOM   863  O  O     . THR A 1 121 ? 1.546   -8.713  -2.426  1.00 28.74 ? 115  THR A O     1 
ATOM   864  C  CB    . THR A 1 121 ? -0.136  -6.127  -1.024  1.00 31.75 ? 115  THR A CB    1 
ATOM   865  O  OG1   . THR A 1 121 ? -0.460  -6.047  -2.399  1.00 28.56 ? 115  THR A OG1   1 
ATOM   866  C  CG2   . THR A 1 121 ? -0.237  -4.681  -0.369  1.00 26.42 ? 115  THR A CG2   1 
ATOM   867  N  N     . LYS A 1 122 ? 0.284   -9.077  -0.610  1.00 33.23 ? 116  LYS A N     1 
ATOM   868  C  CA    . LYS A 1 122 ? -0.010  -10.505 -0.830  1.00 32.99 ? 116  LYS A CA    1 
ATOM   869  C  C     . LYS A 1 122 ? 1.269   -11.330 -0.857  1.00 34.96 ? 116  LYS A C     1 
ATOM   870  O  O     . LYS A 1 122 ? 1.378   -12.314 -1.595  1.00 34.80 ? 116  LYS A O     1 
ATOM   871  C  CB    . LYS A 1 122 ? -0.878  -10.807 -2.037  1.00 30.69 ? 116  LYS A CB    1 
ATOM   872  C  CG    . LYS A 1 122 ? -2.119  -9.800  -2.239  1.00 31.04 ? 116  LYS A CG    1 
ATOM   873  C  CD    . LYS A 1 122 ? -2.943  -10.238 -3.404  1.00 28.69 ? 116  LYS A CD    1 
ATOM   874  C  CE    . LYS A 1 122 ? -4.024  -9.161  -3.775  1.00 32.56 ? 116  LYS A CE    1 
ATOM   875  N  NZ    . LYS A 1 122 ? -5.013  -9.780  -4.757  1.00 32.52 ? 116  LYS A NZ    1 
ATOM   876  N  N     . LEU A 1 123 ? 2.231   -10.878 -0.069  1.00 34.26 ? 117  LEU A N     1 
ATOM   877  C  CA    . LEU A 1 123 ? 3.506   -11.589 0.103   1.00 34.75 ? 117  LEU A CA    1 
ATOM   878  C  C     . LEU A 1 123 ? 3.298   -13.114 0.220   1.00 37.95 ? 117  LEU A C     1 
ATOM   879  O  O     . LEU A 1 123 ? 4.049   -13.888 -0.320  1.00 40.40 ? 117  LEU A O     1 
ATOM   880  C  CB    . LEU A 1 123 ? 4.208   -11.091 1.352   1.00 35.22 ? 117  LEU A CB    1 
ATOM   881  C  CG    . LEU A 1 123 ? 5.465   -11.930 1.717   1.00 34.78 ? 117  LEU A CG    1 
ATOM   882  C  CD1   . LEU A 1 123 ? 6.389   -11.960 0.538   1.00 35.43 ? 117  LEU A CD1   1 
ATOM   883  C  CD2   . LEU A 1 123 ? 6.087   -11.193 2.801   1.00 32.31 ? 117  LEU A CD2   1 
ATOM   884  N  N     . ASP A 1 124 ? 2.271   -13.534 0.941   1.00 38.12 ? 118  ASP A N     1 
ATOM   885  C  CA    . ASP A 1 124 ? 1.896   -14.947 1.038   1.00 42.57 ? 118  ASP A CA    1 
ATOM   886  C  C     . ASP A 1 124 ? 1.595   -15.722 -0.264  1.00 44.74 ? 118  ASP A C     1 
ATOM   887  O  O     . ASP A 1 124 ? 1.734   -16.942 -0.279  1.00 48.00 ? 118  ASP A O     1 
ATOM   888  C  CB    . ASP A 1 124 ? 0.692   -15.100 1.977   1.00 44.40 ? 118  ASP A CB    1 
ATOM   889  C  CG    . ASP A 1 124 ? -0.531  -14.432 1.405   1.00 43.85 ? 118  ASP A CG    1 
ATOM   890  O  OD1   . ASP A 1 124 ? -0.506  -13.181 1.395   1.00 40.92 ? 118  ASP A OD1   1 
ATOM   891  O  OD2   . ASP A 1 124 ? -1.395  -15.158 0.861   1.00 41.72 ? 118  ASP A OD2   1 
ATOM   892  N  N     . LEU A 1 125 ? 1.164   -15.076 -1.338  1.00 40.47 ? 119  LEU A N     1 
ATOM   893  C  CA    . LEU A 1 125 ? 0.906   -15.816 -2.582  1.00 42.64 ? 119  LEU A CA    1 
ATOM   894  C  C     . LEU A 1 125 ? 2.182   -15.985 -3.475  1.00 43.79 ? 119  LEU A C     1 
ATOM   895  O  O     . LEU A 1 125 ? 2.147   -16.665 -4.515  1.00 44.84 ? 119  LEU A O     1 
ATOM   896  C  CB    . LEU A 1 125 ? -0.241  -15.168 -3.380  1.00 42.64 ? 119  LEU A CB    1 
ATOM   897  C  CG    . LEU A 1 125 ? -1.609  -15.042 -2.688  1.00 41.96 ? 119  LEU A CG    1 
ATOM   898  C  CD1   . LEU A 1 125 ? -2.703  -14.408 -3.612  1.00 39.04 ? 119  LEU A CD1   1 
ATOM   899  C  CD2   . LEU A 1 125 ? -2.057  -16.383 -2.091  1.00 47.39 ? 119  LEU A CD2   1 
ATOM   900  N  N     . ARG A 1 126 ? 3.291   -15.357 -3.083  1.00 41.93 ? 120  ARG A N     1 
ATOM   901  C  CA    . ARG A 1 126 ? 4.489   -15.363 -3.924  1.00 41.98 ? 120  ARG A CA    1 
ATOM   902  C  C     . ARG A 1 126 ? 5.015   -16.786 -4.176  1.00 50.89 ? 120  ARG A C     1 
ATOM   903  O  O     . ARG A 1 126 ? 5.547   -17.073 -5.239  1.00 49.21 ? 120  ARG A O     1 
ATOM   904  C  CB    . ARG A 1 126 ? 5.607   -14.480 -3.346  1.00 42.78 ? 120  ARG A CB    1 
ATOM   905  C  CG    . ARG A 1 126 ? 6.971   -14.606 -4.121  1.00 38.15 ? 120  ARG A CG    1 
ATOM   906  C  CD    . ARG A 1 126 ? 7.720   -13.287 -4.211  1.00 36.64 ? 120  ARG A CD    1 
ATOM   907  N  NE    . ARG A 1 126 ? 8.284   -12.904 -2.921  1.00 38.08 ? 120  ARG A NE    1 
ATOM   908  C  CZ    . ARG A 1 126 ? 8.744   -11.686 -2.587  1.00 37.75 ? 120  ARG A CZ    1 
ATOM   909  N  NH1   . ARG A 1 126 ? 9.264   -11.489 -1.372  1.00 38.42 ? 120  ARG A NH1   1 
ATOM   910  N  NH2   . ARG A 1 126 ? 8.650   -10.644 -3.401  1.00 33.47 ? 120  ARG A NH2   1 
ATOM   911  N  N     . ASP A 1 127 ? 4.824   -17.686 -3.210  1.00 50.84 ? 121  ASP A N     1 
ATOM   912  C  CA    . ASP A 1 127 ? 5.230   -19.094 -3.378  1.00 58.12 ? 121  ASP A CA    1 
ATOM   913  C  C     . ASP A 1 127 ? 4.074   -20.052 -3.714  1.00 62.77 ? 121  ASP A C     1 
ATOM   914  O  O     . ASP A 1 127 ? 4.311   -21.211 -4.075  1.00 67.23 ? 121  ASP A O     1 
ATOM   915  C  CB    . ASP A 1 127 ? 5.950   -19.594 -2.122  1.00 52.33 ? 121  ASP A CB    1 
ATOM   916  C  CG    . ASP A 1 127 ? 7.175   -18.737 -1.778  1.00 61.51 ? 121  ASP A CG    1 
ATOM   917  O  OD1   . ASP A 1 127 ? 7.753   -18.063 -2.698  1.00 55.39 ? 121  ASP A OD1   1 
ATOM   918  O  OD2   . ASP A 1 127 ? 7.566   -18.744 -0.580  1.00 62.82 ? 121  ASP A OD2   1 
ATOM   919  N  N     . ASP A 1 128 ? 2.835   -19.582 -3.580  1.00 59.24 ? 122  ASP A N     1 
ATOM   920  C  CA    . ASP A 1 128 ? 1.678   -20.420 -3.864  1.00 60.75 ? 122  ASP A CA    1 
ATOM   921  C  C     . ASP A 1 128 ? 1.847   -21.076 -5.222  1.00 65.45 ? 122  ASP A C     1 
ATOM   922  O  O     . ASP A 1 128 ? 2.275   -20.424 -6.181  1.00 64.88 ? 122  ASP A O     1 
ATOM   923  C  CB    . ASP A 1 128 ? 0.416   -19.589 -3.906  1.00 59.43 ? 122  ASP A CB    1 
ATOM   924  C  CG    . ASP A 1 128 ? -0.819  -20.450 -3.959  1.00 64.50 ? 122  ASP A CG    1 
ATOM   925  O  OD1   . ASP A 1 128 ? -1.009  -21.261 -3.013  1.00 62.74 ? 122  ASP A OD1   1 
ATOM   926  O  OD2   . ASP A 1 128 ? -1.571  -20.334 -4.949  1.00 63.32 ? 122  ASP A OD2   1 
ATOM   927  N  N     . LYS A 1 129 ? 1.518   -22.359 -5.315  1.00 68.04 ? 123  LYS A N     1 
ATOM   928  C  CA    . LYS A 1 129 ? 1.752   -23.088 -6.563  1.00 68.86 ? 123  LYS A CA    1 
ATOM   929  C  C     . LYS A 1 129 ? 0.795   -22.607 -7.632  1.00 65.83 ? 123  LYS A C     1 
ATOM   930  O  O     . LYS A 1 129 ? 1.201   -22.130 -8.684  1.00 66.66 ? 123  LYS A O     1 
ATOM   931  C  CB    . LYS A 1 129 ? 1.581   -24.601 -6.364  1.00 71.27 ? 123  LYS A CB    1 
ATOM   932  N  N     . ASP A 1 130 ? -0.487  -22.746 -7.352  1.00 68.06 ? 124  ASP A N     1 
ATOM   933  C  CA    . ASP A 1 130 ? -1.508  -22.465 -8.343  1.00 69.81 ? 124  ASP A CA    1 
ATOM   934  C  C     . ASP A 1 130 ? -1.319  -21.038 -8.831  1.00 68.03 ? 124  ASP A C     1 
ATOM   935  O  O     . ASP A 1 130 ? -1.660  -20.725 -9.965  1.00 67.56 ? 124  ASP A O     1 
ATOM   936  C  CB    . ASP A 1 130 ? -2.915  -22.671 -7.766  1.00 71.63 ? 124  ASP A CB    1 
ATOM   937  C  CG    . ASP A 1 130 ? -3.074  -24.029 -7.046  1.00 79.14 ? 124  ASP A CG    1 
ATOM   938  O  OD1   . ASP A 1 130 ? -2.250  -24.963 -7.274  1.00 78.42 ? 124  ASP A OD1   1 
ATOM   939  O  OD2   . ASP A 1 130 ? -4.038  -24.164 -6.248  1.00 83.04 ? 124  ASP A OD2   1 
ATOM   940  N  N     . THR A 1 131 ? -0.743  -20.185 -7.986  1.00 65.73 ? 125  THR A N     1 
ATOM   941  C  CA    . THR A 1 131 ? -0.569  -18.779 -8.338  1.00 62.75 ? 125  THR A CA    1 
ATOM   942  C  C     . THR A 1 131 ? 0.577   -18.598 -9.338  1.00 61.99 ? 125  THR A C     1 
ATOM   943  O  O     . THR A 1 131 ? 0.405   -17.992 -10.402 1.00 58.99 ? 125  THR A O     1 
ATOM   944  C  CB    . THR A 1 131 ? -0.319  -17.911 -7.085  1.00 60.84 ? 125  THR A CB    1 
ATOM   945  O  OG1   . THR A 1 131 ? -1.530  -17.794 -6.333  1.00 58.58 ? 125  THR A OG1   1 
ATOM   946  C  CG2   . THR A 1 131 ? 0.117   -16.528 -7.479  1.00 54.18 ? 125  THR A CG2   1 
ATOM   947  N  N     . ILE A 1 132 ? 1.753   -19.107 -8.979  1.00 60.96 ? 126  ILE A N     1 
ATOM   948  C  CA    . ILE A 1 132 ? 2.917   -19.083 -9.858  1.00 60.61 ? 126  ILE A CA    1 
ATOM   949  C  C     . ILE A 1 132 ? 2.602   -19.724 -11.218 1.00 60.33 ? 126  ILE A C     1 
ATOM   950  O  O     . ILE A 1 132 ? 3.035   -19.264 -12.275 1.00 59.12 ? 126  ILE A O     1 
ATOM   951  C  CB    . ILE A 1 132 ? 4.108   -19.820 -9.186  1.00 57.89 ? 126  ILE A CB    1 
ATOM   952  C  CG1   . ILE A 1 132 ? 4.454   -19.164 -7.843  1.00 56.38 ? 126  ILE A CG1   1 
ATOM   953  C  CG2   . ILE A 1 132 ? 5.318   -19.839 -10.099 1.00 54.51 ? 126  ILE A CG2   1 
ATOM   954  C  CD1   . ILE A 1 132 ? 5.938   -19.320 -7.427  1.00 60.84 ? 126  ILE A CD1   1 
ATOM   955  N  N     . GLU A 1 133 ? 1.838   -20.802 -11.161 1.00 61.74 ? 127  GLU A N     1 
ATOM   956  C  CA    . GLU A 1 133 ? 1.397   -21.532 -12.326 1.00 64.33 ? 127  GLU A CA    1 
ATOM   957  C  C     . GLU A 1 133 ? 0.579   -20.663 -13.251 1.00 67.03 ? 127  GLU A C     1 
ATOM   958  O  O     . GLU A 1 133 ? 0.901   -20.558 -14.450 1.00 67.38 ? 127  GLU A O     1 
ATOM   959  C  CB    . GLU A 1 133 ? 0.543   -22.712 -11.879 1.00 70.64 ? 127  GLU A CB    1 
ATOM   960  C  CG    . GLU A 1 133 ? -0.257  -23.341 -12.998 1.00 76.25 ? 127  GLU A CG    1 
ATOM   961  C  CD    . GLU A 1 133 ? -0.303  -24.846 -12.849 1.00 82.23 ? 127  GLU A CD    1 
ATOM   962  O  OE1   . GLU A 1 133 ? -0.544  -25.316 -11.705 1.00 84.32 ? 127  GLU A OE1   1 
ATOM   963  O  OE2   . GLU A 1 133 ? -0.082  -25.552 -13.865 1.00 85.02 ? 127  GLU A OE2   1 
ATOM   964  N  N     . LYS A 1 134 ? -0.487  -20.060 -12.703 1.00 62.76 ? 128  LYS A N     1 
ATOM   965  C  CA    . LYS A 1 134 ? -1.363  -19.183 -13.483 1.00 64.78 ? 128  LYS A CA    1 
ATOM   966  C  C     . LYS A 1 134 ? -0.547  -18.065 -14.068 1.00 62.59 ? 128  LYS A C     1 
ATOM   967  O  O     . LYS A 1 134 ? -0.776  -17.699 -15.209 1.00 66.00 ? 128  LYS A O     1 
ATOM   968  C  CB    . LYS A 1 134 ? -2.504  -18.537 -12.664 1.00 67.34 ? 128  LYS A CB    1 
ATOM   969  C  CG    . LYS A 1 134 ? -3.421  -19.457 -11.881 1.00 71.26 ? 128  LYS A CG    1 
ATOM   970  C  CD    . LYS A 1 134 ? -4.486  -20.156 -12.727 1.00 77.51 ? 128  LYS A CD    1 
ATOM   971  C  CE    . LYS A 1 134 ? -5.658  -20.674 -11.832 1.00 82.73 ? 128  LYS A CE    1 
ATOM   972  N  NZ    . LYS A 1 134 ? -5.256  -21.507 -10.636 1.00 79.36 ? 128  LYS A NZ    1 
ATOM   973  N  N     . LEU A 1 135 ? 0.370   -17.495 -13.285 1.00 57.24 ? 129  LEU A N     1 
ATOM   974  C  CA    . LEU A 1 135 ? 1.195   -16.396 -13.786 1.00 59.40 ? 129  LEU A CA    1 
ATOM   975  C  C     . LEU A 1 135 ? 2.030   -16.813 -14.995 1.00 62.54 ? 129  LEU A C     1 
ATOM   976  O  O     . LEU A 1 135 ? 2.177   -16.039 -15.961 1.00 61.22 ? 129  LEU A O     1 
ATOM   977  C  CB    . LEU A 1 135 ? 2.064   -15.771 -12.689 1.00 55.06 ? 129  LEU A CB    1 
ATOM   978  C  CG    . LEU A 1 135 ? 1.366   -14.766 -11.756 1.00 56.08 ? 129  LEU A CG    1 
ATOM   979  C  CD1   . LEU A 1 135 ? 2.069   -14.639 -10.402 1.00 44.73 ? 129  LEU A CD1   1 
ATOM   980  C  CD2   . LEU A 1 135 ? 1.190   -13.363 -12.452 1.00 51.87 ? 129  LEU A CD2   1 
ATOM   981  N  N     . LYS A 1 136 ? 2.551   -18.044 -14.952 1.00 63.69 ? 130  LYS A N     1 
ATOM   982  C  CA    . LYS A 1 136 ? 3.385   -18.556 -16.053 1.00 65.82 ? 130  LYS A CA    1 
ATOM   983  C  C     . LYS A 1 136 ? 2.565   -18.694 -17.341 1.00 67.72 ? 130  LYS A C     1 
ATOM   984  O  O     . LYS A 1 136 ? 3.050   -18.349 -18.429 1.00 69.61 ? 130  LYS A O     1 
ATOM   985  C  CB    . LYS A 1 136 ? 4.074   -19.884 -15.684 1.00 61.95 ? 130  LYS A CB    1 
ATOM   986  N  N     . GLU A 1 137 ? 1.324   -19.176 -17.220 1.00 66.31 ? 131  GLU A N     1 
ATOM   987  C  CA    . GLU A 1 137 ? 0.418   -19.255 -18.378 1.00 69.90 ? 131  GLU A CA    1 
ATOM   988  C  C     . GLU A 1 137 ? 0.189   -17.913 -19.075 1.00 70.64 ? 131  GLU A C     1 
ATOM   989  O  O     . GLU A 1 137 ? -0.452  -17.865 -20.115 1.00 74.38 ? 131  GLU A O     1 
ATOM   990  C  CB    . GLU A 1 137 ? -0.922  -19.897 -18.008 1.00 69.45 ? 131  GLU A CB    1 
ATOM   991  C  CG    . GLU A 1 137 ? -0.796  -21.349 -17.619 1.00 73.96 ? 131  GLU A CG    1 
ATOM   992  C  CD    . GLU A 1 137 ? -1.779  -21.734 -16.524 1.00 79.89 ? 131  GLU A CD    1 
ATOM   993  O  OE1   . GLU A 1 137 ? -2.886  -21.132 -16.515 1.00 78.67 ? 131  GLU A OE1   1 
ATOM   994  O  OE2   . GLU A 1 137 ? -1.439  -22.624 -15.679 1.00 78.87 ? 131  GLU A OE2   1 
ATOM   995  N  N     . LYS A 1 138 ? 0.708   -16.829 -18.506 1.00 69.90 ? 132  LYS A N     1 
ATOM   996  C  CA    . LYS A 1 138 ? 0.641   -15.524 -19.159 1.00 67.45 ? 132  LYS A CA    1 
ATOM   997  C  C     . LYS A 1 138 ? 2.041   -15.055 -19.413 1.00 65.04 ? 132  LYS A C     1 
ATOM   998  O  O     . LYS A 1 138 ? 2.270   -13.891 -19.708 1.00 64.17 ? 132  LYS A O     1 
ATOM   999  C  CB    . LYS A 1 138 ? -0.075  -14.493 -18.276 1.00 68.84 ? 132  LYS A CB    1 
ATOM   1000 C  CG    . LYS A 1 138 ? -1.533  -14.844 -17.939 1.00 71.82 ? 132  LYS A CG    1 
ATOM   1001 C  CD    . LYS A 1 138 ? -1.954  -14.246 -16.577 1.00 70.44 ? 132  LYS A CD    1 
ATOM   1002 C  CE    . LYS A 1 138 ? -3.167  -14.959 -15.947 1.00 78.26 ? 132  LYS A CE    1 
ATOM   1003 N  NZ    . LYS A 1 138 ? -2.908  -16.366 -15.442 1.00 76.35 ? 132  LYS A NZ    1 
ATOM   1004 N  N     . LYS A 1 139 ? 2.989   -15.967 -19.274 1.00 65.47 ? 133  LYS A N     1 
ATOM   1005 C  CA    . LYS A 1 139 ? 4.391   -15.627 -19.487 1.00 67.05 ? 133  LYS A CA    1 
ATOM   1006 C  C     . LYS A 1 139 ? 4.833   -14.569 -18.459 1.00 63.48 ? 133  LYS A C     1 
ATOM   1007 O  O     . LYS A 1 139 ? 5.649   -13.675 -18.754 1.00 60.19 ? 133  LYS A O     1 
ATOM   1008 C  CB    . LYS A 1 139 ? 4.616   -15.135 -20.939 1.00 72.93 ? 133  LYS A CB    1 
ATOM   1009 C  CG    . LYS A 1 139 ? 3.672   -15.779 -22.001 1.00 71.48 ? 133  LYS A CG    1 
ATOM   1010 C  CD    . LYS A 1 139 ? 4.300   -16.986 -22.713 1.00 77.05 ? 133  LYS A CD    1 
ATOM   1011 C  CE    . LYS A 1 139 ? 3.279   -17.767 -23.552 1.00 77.25 ? 133  LYS A CE    1 
ATOM   1012 N  NZ    . LYS A 1 139 ? 2.474   -18.684 -22.688 1.00 77.35 ? 133  LYS A NZ    1 
ATOM   1013 N  N     . LEU A 1 140 ? 4.287   -14.680 -17.244 1.00 64.61 ? 134  LEU A N     1 
ATOM   1014 C  CA    . LEU A 1 140 ? 4.585   -13.727 -16.169 1.00 60.06 ? 134  LEU A CA    1 
ATOM   1015 C  C     . LEU A 1 140 ? 5.096   -14.425 -14.917 1.00 55.64 ? 134  LEU A C     1 
ATOM   1016 O  O     . LEU A 1 140 ? 5.018   -15.653 -14.806 1.00 56.33 ? 134  LEU A O     1 
ATOM   1017 C  CB    . LEU A 1 140 ? 3.327   -12.920 -15.824 1.00 57.42 ? 134  LEU A CB    1 
ATOM   1018 C  CG    . LEU A 1 140 ? 2.839   -11.887 -16.828 1.00 55.98 ? 134  LEU A CG    1 
ATOM   1019 C  CD1   . LEU A 1 140 ? 1.499   -11.433 -16.307 1.00 56.82 ? 134  LEU A CD1   1 
ATOM   1020 C  CD2   . LEU A 1 140 ? 3.826   -10.710 -17.040 1.00 48.54 ? 134  LEU A CD2   1 
ATOM   1021 N  N     . ALA A 1 141 ? 5.592   -13.650 -13.958 1.00 53.70 ? 135  ALA A N     1 
ATOM   1022 C  CA    . ALA A 1 141 ? 6.027   -14.232 -12.683 1.00 54.87 ? 135  ALA A CA    1 
ATOM   1023 C  C     . ALA A 1 141 ? 5.904   -13.249 -11.525 1.00 49.80 ? 135  ALA A C     1 
ATOM   1024 O  O     . ALA A 1 141 ? 5.918   -12.036 -11.739 1.00 50.60 ? 135  ALA A O     1 
ATOM   1025 C  CB    . ALA A 1 141 ? 7.462   -14.701 -12.797 1.00 50.09 ? 135  ALA A CB    1 
ATOM   1026 N  N     . PRO A 1 142 ? 5.854   -13.763 -10.297 1.00 43.88 ? 136  PRO A N     1 
ATOM   1027 C  CA    . PRO A 1 142 ? 5.818   -12.856 -9.149  1.00 41.63 ? 136  PRO A CA    1 
ATOM   1028 C  C     . PRO A 1 142 ? 6.938   -11.851 -9.150  1.00 43.24 ? 136  PRO A C     1 
ATOM   1029 O  O     . PRO A 1 142 ? 8.028   -12.123 -9.719  1.00 44.17 ? 136  PRO A O     1 
ATOM   1030 C  CB    . PRO A 1 142 ? 5.993   -13.798 -7.962  1.00 42.03 ? 136  PRO A CB    1 
ATOM   1031 C  CG    . PRO A 1 142 ? 5.317   -15.056 -8.419  1.00 46.87 ? 136  PRO A CG    1 
ATOM   1032 C  CD    . PRO A 1 142 ? 5.666   -15.169 -9.904  1.00 48.71 ? 136  PRO A CD    1 
ATOM   1033 N  N     . ILE A 1 143 ? 6.679   -10.697 -8.531  1.00 33.47 ? 137  ILE A N     1 
ATOM   1034 C  CA    . ILE A 1 143 ? 7.702   -9.670  -8.326  1.00 30.87 ? 137  ILE A CA    1 
ATOM   1035 C  C     . ILE A 1 143 ? 8.622   -10.152 -7.175  1.00 35.99 ? 137  ILE A C     1 
ATOM   1036 O  O     . ILE A 1 143 ? 8.145   -10.585 -6.084  1.00 34.56 ? 137  ILE A O     1 
ATOM   1037 C  CB    . ILE A 1 143 ? 7.081   -8.311  -7.988  1.00 33.70 ? 137  ILE A CB    1 
ATOM   1038 C  CG1   . ILE A 1 143 ? 6.072   -7.869  -9.096  1.00 33.08 ? 137  ILE A CG1   1 
ATOM   1039 C  CG2   . ILE A 1 143 ? 8.158   -7.318  -7.655  1.00 31.51 ? 137  ILE A CG2   1 
ATOM   1040 C  CD1   . ILE A 1 143 ? 6.682   -7.481  -10.395 1.00 35.38 ? 137  ILE A CD1   1 
ATOM   1041 N  N     . THR A 1 144 ? 9.930   -10.127 -7.440  1.00 38.27 ? 138  THR A N     1 
ATOM   1042 C  CA    . THR A 1 144 ? 10.914  -10.605 -6.437  1.00 37.50 ? 138  THR A CA    1 
ATOM   1043 C  C     . THR A 1 144 ? 11.343  -9.423  -5.540  1.00 38.42 ? 138  THR A C     1 
ATOM   1044 O  O     . THR A 1 144 ? 11.202  -8.217  -5.911  1.00 37.15 ? 138  THR A O     1 
ATOM   1045 C  CB    . THR A 1 144 ? 12.154  -11.194 -7.125  1.00 35.90 ? 138  THR A CB    1 
ATOM   1046 O  OG1   . THR A 1 144 ? 12.901  -10.133 -7.701  1.00 34.66 ? 138  THR A OG1   1 
ATOM   1047 C  CG2   . THR A 1 144 ? 11.752  -12.152 -8.243  1.00 38.90 ? 138  THR A CG2   1 
ATOM   1048 N  N     . TYR A 1 145 ? 11.857  -9.735  -4.362  1.00 31.92 ? 139  TYR A N     1 
ATOM   1049 C  CA    . TYR A 1 145 ? 12.365  -8.660  -3.501  1.00 33.63 ? 139  TYR A CA    1 
ATOM   1050 C  C     . TYR A 1 145 ? 13.272  -7.620  -4.203  1.00 34.79 ? 139  TYR A C     1 
ATOM   1051 O  O     . TYR A 1 145 ? 13.033  -6.379  -4.073  1.00 35.95 ? 139  TYR A O     1 
ATOM   1052 C  CB    . TYR A 1 145 ? 12.999  -9.199  -2.177  1.00 36.05 ? 139  TYR A CB    1 
ATOM   1053 C  CG    . TYR A 1 145 ? 13.395  -8.044  -1.246  1.00 35.76 ? 139  TYR A CG    1 
ATOM   1054 C  CD1   . TYR A 1 145 ? 12.492  -7.487  -0.345  1.00 31.37 ? 139  TYR A CD1   1 
ATOM   1055 C  CD2   . TYR A 1 145 ? 14.638  -7.453  -1.332  1.00 31.36 ? 139  TYR A CD2   1 
ATOM   1056 C  CE1   . TYR A 1 145 ? 12.859  -6.396  0.492   1.00 29.66 ? 139  TYR A CE1   1 
ATOM   1057 C  CE2   . TYR A 1 145 ? 14.998  -6.362  -0.508  1.00 32.03 ? 139  TYR A CE2   1 
ATOM   1058 C  CZ    . TYR A 1 145 ? 14.097  -5.872  0.433   1.00 35.19 ? 139  TYR A CZ    1 
ATOM   1059 O  OH    . TYR A 1 145 ? 14.468  -4.808  1.214   1.00 35.96 ? 139  TYR A OH    1 
ATOM   1060 N  N     . PRO A 1 146 ? 14.361  -8.093  -4.906  1.00 38.78 ? 140  PRO A N     1 
ATOM   1061 C  CA    . PRO A 1 146 ? 15.187  -7.197  -5.757  1.00 35.17 ? 140  PRO A CA    1 
ATOM   1062 C  C     . PRO A 1 146 ? 14.366  -6.332  -6.766  1.00 33.19 ? 140  PRO A C     1 
ATOM   1063 O  O     . PRO A 1 146 ? 14.600  -5.144  -6.873  1.00 33.22 ? 140  PRO A O     1 
ATOM   1064 C  CB    . PRO A 1 146 ? 16.111  -8.174  -6.533  1.00 37.16 ? 140  PRO A CB    1 
ATOM   1065 C  CG    . PRO A 1 146 ? 16.368  -9.290  -5.541  1.00 36.89 ? 140  PRO A CG    1 
ATOM   1066 C  CD    . PRO A 1 146 ? 14.969  -9.445  -4.784  1.00 37.87 ? 140  PRO A CD    1 
ATOM   1067 N  N     . GLN A 1 147 ? 13.484  -6.933  -7.536  1.00 31.56 ? 141  GLN A N     1 
ATOM   1068 C  CA    . GLN A 1 147 ? 12.589  -6.119  -8.380  1.00 33.05 ? 141  GLN A CA    1 
ATOM   1069 C  C     . GLN A 1 147 ? 11.799  -5.006  -7.633  1.00 33.45 ? 141  GLN A C     1 
ATOM   1070 O  O     . GLN A 1 147 ? 11.757  -3.859  -8.115  1.00 32.78 ? 141  GLN A O     1 
ATOM   1071 C  CB    . GLN A 1 147 ? 11.650  -7.038  -9.125  1.00 34.32 ? 141  GLN A CB    1 
ATOM   1072 C  CG    . GLN A 1 147 ? 12.362  -7.842  -10.148 1.00 34.28 ? 141  GLN A CG    1 
ATOM   1073 C  CD    . GLN A 1 147 ? 11.521  -9.010  -10.707 1.00 40.04 ? 141  GLN A CD    1 
ATOM   1074 O  OE1   . GLN A 1 147 ? 10.468  -9.336  -10.204 1.00 38.95 ? 141  GLN A OE1   1 
ATOM   1075 N  NE2   . GLN A 1 147 ? 12.038  -9.667  -11.744 1.00 49.93 ? 141  GLN A NE2   1 
ATOM   1076 N  N     . GLY A 1 148 ? 11.188  -5.294  -6.456  1.00 31.60 ? 142  GLY A N     1 
ATOM   1077 C  CA    . GLY A 1 148 ? 10.474  -4.220  -5.767  1.00 30.97 ? 142  GLY A CA    1 
ATOM   1078 C  C     . GLY A 1 148 ? 11.403  -3.122  -5.242  1.00 33.10 ? 142  GLY A C     1 
ATOM   1079 O  O     . GLY A 1 148 ? 11.160  -1.879  -5.291  1.00 28.27 ? 142  GLY A O     1 
ATOM   1080 N  N     . LEU A 1 149 ? 12.537  -3.590  -4.720  1.00 32.31 ? 143  LEU A N     1 
ATOM   1081 C  CA    . LEU A 1 149 ? 13.548  -2.671  -4.248  1.00 28.34 ? 143  LEU A CA    1 
ATOM   1082 C  C     . LEU A 1 149 ? 14.021  -1.758  -5.381  1.00 30.41 ? 143  LEU A C     1 
ATOM   1083 O  O     . LEU A 1 149 ? 14.297  -0.563  -5.197  1.00 35.76 ? 143  LEU A O     1 
ATOM   1084 C  CB    . LEU A 1 149 ? 14.731  -3.533  -3.722  1.00 34.27 ? 143  LEU A CB    1 
ATOM   1085 C  CG    . LEU A 1 149 ? 15.610  -2.752  -2.767  1.00 36.12 ? 143  LEU A CG    1 
ATOM   1086 C  CD1   . LEU A 1 149 ? 14.808  -2.499  -1.517  1.00 34.93 ? 143  LEU A CD1   1 
ATOM   1087 C  CD2   . LEU A 1 149 ? 16.945  -3.544  -2.406  1.00 32.58 ? 143  LEU A CD2   1 
ATOM   1088 N  N     . ALA A 1 150 ? 14.163  -2.310  -6.576  1.00 31.42 ? 144  ALA A N     1 
ATOM   1089 C  CA    . ALA A 1 150 ? 14.563  -1.471  -7.695  1.00 32.48 ? 144  ALA A CA    1 
ATOM   1090 C  C     . ALA A 1 150 ? 13.489  -0.393  -7.983  1.00 37.75 ? 144  ALA A C     1 
ATOM   1091 O  O     . ALA A 1 150 ? 13.813  0.830   -8.190  1.00 34.55 ? 144  ALA A O     1 
ATOM   1092 C  CB    . ALA A 1 150 ? 14.820  -2.351  -8.956  1.00 34.27 ? 144  ALA A CB    1 
ATOM   1093 N  N     . LEU A 1 151 ? 12.221  -0.830  -8.016  1.00 34.79 ? 145  LEU A N     1 
ATOM   1094 C  CA    . LEU A 1 151 ? 11.120  0.140   -8.317  1.00 32.41 ? 145  LEU A CA    1 
ATOM   1095 C  C     . LEU A 1 151 ? 11.141  1.238   -7.266  1.00 31.64 ? 145  LEU A C     1 
ATOM   1096 O  O     . LEU A 1 151 ? 11.085  2.432   -7.550  1.00 37.56 ? 145  LEU A O     1 
ATOM   1097 C  CB    . LEU A 1 151 ? 9.774   -0.569  -8.406  1.00 32.29 ? 145  LEU A CB    1 
ATOM   1098 C  CG    . LEU A 1 151 ? 8.480   0.277   -8.556  1.00 34.85 ? 145  LEU A CG    1 
ATOM   1099 C  CD1   . LEU A 1 151 ? 8.620   1.160   -9.857  1.00 35.04 ? 145  LEU A CD1   1 
ATOM   1100 C  CD2   . LEU A 1 151 ? 7.212   -0.605  -8.646  1.00 28.00 ? 145  LEU A CD2   1 
ATOM   1101 N  N     . ALA A 1 152 ? 11.295  0.812   -6.037  1.00 32.09 ? 146  ALA A N     1 
ATOM   1102 C  CA    . ALA A 1 152 ? 11.439  1.692   -4.903  1.00 34.06 ? 146  ALA A CA    1 
ATOM   1103 C  C     . ALA A 1 152 ? 12.530  2.728   -5.114  1.00 40.30 ? 146  ALA A C     1 
ATOM   1104 O  O     . ALA A 1 152 ? 12.345  3.913   -4.812  1.00 42.37 ? 146  ALA A O     1 
ATOM   1105 C  CB    . ALA A 1 152 ? 11.723  0.843   -3.684  1.00 30.33 ? 146  ALA A CB    1 
ATOM   1106 N  N     . LYS A 1 153 ? 13.688  2.281   -5.610  1.00 39.29 ? 147  LYS A N     1 
ATOM   1107 C  CA    . LYS A 1 153 ? 14.780  3.206   -5.902  1.00 43.45 ? 147  LYS A CA    1 
ATOM   1108 C  C     . LYS A 1 153 ? 14.411  4.119   -7.050  1.00 42.16 ? 147  LYS A C     1 
ATOM   1109 O  O     . LYS A 1 153 ? 14.562  5.338   -6.925  1.00 47.43 ? 147  LYS A O     1 
ATOM   1110 C  CB    . LYS A 1 153 ? 16.127  2.464   -6.146  1.00 45.50 ? 147  LYS A CB    1 
ATOM   1111 N  N     . GLU A 1 154 ? 13.880  3.564   -8.153  1.00 46.39 ? 148  GLU A N     1 
ATOM   1112 C  CA    . GLU A 1 154 ? 13.307  4.380   -9.276  1.00 39.92 ? 148  GLU A CA    1 
ATOM   1113 C  C     . GLU A 1 154 ? 12.533  5.589   -8.790  1.00 48.85 ? 148  GLU A C     1 
ATOM   1114 O  O     . GLU A 1 154 ? 12.772  6.709   -9.269  1.00 50.79 ? 148  GLU A O     1 
ATOM   1115 C  CB    . GLU A 1 154 ? 12.270  3.610   -10.137 1.00 46.87 ? 148  GLU A CB    1 
ATOM   1116 C  CG    . GLU A 1 154 ? 12.711  2.799   -11.359 1.00 45.97 ? 148  GLU A CG    1 
ATOM   1117 C  CD    . GLU A 1 154 ? 11.574  2.468   -12.383 1.00 47.29 ? 148  GLU A CD    1 
ATOM   1118 O  OE1   . GLU A 1 154 ? 10.971  3.427   -12.978 1.00 48.31 ? 148  GLU A OE1   1 
ATOM   1119 O  OE2   . GLU A 1 154 ? 11.337  1.238   -12.651 1.00 45.97 ? 148  GLU A OE2   1 
ATOM   1120 N  N     . ILE A 1 155 ? 11.527  5.340   -7.923  1.00 43.79 ? 149  ILE A N     1 
ATOM   1121 C  CA    . ILE A 1 155 ? 10.586  6.382   -7.508  1.00 42.63 ? 149  ILE A CA    1 
ATOM   1122 C  C     . ILE A 1 155 ? 11.060  7.117   -6.247  1.00 44.00 ? 149  ILE A C     1 
ATOM   1123 O  O     . ILE A 1 155 ? 10.385  8.067   -5.812  1.00 44.86 ? 149  ILE A O     1 
ATOM   1124 C  CB    . ILE A 1 155 ? 9.102   5.863   -7.227  1.00 36.85 ? 149  ILE A CB    1 
ATOM   1125 C  CG1   . ILE A 1 155 ? 9.042   5.120   -5.920  1.00 37.73 ? 149  ILE A CG1   1 
ATOM   1126 C  CG2   . ILE A 1 155 ? 8.534   4.973   -8.369  1.00 37.15 ? 149  ILE A CG2   1 
ATOM   1127 C  CD1   . ILE A 1 155 ? 7.657   4.646   -5.609  1.00 36.36 ? 149  ILE A CD1   1 
ATOM   1128 N  N     . ASP A 1 156 ? 12.180  6.670   -5.645  1.00 47.27 ? 150  ASP A N     1 
ATOM   1129 C  CA    . ASP A 1 156 ? 12.770  7.384   -4.484  1.00 45.38 ? 150  ASP A CA    1 
ATOM   1130 C  C     . ASP A 1 156 ? 11.871  7.337   -3.220  1.00 45.98 ? 150  ASP A C     1 
ATOM   1131 O  O     . ASP A 1 156 ? 11.700  8.352   -2.508  1.00 46.76 ? 150  ASP A O     1 
ATOM   1132 C  CB    . ASP A 1 156 ? 13.024  8.848   -4.892  1.00 49.34 ? 150  ASP A CB    1 
ATOM   1133 C  CG    . ASP A 1 156 ? 13.902  9.622   -3.902  1.00 57.37 ? 150  ASP A CG    1 
ATOM   1134 O  OD1   . ASP A 1 156 ? 14.813  9.014   -3.276  1.00 57.16 ? 150  ASP A OD1   1 
ATOM   1135 O  OD2   . ASP A 1 156 ? 13.677  10.862  -3.766  1.00 60.00 ? 150  ASP A OD2   1 
ATOM   1136 N  N     . SER A 1 157 ? 11.299  6.169   -2.940  1.00 44.33 ? 151  SER A N     1 
ATOM   1137 C  CA    . SER A 1 157 ? 10.371  6.034   -1.836  1.00 39.95 ? 151  SER A CA    1 
ATOM   1138 C  C     . SER A 1 157 ? 11.231  5.884   -0.592  1.00 46.55 ? 151  SER A C     1 
ATOM   1139 O  O     . SER A 1 157 ? 12.317  5.363   -0.698  1.00 47.66 ? 151  SER A O     1 
ATOM   1140 C  CB    . SER A 1 157 ? 9.459   4.812   -2.046  1.00 39.10 ? 151  SER A CB    1 
ATOM   1141 O  OG    . SER A 1 157 ? 10.140  3.581   -1.825  1.00 45.25 ? 151  SER A OG    1 
ATOM   1142 N  N     . VAL A 1 158 ? 10.763  6.359   0.561   1.00 41.68 ? 152  VAL A N     1 
ATOM   1143 C  CA    . VAL A 1 158 ? 11.518  6.284   1.786   1.00 42.67 ? 152  VAL A CA    1 
ATOM   1144 C  C     . VAL A 1 158 ? 11.867  4.858   2.175   1.00 45.26 ? 152  VAL A C     1 
ATOM   1145 O  O     . VAL A 1 158 ? 12.911  4.611   2.796   1.00 44.59 ? 152  VAL A O     1 
ATOM   1146 C  CB    . VAL A 1 158 ? 10.771  6.917   2.988   1.00 45.09 ? 152  VAL A CB    1 
ATOM   1147 C  CG1   . VAL A 1 158 ? 11.582  6.663   4.252   1.00 48.48 ? 152  VAL A CG1   1 
ATOM   1148 C  CG2   . VAL A 1 158 ? 10.571  8.419   2.780   1.00 43.99 ? 152  VAL A CG2   1 
ATOM   1149 N  N     . LYS A 1 159 ? 10.990  3.917   1.851   1.00 41.21 ? 153  LYS A N     1 
ATOM   1150 C  CA    . LYS A 1 159 ? 11.234  2.511   2.184   1.00 39.52 ? 153  LYS A CA    1 
ATOM   1151 C  C     . LYS A 1 159 ? 10.513  1.700   1.155   1.00 37.43 ? 153  LYS A C     1 
ATOM   1152 O  O     . LYS A 1 159 ? 9.518   2.164   0.561   1.00 40.08 ? 153  LYS A O     1 
ATOM   1153 C  CB    . LYS A 1 159 ? 10.723  2.147   3.610   1.00 37.74 ? 153  LYS A CB    1 
ATOM   1154 N  N     . TYR A 1 160 ? 11.016  0.521   0.902   1.00 35.34 ? 154  TYR A N     1 
ATOM   1155 C  CA    . TYR A 1 160 ? 10.265  -0.540  0.254   1.00 34.94 ? 154  TYR A CA    1 
ATOM   1156 C  C     . TYR A 1 160 ? 9.937   -1.648  1.261   1.00 38.28 ? 154  TYR A C     1 
ATOM   1157 O  O     . TYR A 1 160 ? 10.877  -2.216  1.880   1.00 37.95 ? 154  TYR A O     1 
ATOM   1158 C  CB    . TYR A 1 160 ? 11.094  -1.144  -0.897  1.00 30.71 ? 154  TYR A CB    1 
ATOM   1159 C  CG    . TYR A 1 160 ? 10.447  -2.385  -1.474  1.00 28.79 ? 154  TYR A CG    1 
ATOM   1160 C  CD1   . TYR A 1 160 ? 9.136   -2.318  -1.986  1.00 29.75 ? 154  TYR A CD1   1 
ATOM   1161 C  CD2   . TYR A 1 160 ? 11.132  -3.618  -1.520  1.00 31.66 ? 154  TYR A CD2   1 
ATOM   1162 C  CE1   . TYR A 1 160 ? 8.514   -3.436  -2.493  1.00 29.13 ? 154  TYR A CE1   1 
ATOM   1163 C  CE2   . TYR A 1 160 ? 10.497  -4.777  -2.040  1.00 30.25 ? 154  TYR A CE2   1 
ATOM   1164 C  CZ    . TYR A 1 160 ? 9.179   -4.646  -2.539  1.00 30.62 ? 154  TYR A CZ    1 
ATOM   1165 O  OH    . TYR A 1 160 ? 8.518   -5.740  -3.063  1.00 34.06 ? 154  TYR A OH    1 
ATOM   1166 N  N     . LEU A 1 161 ? 8.664   -2.042  1.408   1.00 29.45 ? 155  LEU A N     1 
ATOM   1167 C  CA    . LEU A 1 161 ? 8.278   -3.035  2.433   1.00 32.10 ? 155  LEU A CA    1 
ATOM   1168 C  C     . LEU A 1 161 ? 7.294   -4.069  1.861   1.00 35.79 ? 155  LEU A C     1 
ATOM   1169 O  O     . LEU A 1 161 ? 6.396   -3.720  1.066   1.00 30.79 ? 155  LEU A O     1 
ATOM   1170 C  CB    . LEU A 1 161 ? 7.664   -2.322  3.633   1.00 33.06 ? 155  LEU A CB    1 
ATOM   1171 C  CG    . LEU A 1 161 ? 8.705   -1.393  4.262   1.00 38.43 ? 155  LEU A CG    1 
ATOM   1172 C  CD1   . LEU A 1 161 ? 8.110   -0.375  5.153   1.00 35.03 ? 155  LEU A CD1   1 
ATOM   1173 C  CD2   . LEU A 1 161 ? 9.889   -2.202  5.026   1.00 33.64 ? 155  LEU A CD2   1 
ATOM   1174 N  N     . GLU A 1 162 ? 7.543   -5.342  2.105   1.00 30.17 ? 156  GLU A N     1 
ATOM   1175 C  CA    . GLU A 1 162 ? 6.572   -6.380  1.723   1.00 33.69 ? 156  GLU A CA    1 
ATOM   1176 C  C     . GLU A 1 162 ? 5.756   -6.834  2.933   1.00 31.53 ? 156  GLU A C     1 
ATOM   1177 O  O     . GLU A 1 162 ? 6.306   -6.934  4.079   1.00 29.72 ? 156  GLU A O     1 
ATOM   1178 C  CB    . GLU A 1 162 ? 7.262   -7.595  1.079   1.00 28.83 ? 156  GLU A CB    1 
ATOM   1179 C  CG    . GLU A 1 162 ? 8.217   -7.139  -0.060  1.00 29.72 ? 156  GLU A CG    1 
ATOM   1180 C  CD    . GLU A 1 162 ? 8.953   -8.272  -0.798  1.00 35.42 ? 156  GLU A CD    1 
ATOM   1181 O  OE1   . GLU A 1 162 ? 9.386   -9.229  -0.119  1.00 33.06 ? 156  GLU A OE1   1 
ATOM   1182 O  OE2   . GLU A 1 162 ? 9.166   -8.174  -2.064  1.00 34.02 ? 156  GLU A OE2   1 
ATOM   1183 N  N     . CYS A 1 163 ? 4.500   -7.185  2.638   1.00 26.82 ? 157  CYS A N     1 
ATOM   1184 C  CA    . CYS A 1 163 ? 3.546   -7.662  3.631   1.00 32.37 ? 157  CYS A CA    1 
ATOM   1185 C  C     . CYS A 1 163 ? 2.511   -8.615  3.073   1.00 33.49 ? 157  CYS A C     1 
ATOM   1186 O  O     . CYS A 1 163 ? 2.418   -8.809  1.833   1.00 31.88 ? 157  CYS A O     1 
ATOM   1187 C  CB    . CYS A 1 163 ? 2.931   -6.535  4.433   1.00 31.57 ? 157  CYS A CB    1 
ATOM   1188 S  SG    . CYS A 1 163 ? 1.639   -5.583  3.467   1.00 31.26 ? 157  CYS A SG    1 
ATOM   1189 N  N     . SER A 1 164 ? 1.810   -9.247  4.024   1.00 33.52 ? 158  SER A N     1 
ATOM   1190 C  CA    . SER A 1 164 ? 0.613   -10.051 3.797   1.00 36.52 ? 158  SER A CA    1 
ATOM   1191 C  C     . SER A 1 164 ? -0.444  -9.633  4.839   1.00 42.30 ? 158  SER A C     1 
ATOM   1192 O  O     . SER A 1 164 ? -0.154  -9.624  6.049   1.00 35.64 ? 158  SER A O     1 
ATOM   1193 C  CB    . SER A 1 164 ? 0.874   -11.567 3.887   1.00 38.24 ? 158  SER A CB    1 
ATOM   1194 O  OG    . SER A 1 164 ? -0.336  -12.287 3.568   1.00 40.27 ? 158  SER A OG    1 
ATOM   1195 N  N     . ALA A 1 165 ? -1.614  -9.191  4.335   1.00 35.83 ? 159  ALA A N     1 
ATOM   1196 C  CA    . ALA A 1 165 ? -2.822  -8.993  5.152   1.00 36.54 ? 159  ALA A CA    1 
ATOM   1197 C  C     . ALA A 1 165 ? -3.369  -10.343 5.623   1.00 42.58 ? 159  ALA A C     1 
ATOM   1198 O  O     . ALA A 1 165 ? -3.939  -10.447 6.686   1.00 33.70 ? 159  ALA A O     1 
ATOM   1199 C  CB    . ALA A 1 165 ? -3.928  -8.287  4.346   1.00 35.35 ? 159  ALA A CB    1 
ATOM   1200 N  N     . LEU A 1 166 ? -3.229  -11.363 4.777   1.00 44.33 ? 160  LEU A N     1 
ATOM   1201 C  CA    . LEU A 1 166 ? -3.709  -12.700 5.116   1.00 46.31 ? 160  LEU A CA    1 
ATOM   1202 C  C     . LEU A 1 166 ? -2.940  -13.308 6.340   1.00 42.38 ? 160  LEU A C     1 
ATOM   1203 O  O     . LEU A 1 166 ? -3.548  -13.702 7.335   1.00 45.72 ? 160  LEU A O     1 
ATOM   1204 C  CB    . LEU A 1 166 ? -3.594  -13.607 3.893   1.00 41.38 ? 160  LEU A CB    1 
ATOM   1205 C  CG    . LEU A 1 166 ? -4.381  -14.881 4.101   1.00 45.05 ? 160  LEU A CG    1 
ATOM   1206 C  CD1   . LEU A 1 166 ? -4.780  -15.460 2.762   1.00 43.05 ? 160  LEU A CD1   1 
ATOM   1207 C  CD2   . LEU A 1 166 ? -3.583  -15.857 4.979   1.00 41.88 ? 160  LEU A CD2   1 
ATOM   1208 N  N     . THR A 1 167 ? -1.623  -13.339 6.263   1.00 40.54 ? 161  THR A N     1 
ATOM   1209 C  CA    . THR A 1 167 ? -0.795  -13.794 7.380   1.00 46.42 ? 161  THR A CA    1 
ATOM   1210 C  C     . THR A 1 167 ? -0.349  -12.722 8.413   1.00 48.09 ? 161  THR A C     1 
ATOM   1211 O  O     . THR A 1 167 ? 0.067   -13.094 9.533   1.00 48.22 ? 161  THR A O     1 
ATOM   1212 C  CB    . THR A 1 167 ? 0.451   -14.528 6.866   1.00 43.45 ? 161  THR A CB    1 
ATOM   1213 O  OG1   . THR A 1 167 ? 1.447   -13.586 6.427   1.00 46.87 ? 161  THR A OG1   1 
ATOM   1214 C  CG2   . THR A 1 167 ? 0.071   -15.493 5.722   1.00 40.58 ? 161  THR A CG2   1 
ATOM   1215 N  N     . GLN A 1 168 ? -0.451  -11.430 8.062   1.00 40.63 ? 162  GLN A N     1 
ATOM   1216 C  CA    . GLN A 1 168 ? 0.119   -10.295 8.840   1.00 38.02 ? 162  GLN A CA    1 
ATOM   1217 C  C     . GLN A 1 168 ? 1.651   -10.163 8.915   1.00 38.27 ? 162  GLN A C     1 
ATOM   1218 O  O     . GLN A 1 168 ? 2.197   -9.244  9.544   1.00 38.57 ? 162  GLN A O     1 
ATOM   1219 C  CB    . GLN A 1 168 ? -0.538  -10.218 10.224  1.00 39.25 ? 162  GLN A CB    1 
ATOM   1220 C  CG    . GLN A 1 168 ? -2.031  -10.067 10.041  1.00 45.18 ? 162  GLN A CG    1 
ATOM   1221 C  CD    . GLN A 1 168 ? -2.841  -9.924  11.304  1.00 49.20 ? 162  GLN A CD    1 
ATOM   1222 O  OE1   . GLN A 1 168 ? -2.360  -10.100 12.431  1.00 52.72 ? 162  GLN A OE1   1 
ATOM   1223 N  NE2   . GLN A 1 168 ? -4.128  -9.633  11.116  1.00 53.32 ? 162  GLN A NE2   1 
ATOM   1224 N  N     . ARG A 1 169 ? 2.365   -11.076 8.275   1.00 39.53 ? 163  ARG A N     1 
ATOM   1225 C  CA    . ARG A 1 169 ? 3.814   -10.903 8.157   1.00 37.14 ? 163  ARG A CA    1 
ATOM   1226 C  C     . ARG A 1 169 ? 4.229   -9.581  7.546   1.00 40.46 ? 163  ARG A C     1 
ATOM   1227 O  O     . ARG A 1 169 ? 3.869   -9.268  6.384   1.00 35.45 ? 163  ARG A O     1 
ATOM   1228 C  CB    . ARG A 1 169 ? 4.457   -12.094 7.449   1.00 38.45 ? 163  ARG A CB    1 
ATOM   1229 N  N     . GLY A 1 170 ? 4.943   -8.779  8.344   1.00 38.25 ? 164  GLY A N     1 
ATOM   1230 C  CA    . GLY A 1 170 ? 5.515   -7.516  7.862   1.00 36.73 ? 164  GLY A CA    1 
ATOM   1231 C  C     . GLY A 1 170 ? 4.525   -6.328  7.875   1.00 36.01 ? 164  GLY A C     1 
ATOM   1232 O  O     . GLY A 1 170 ? 4.913   -5.134  7.606   1.00 36.03 ? 164  GLY A O     1 
ATOM   1233 N  N     . LEU A 1 171 ? 3.265   -6.650  8.211   1.00 38.21 ? 165  LEU A N     1 
ATOM   1234 C  CA    . LEU A 1 171 ? 2.148   -5.667  8.202   1.00 37.38 ? 165  LEU A CA    1 
ATOM   1235 C  C     . LEU A 1 171 ? 2.417   -4.554  9.236   1.00 41.30 ? 165  LEU A C     1 
ATOM   1236 O  O     . LEU A 1 171 ? 2.395   -3.365  8.917   1.00 37.56 ? 165  LEU A O     1 
ATOM   1237 C  CB    . LEU A 1 171 ? 0.819   -6.387  8.372   1.00 35.14 ? 165  LEU A CB    1 
ATOM   1238 C  CG    . LEU A 1 171 ? -0.439  -5.583  8.150   1.00 36.58 ? 165  LEU A CG    1 
ATOM   1239 C  CD1   . LEU A 1 171 ? -0.384  -5.096  6.764   1.00 33.78 ? 165  LEU A CD1   1 
ATOM   1240 C  CD2   . LEU A 1 171 ? -1.687  -6.444  8.368   1.00 37.25 ? 165  LEU A CD2   1 
ATOM   1241 N  N     . LYS A 1 172 ? 2.809   -4.935  10.450  1.00 42.14 ? 166  LYS A N     1 
ATOM   1242 C  CA    . LYS A 1 172 ? 3.080   -3.906  11.449  1.00 39.78 ? 166  LYS A CA    1 
ATOM   1243 C  C     . LYS A 1 172 ? 4.225   -2.932  11.075  1.00 40.33 ? 166  LYS A C     1 
ATOM   1244 O  O     . LYS A 1 172 ? 4.113   -1.704  11.268  1.00 42.36 ? 166  LYS A O     1 
ATOM   1245 C  CB    . LYS A 1 172 ? 3.283   -4.538  12.846  1.00 46.73 ? 166  LYS A CB    1 
ATOM   1246 C  CG    . LYS A 1 172 ? 3.451   -3.479  13.934  1.00 54.27 ? 166  LYS A CG    1 
ATOM   1247 C  CD    . LYS A 1 172 ? 3.097   -3.935  15.373  1.00 63.67 ? 166  LYS A CD    1 
ATOM   1248 C  CE    . LYS A 1 172 ? 3.809   -3.014  16.406  1.00 62.14 ? 166  LYS A CE    1 
ATOM   1249 N  NZ    . LYS A 1 172 ? 5.313   -3.023  16.166  1.00 63.95 ? 166  LYS A NZ    1 
ATOM   1250 N  N     . THR A 1 173 ? 5.341   -3.476  10.581  1.00 39.29 ? 167  THR A N     1 
ATOM   1251 C  CA    . THR A 1 173 ? 6.464   -2.649  10.054  1.00 38.08 ? 167  THR A CA    1 
ATOM   1252 C  C     . THR A 1 173 ? 6.089   -1.619  8.977   1.00 34.68 ? 167  THR A C     1 
ATOM   1253 O  O     . THR A 1 173 ? 6.575   -0.455  8.993   1.00 32.49 ? 167  THR A O     1 
ATOM   1254 C  CB    . THR A 1 173 ? 7.592   -3.497  9.405   1.00 38.12 ? 167  THR A CB    1 
ATOM   1255 O  OG1   . THR A 1 173 ? 8.099   -4.430  10.353  1.00 43.19 ? 167  THR A OG1   1 
ATOM   1256 C  CG2   . THR A 1 173 ? 8.725   -2.560  8.888   1.00 33.70 ? 167  THR A CG2   1 
ATOM   1257 N  N     . VAL A 1 174 ? 5.269   -2.063  8.031   1.00 35.78 ? 168  VAL A N     1 
ATOM   1258 C  CA    . VAL A 1 174 ? 4.689   -1.100  7.024   1.00 35.97 ? 168  VAL A CA    1 
ATOM   1259 C  C     . VAL A 1 174 ? 4.184   0.138   7.734   1.00 34.63 ? 168  VAL A C     1 
ATOM   1260 O  O     . VAL A 1 174 ? 4.607   1.253   7.440   1.00 37.15 ? 168  VAL A O     1 
ATOM   1261 C  CB    . VAL A 1 174 ? 3.540   -1.678  6.197   1.00 34.11 ? 168  VAL A CB    1 
ATOM   1262 C  CG1   . VAL A 1 174 ? 2.752   -0.496  5.461   1.00 30.90 ? 168  VAL A CG1   1 
ATOM   1263 C  CG2   . VAL A 1 174 ? 4.080   -2.771  5.226   1.00 32.21 ? 168  VAL A CG2   1 
ATOM   1264 N  N     . PHE A 1 175 ? 3.338   -0.061  8.748   1.00 35.46 ? 169  PHE A N     1 
ATOM   1265 C  CA    . PHE A 1 175 ? 2.817   1.105   9.442   1.00 36.22 ? 169  PHE A CA    1 
ATOM   1266 C  C     . PHE A 1 175 ? 3.778   1.844   10.385  1.00 41.09 ? 169  PHE A C     1 
ATOM   1267 O  O     . PHE A 1 175 ? 3.739   3.084   10.428  1.00 39.24 ? 169  PHE A O     1 
ATOM   1268 C  CB    . PHE A 1 175 ? 1.427   0.795   10.008  1.00 37.03 ? 169  PHE A CB    1 
ATOM   1269 C  CG    . PHE A 1 175 ? 0.432   0.434   8.931   1.00 34.59 ? 169  PHE A CG    1 
ATOM   1270 C  CD1   . PHE A 1 175 ? -0.203  1.433   8.212   1.00 33.65 ? 169  PHE A CD1   1 
ATOM   1271 C  CD2   . PHE A 1 175 ? 0.143   -0.911  8.653   1.00 34.99 ? 169  PHE A CD2   1 
ATOM   1272 C  CE1   . PHE A 1 175 ? -1.144  1.127   7.223   1.00 30.81 ? 169  PHE A CE1   1 
ATOM   1273 C  CE2   . PHE A 1 175 ? -0.760  -1.242  7.665   1.00 32.35 ? 169  PHE A CE2   1 
ATOM   1274 C  CZ    . PHE A 1 175 ? -1.436  -0.201  6.947   1.00 33.49 ? 169  PHE A CZ    1 
ATOM   1275 N  N     . ASP A 1 176 ? 4.674   1.118   11.093  1.00 39.51 ? 170  ASP A N     1 
ATOM   1276 C  CA    . ASP A 1 176 ? 5.727   1.805   11.834  1.00 40.72 ? 170  ASP A CA    1 
ATOM   1277 C  C     . ASP A 1 176 ? 6.629   2.674   10.971  1.00 42.71 ? 170  ASP A C     1 
ATOM   1278 O  O     . ASP A 1 176 ? 6.903   3.837   11.324  1.00 46.05 ? 170  ASP A O     1 
ATOM   1279 C  CB    . ASP A 1 176 ? 6.628   0.797   12.574  1.00 47.92 ? 170  ASP A CB    1 
ATOM   1280 C  CG    . ASP A 1 176 ? 5.919   0.056   13.694  1.00 49.21 ? 170  ASP A CG    1 
ATOM   1281 O  OD1   . ASP A 1 176 ? 4.800   0.443   14.169  1.00 54.06 ? 170  ASP A OD1   1 
ATOM   1282 O  OD2   . ASP A 1 176 ? 6.510   -0.957  14.084  1.00 55.88 ? 170  ASP A OD2   1 
ATOM   1283 N  N     . GLU A 1 177 ? 7.109   2.122   9.844   1.00 37.94 ? 171  GLU A N     1 
ATOM   1284 C  CA    . GLU A 1 177 ? 7.882   2.940   8.898   1.00 42.94 ? 171  GLU A CA    1 
ATOM   1285 C  C     . GLU A 1 177 ? 7.083   4.109   8.296   1.00 44.38 ? 171  GLU A C     1 
ATOM   1286 O  O     . GLU A 1 177 ? 7.618   5.210   8.088   1.00 45.30 ? 171  GLU A O     1 
ATOM   1287 C  CB    . GLU A 1 177 ? 8.482   2.071   7.772   1.00 40.53 ? 171  GLU A CB    1 
ATOM   1288 C  CG    . GLU A 1 177 ? 9.516   1.068   8.256   1.00 46.40 ? 171  GLU A CG    1 
ATOM   1289 C  CD    . GLU A 1 177 ? 10.561  1.726   9.141   1.00 48.05 ? 171  GLU A CD    1 
ATOM   1290 O  OE1   . GLU A 1 177 ? 11.126  2.788   8.746   1.00 50.01 ? 171  GLU A OE1   1 
ATOM   1291 O  OE2   . GLU A 1 177 ? 10.791  1.185   10.249  1.00 52.40 ? 171  GLU A OE2   1 
ATOM   1292 N  N     . ALA A 1 178 ? 5.802   3.881   8.010   1.00 41.73 ? 172  ALA A N     1 
ATOM   1293 C  CA    . ALA A 1 178 ? 4.961   4.985   7.590   1.00 41.07 ? 172  ALA A CA    1 
ATOM   1294 C  C     . ALA A 1 178 ? 5.106   6.131   8.586   1.00 44.35 ? 172  ALA A C     1 
ATOM   1295 O  O     . ALA A 1 178 ? 5.344   7.295   8.201   1.00 42.64 ? 172  ALA A O     1 
ATOM   1296 C  CB    . ALA A 1 178 ? 3.515   4.522   7.528   1.00 46.02 ? 172  ALA A CB    1 
ATOM   1297 N  N     . ILE A 1 179 ? 4.915   5.783   9.871   1.00 46.86 ? 173  ILE A N     1 
ATOM   1298 C  CA    . ILE A 1 179 ? 4.978   6.769   10.950  1.00 50.67 ? 173  ILE A CA    1 
ATOM   1299 C  C     . ILE A 1 179 ? 6.403   7.332   11.044  1.00 52.34 ? 173  ILE A C     1 
ATOM   1300 O  O     . ILE A 1 179 ? 6.603   8.559   11.017  1.00 50.92 ? 173  ILE A O     1 
ATOM   1301 C  CB    . ILE A 1 179 ? 4.421   6.259   12.329  1.00 47.76 ? 173  ILE A CB    1 
ATOM   1302 C  CG1   . ILE A 1 179 ? 3.489   5.065   12.164  1.00 48.06 ? 173  ILE A CG1   1 
ATOM   1303 C  CG2   . ILE A 1 179 ? 3.493   7.284   12.901  1.00 58.34 ? 173  ILE A CG2   1 
ATOM   1304 C  CD1   . ILE A 1 179 ? 2.394   4.999   13.237  1.00 44.24 ? 173  ILE A CD1   1 
ATOM   1305 N  N     . ARG A 1 180 ? 7.387   6.431   11.115  1.00 52.17 ? 174  ARG A N     1 
ATOM   1306 C  CA    . ARG A 1 180 ? 8.801   6.840   11.140  1.00 52.88 ? 174  ARG A CA    1 
ATOM   1307 C  C     . ARG A 1 180 ? 9.157   7.860   10.027  1.00 54.85 ? 174  ARG A C     1 
ATOM   1308 O  O     . ARG A 1 180 ? 9.916   8.802   10.267  1.00 56.60 ? 174  ARG A O     1 
ATOM   1309 C  CB    . ARG A 1 180 ? 9.698   5.595   11.113  1.00 50.81 ? 174  ARG A CB    1 
ATOM   1310 C  CG    . ARG A 1 180 ? 11.057  5.772   11.732  1.00 59.36 ? 174  ARG A CG    1 
ATOM   1311 C  CD    . ARG A 1 180 ? 11.177  5.077   13.090  1.00 65.35 ? 174  ARG A CD    1 
ATOM   1312 N  NE    . ARG A 1 180 ? 10.764  3.673   13.023  1.00 61.83 ? 174  ARG A NE    1 
ATOM   1313 C  CZ    . ARG A 1 180 ? 10.653  2.866   14.073  1.00 62.13 ? 174  ARG A CZ    1 
ATOM   1314 N  NH1   . ARG A 1 180 ? 10.237  1.606   13.873  1.00 57.67 ? 174  ARG A NH1   1 
ATOM   1315 N  NH2   . ARG A 1 180 ? 10.939  3.323   15.313  1.00 63.42 ? 174  ARG A NH2   1 
ATOM   1316 N  N     . ALA A 1 181 ? 8.586   7.708   8.824   1.00 51.22 ? 175  ALA A N     1 
ATOM   1317 C  CA    . ALA A 1 181 ? 8.868   8.656   7.708   1.00 54.96 ? 175  ALA A CA    1 
ATOM   1318 C  C     . ALA A 1 181 ? 8.314   10.053  7.923   1.00 54.29 ? 175  ALA A C     1 
ATOM   1319 O  O     . ALA A 1 181 ? 8.755   11.008  7.289   1.00 54.79 ? 175  ALA A O     1 
ATOM   1320 C  CB    . ALA A 1 181 ? 8.360   8.114   6.386   1.00 51.74 ? 175  ALA A CB    1 
ATOM   1321 N  N     . VAL A 1 182 ? 7.292   10.157  8.771   1.00 55.57 ? 176  VAL A N     1 
ATOM   1322 C  CA    . VAL A 1 182 ? 6.831   11.461  9.208   1.00 56.79 ? 176  VAL A CA    1 
ATOM   1323 C  C     . VAL A 1 182 ? 7.416   11.714  10.599  1.00 59.29 ? 176  VAL A C     1 
ATOM   1324 O  O     . VAL A 1 182 ? 7.089   11.031  11.595  1.00 58.81 ? 176  VAL A O     1 
ATOM   1325 C  CB    . VAL A 1 182 ? 5.281   11.608  9.116   1.00 53.83 ? 176  VAL A CB    1 
ATOM   1326 C  CG1   . VAL A 1 182 ? 4.631   10.264  9.156   1.00 52.20 ? 176  VAL A CG1   1 
ATOM   1327 C  CG2   . VAL A 1 182 ? 4.772   12.491  10.199  1.00 50.98 ? 176  VAL A CG2   1 
ATOM   1328 N  N     . LEU A 1 183 ? 8.359   12.648  10.632  1.00 66.46 ? 177  LEU A N     1 
ATOM   1329 C  CA    . LEU A 1 183 ? 9.222   12.861  11.814  1.00 68.67 ? 177  LEU A CA    1 
ATOM   1330 C  C     . LEU A 1 183 ? 10.434  11.924  12.088  1.00 67.06 ? 177  LEU A C     1 
ATOM   1331 O  O     . LEU A 1 183 ? 10.489  11.450  13.213  1.00 68.96 ? 177  LEU A O     1 
ATOM   1332 C  CB    . LEU A 1 183 ? 8.343   12.834  13.084  1.00 67.12 ? 177  LEU A CB    1 
ATOM   1333 N  N     . CYS A 1 184 ? 11.407  11.629  11.198  1.00 69.26 ? 178  CYS A N     1 
ATOM   1334 C  CA    . CYS A 1 184 ? 11.551  11.991  9.776   1.00 70.47 ? 178  CYS A CA    1 
ATOM   1335 C  C     . CYS A 1 184 ? 12.627  11.007  9.188   1.00 76.52 ? 178  CYS A C     1 
ATOM   1336 O  O     . CYS A 1 184 ? 12.683  9.851   9.685   1.00 74.72 ? 178  CYS A O     1 
ATOM   1337 C  CB    . CYS A 1 184 ? 11.906  13.467  9.615   1.00 69.99 ? 178  CYS A CB    1 
ATOM   1338 S  SG    . CYS A 1 184 ? 11.224  14.179  8.076   1.00 86.18 ? 178  CYS A SG    1 
ATOM   1339 N  N     . PRO A 1 185 ? 13.485  11.417  8.170   1.00 81.01 ? 179  PRO A N     1 
ATOM   1340 C  CA    . PRO A 1 185 ? 14.587  10.484  7.802   1.00 79.85 ? 179  PRO A CA    1 
ATOM   1341 C  C     . PRO A 1 185 ? 15.316  9.878   9.025   1.00 81.81 ? 179  PRO A C     1 
ATOM   1342 O  O     . PRO A 1 185 ? 16.235  9.049   8.931   1.00 82.91 ? 179  PRO A O     1 
ATOM   1343 C  CB    . PRO A 1 185 ? 15.563  11.363  6.979   1.00 79.26 ? 179  PRO A CB    1 
ATOM   1344 C  CG    . PRO A 1 185 ? 14.713  12.404  6.362   1.00 82.11 ? 179  PRO A CG    1 
ATOM   1345 C  CD    . PRO A 1 185 ? 13.493  12.610  7.291   1.00 80.83 ? 179  PRO A CD    1 
HETATM 1346 MG MG    . MG  B 2 .   ? -10.659 -1.663  -1.546  1.00 29.45 ? 1180 MG  A MG    1 
HETATM 1347 P  PB    . GDP C 3 .   ? -8.323  -3.471  -3.092  1.00 28.77 ? 1181 GDP A PB    1 
HETATM 1348 O  O1B   . GDP C 3 .   ? -8.684  -2.669  -1.868  1.00 27.92 ? 1181 GDP A O1B   1 
HETATM 1349 O  O2B   . GDP C 3 .   ? -9.371  -3.322  -4.206  1.00 30.46 ? 1181 GDP A O2B   1 
HETATM 1350 O  O3B   . GDP C 3 .   ? -6.941  -2.792  -3.305  1.00 28.61 ? 1181 GDP A O3B   1 
HETATM 1351 O  O3A   . GDP C 3 .   ? -8.176  -5.045  -2.691  1.00 32.89 ? 1181 GDP A O3A   1 
HETATM 1352 P  PA    . GDP C 3 .   ? -8.960  -5.884  -1.456  1.00 30.54 ? 1181 GDP A PA    1 
HETATM 1353 O  O1A   . GDP C 3 .   ? -8.415  -5.427  -0.146  1.00 29.02 ? 1181 GDP A O1A   1 
HETATM 1354 O  O2A   . GDP C 3 .   ? -10.431 -5.791  -1.780  1.00 29.66 ? 1181 GDP A O2A   1 
HETATM 1355 O  "O5'" . GDP C 3 .   ? -8.347  -7.310  -1.894  1.00 32.69 ? 1181 GDP A "O5'" 1 
HETATM 1356 C  "C5'" . GDP C 3 .   ? -8.611  -7.795  -3.203  1.00 32.71 ? 1181 GDP A "C5'" 1 
HETATM 1357 C  "C4'" . GDP C 3 .   ? -8.573  -9.317  -3.252  1.00 35.10 ? 1181 GDP A "C4'" 1 
HETATM 1358 O  "O4'" . GDP C 3 .   ? -7.299  -9.722  -2.818  1.00 36.76 ? 1181 GDP A "O4'" 1 
HETATM 1359 C  "C3'" . GDP C 3 .   ? -9.554  -9.947  -2.258  1.00 35.73 ? 1181 GDP A "C3'" 1 
HETATM 1360 O  "O3'" . GDP C 3 .   ? -10.043 -11.113 -2.913  1.00 34.82 ? 1181 GDP A "O3'" 1 
HETATM 1361 C  "C2'" . GDP C 3 .   ? -8.730  -10.322 -1.023  1.00 35.01 ? 1181 GDP A "C2'" 1 
HETATM 1362 O  "O2'" . GDP C 3 .   ? -9.236  -11.475 -0.294  1.00 41.69 ? 1181 GDP A "O2'" 1 
HETATM 1363 C  "C1'" . GDP C 3 .   ? -7.363  -10.536 -1.632  1.00 35.59 ? 1181 GDP A "C1'" 1 
HETATM 1364 N  N9    . GDP C 3 .   ? -6.219  -10.179 -0.718  1.00 34.35 ? 1181 GDP A N9    1 
HETATM 1365 C  C8    . GDP C 3 .   ? -5.946  -9.006  -0.100  1.00 34.38 ? 1181 GDP A C8    1 
HETATM 1366 N  N7    . GDP C 3 .   ? -4.811  -9.008  0.641   1.00 30.76 ? 1181 GDP A N7    1 
HETATM 1367 C  C5    . GDP C 3 .   ? -4.362  -10.265 0.526   1.00 34.44 ? 1181 GDP A C5    1 
HETATM 1368 C  C6    . GDP C 3 .   ? -3.216  -11.017 1.073   1.00 35.02 ? 1181 GDP A C6    1 
HETATM 1369 O  O6    . GDP C 3 .   ? -2.450  -10.403 1.838   1.00 34.01 ? 1181 GDP A O6    1 
HETATM 1370 N  N1    . GDP C 3 .   ? -3.109  -12.312 0.711   1.00 37.15 ? 1181 GDP A N1    1 
HETATM 1371 C  C2    . GDP C 3 .   ? -3.962  -12.955 -0.134  1.00 37.07 ? 1181 GDP A C2    1 
HETATM 1372 N  N2    . GDP C 3 .   ? -3.817  -14.263 -0.495  1.00 38.38 ? 1181 GDP A N2    1 
HETATM 1373 N  N3    . GDP C 3 .   ? -5.037  -12.338 -0.648  1.00 38.04 ? 1181 GDP A N3    1 
HETATM 1374 C  C4    . GDP C 3 .   ? -5.289  -11.034 -0.340  1.00 36.78 ? 1181 GDP A C4    1 
HETATM 1375 O  O     . HOH D 4 .   ? -1.221  12.661  20.327  1.00 57.88 ? 2001 HOH A O     1 
HETATM 1376 O  O     . HOH D 4 .   ? -1.829  10.256  20.571  1.00 59.88 ? 2002 HOH A O     1 
HETATM 1377 O  O     . HOH D 4 .   ? -9.460  -4.236  -12.371 1.00 55.12 ? 2003 HOH A O     1 
HETATM 1378 O  O     . HOH D 4 .   ? -10.123 -1.398  -12.217 1.00 45.23 ? 2004 HOH A O     1 
HETATM 1379 O  O     . HOH D 4 .   ? -15.734 -5.496  -5.382  1.00 43.94 ? 2005 HOH A O     1 
HETATM 1380 O  O     . HOH D 4 .   ? -3.862  -4.061  -11.793 1.00 36.68 ? 2006 HOH A O     1 
HETATM 1381 O  O     . HOH D 4 .   ? -5.451  0.931   -12.846 1.00 40.18 ? 2007 HOH A O     1 
HETATM 1382 O  O     . HOH D 4 .   ? -6.652  -3.738  -10.853 1.00 41.93 ? 2008 HOH A O     1 
HETATM 1383 O  O     . HOH D 4 .   ? -7.020  -0.048  -10.996 1.00 34.47 ? 2009 HOH A O     1 
HETATM 1384 O  O     . HOH D 4 .   ? -14.290 -8.433  8.453   1.00 47.64 ? 2010 HOH A O     1 
HETATM 1385 O  O     . HOH D 4 .   ? -14.956 -5.873  -2.547  1.00 28.96 ? 2011 HOH A O     1 
HETATM 1386 O  O     . HOH D 4 .   ? -19.365 -6.010  4.394   1.00 49.03 ? 2012 HOH A O     1 
HETATM 1387 O  O     . HOH D 4 .   ? -12.471 -0.484  -1.059  1.00 26.37 ? 2013 HOH A O     1 
HETATM 1388 O  O     . HOH D 4 .   ? -22.347 -2.143  2.069   1.00 42.79 ? 2014 HOH A O     1 
HETATM 1389 O  O     . HOH D 4 .   ? -15.837 5.543   12.375  1.00 59.57 ? 2015 HOH A O     1 
HETATM 1390 O  O     . HOH D 4 .   ? 5.457   20.338  5.441   1.00 68.02 ? 2016 HOH A O     1 
HETATM 1391 O  O     . HOH D 4 .   ? -9.653  -8.850  16.211  1.00 33.08 ? 2017 HOH A O     1 
HETATM 1392 O  O     . HOH D 4 .   ? -11.334 -8.195  10.976  1.00 47.66 ? 2018 HOH A O     1 
HETATM 1393 O  O     . HOH D 4 .   ? -6.055  -11.196 15.670  1.00 37.49 ? 2019 HOH A O     1 
HETATM 1394 O  O     . HOH D 4 .   ? -12.291 -2.809  -11.497 1.00 54.72 ? 2020 HOH A O     1 
HETATM 1395 O  O     . HOH D 4 .   ? -14.061 -4.571  -8.746  1.00 57.10 ? 2021 HOH A O     1 
HETATM 1396 O  O     . HOH D 4 .   ? -13.469 -3.735  -6.038  1.00 33.08 ? 2022 HOH A O     1 
HETATM 1397 O  O     . HOH D 4 .   ? 15.985  -6.959  -10.433 1.00 44.58 ? 2023 HOH A O     1 
HETATM 1398 O  O     . HOH D 4 .   ? -19.883 2.620   -14.167 1.00 48.01 ? 2024 HOH A O     1 
HETATM 1399 O  O     . HOH D 4 .   ? 14.401  2.034   -1.514  1.00 51.17 ? 2025 HOH A O     1 
HETATM 1400 O  O     . HOH D 4 .   ? -5.651  11.499  -13.866 1.00 42.22 ? 2026 HOH A O     1 
HETATM 1401 O  O     . HOH D 4 .   ? -8.713  19.237  -3.156  1.00 52.11 ? 2027 HOH A O     1 
HETATM 1402 O  O     . HOH D 4 .   ? -16.070 -10.672 0.086   1.00 57.90 ? 2028 HOH A O     1 
HETATM 1403 O  O     . HOH D 4 .   ? -15.146 -10.490 7.369   1.00 43.93 ? 2029 HOH A O     1 
HETATM 1404 O  O     . HOH D 4 .   ? -19.607 -8.095  2.276   1.00 58.44 ? 2030 HOH A O     1 
HETATM 1405 O  O     . HOH D 4 .   ? -16.686 -7.661  -1.442  1.00 39.65 ? 2031 HOH A O     1 
HETATM 1406 O  O     . HOH D 4 .   ? -0.746  17.161  -0.277  1.00 52.02 ? 2032 HOH A O     1 
HETATM 1407 O  O     . HOH D 4 .   ? 0.415   19.103  -0.319  1.00 59.71 ? 2033 HOH A O     1 
HETATM 1408 O  O     . HOH D 4 .   ? 2.191   18.580  3.418   1.00 61.29 ? 2034 HOH A O     1 
HETATM 1409 O  O     . HOH D 4 .   ? -13.861 -0.696  1.029   1.00 26.62 ? 2035 HOH A O     1 
HETATM 1410 O  O     . HOH D 4 .   ? -14.543 -3.726  -1.511  1.00 27.83 ? 2036 HOH A O     1 
HETATM 1411 O  O     . HOH D 4 .   ? -19.580 -2.070  2.980   1.00 36.55 ? 2037 HOH A O     1 
HETATM 1412 O  O     . HOH D 4 .   ? -14.866 -1.220  -2.696  1.00 24.63 ? 2038 HOH A O     1 
HETATM 1413 O  O     . HOH D 4 .   ? -20.312 -4.662  2.372   1.00 47.13 ? 2039 HOH A O     1 
HETATM 1414 O  O     . HOH D 4 .   ? -17.195 5.837   0.548   1.00 24.58 ? 2040 HOH A O     1 
HETATM 1415 O  O     . HOH D 4 .   ? -16.915 1.048   5.037   1.00 33.45 ? 2041 HOH A O     1 
HETATM 1416 O  O     . HOH D 4 .   ? -16.013 5.904   9.173   1.00 47.24 ? 2042 HOH A O     1 
HETATM 1417 O  O     . HOH D 4 .   ? 1.670   -4.290  -17.426 1.00 49.20 ? 2043 HOH A O     1 
HETATM 1418 O  O     . HOH D 4 .   ? -9.623  8.533   10.577  1.00 48.67 ? 2044 HOH A O     1 
HETATM 1419 O  O     . HOH D 4 .   ? -14.445 4.322   10.537  1.00 45.84 ? 2045 HOH A O     1 
HETATM 1420 O  O     . HOH D 4 .   ? -0.365  3.746   -18.954 1.00 49.34 ? 2046 HOH A O     1 
HETATM 1421 O  O     . HOH D 4 .   ? -12.371 0.915   2.926   1.00 23.36 ? 2047 HOH A O     1 
HETATM 1422 O  O     . HOH D 4 .   ? 9.582   7.543   -12.432 1.00 44.37 ? 2048 HOH A O     1 
HETATM 1423 O  O     . HOH D 4 .   ? 1.375   11.514  -15.786 1.00 49.11 ? 2049 HOH A O     1 
HETATM 1424 O  O     . HOH D 4 .   ? -8.794  0.251   15.166  1.00 49.12 ? 2050 HOH A O     1 
HETATM 1425 O  O     . HOH D 4 .   ? -3.024  14.213  -12.600 1.00 50.81 ? 2051 HOH A O     1 
HETATM 1426 O  O     . HOH D 4 .   ? 3.458   20.080  2.024   1.00 63.59 ? 2052 HOH A O     1 
HETATM 1427 O  O     . HOH D 4 .   ? 6.462   18.075  4.150   1.00 61.66 ? 2053 HOH A O     1 
HETATM 1428 O  O     . HOH D 4 .   ? -5.577  10.999  13.291  1.00 53.96 ? 2054 HOH A O     1 
HETATM 1429 O  O     . HOH D 4 .   ? -6.818  11.630  9.613   1.00 50.57 ? 2056 HOH A O     1 
HETATM 1430 O  O     . HOH D 4 .   ? -10.669 7.818   2.696   1.00 45.06 ? 2057 HOH A O     1 
HETATM 1431 O  O     . HOH D 4 .   ? -9.669  0.209   -1.404  1.00 23.89 ? 2058 HOH A O     1 
HETATM 1432 O  O     . HOH D 4 .   ? -5.883  3.962   -5.365  1.00 24.68 ? 2059 HOH A O     1 
HETATM 1433 O  O     . HOH D 4 .   ? -9.484  0.656   -4.852  1.00 24.58 ? 2060 HOH A O     1 
HETATM 1434 O  O     . HOH D 4 .   ? 14.567  -13.537 -4.583  1.00 42.98 ? 2061 HOH A O     1 
HETATM 1435 O  O     . HOH D 4 .   ? 17.661  -5.253  -9.551  1.00 47.68 ? 2062 HOH A O     1 
HETATM 1436 O  O     . HOH D 4 .   ? 18.092  -1.961  -6.079  1.00 43.95 ? 2063 HOH A O     1 
HETATM 1437 O  O     . HOH D 4 .   ? -10.837 7.437   -3.629  1.00 30.01 ? 2064 HOH A O     1 
HETATM 1438 O  O     . HOH D 4 .   ? -7.040  2.891   -12.350 1.00 35.13 ? 2065 HOH A O     1 
HETATM 1439 O  O     . HOH D 4 .   ? -14.172 -1.956  -9.181  1.00 41.76 ? 2066 HOH A O     1 
HETATM 1440 O  O     . HOH D 4 .   ? -13.199 -1.377  -4.927  1.00 29.98 ? 2067 HOH A O     1 
HETATM 1441 O  O     . HOH D 4 .   ? -10.041 0.933   -13.852 1.00 48.47 ? 2068 HOH A O     1 
HETATM 1442 O  O     . HOH D 4 .   ? -13.106 4.632   -17.180 1.00 42.27 ? 2069 HOH A O     1 
HETATM 1443 O  O     . HOH D 4 .   ? -18.919 2.950   -11.867 1.00 48.10 ? 2070 HOH A O     1 
HETATM 1444 O  O     . HOH D 4 .   ? -13.718 1.902   -16.563 1.00 48.51 ? 2071 HOH A O     1 
HETATM 1445 O  O     . HOH D 4 .   ? -16.554 1.758   -15.782 1.00 44.64 ? 2072 HOH A O     1 
HETATM 1446 O  O     . HOH D 4 .   ? -13.213 2.367   -13.744 1.00 30.60 ? 2073 HOH A O     1 
HETATM 1447 O  O     . HOH D 4 .   ? -14.864 0.464   -13.240 1.00 52.71 ? 2074 HOH A O     1 
HETATM 1448 O  O     . HOH D 4 .   ? 15.408  1.945   0.634   1.00 60.10 ? 2075 HOH A O     1 
HETATM 1449 O  O     . HOH D 4 .   ? -15.633 11.983  -3.756  1.00 41.72 ? 2076 HOH A O     1 
HETATM 1450 O  O     . HOH D 4 .   ? 9.660   -5.648  6.139   1.00 45.53 ? 2077 HOH A O     1 
HETATM 1451 O  O     . HOH D 4 .   ? -6.147  11.340  -11.215 1.00 32.20 ? 2078 HOH A O     1 
HETATM 1452 O  O     . HOH D 4 .   ? -7.953  13.333  -13.554 1.00 49.27 ? 2079 HOH A O     1 
HETATM 1453 O  O     . HOH D 4 .   ? -6.763  17.659  -4.319  1.00 49.05 ? 2080 HOH A O     1 
HETATM 1454 O  O     . HOH D 4 .   ? -10.263 17.817  -0.512  1.00 44.62 ? 2081 HOH A O     1 
HETATM 1455 O  O     . HOH D 4 .   ? -10.040 8.479   -0.821  1.00 37.16 ? 2082 HOH A O     1 
HETATM 1456 O  O     . HOH D 4 .   ? -1.080  19.205  1.698   1.00 53.54 ? 2083 HOH A O     1 
HETATM 1457 O  O     . HOH D 4 .   ? 0.550   17.095  2.406   1.00 54.98 ? 2084 HOH A O     1 
HETATM 1458 O  O     . HOH D 4 .   ? -0.665  -0.623  -8.087  1.00 23.15 ? 2085 HOH A O     1 
HETATM 1459 O  O     . HOH D 4 .   ? -3.135  -9.695  -7.085  1.00 33.21 ? 2086 HOH A O     1 
HETATM 1460 O  O     . HOH D 4 .   ? 0.020   -2.304  -16.146 1.00 43.81 ? 2087 HOH A O     1 
HETATM 1461 O  O     . HOH D 4 .   ? -0.415  -8.787  -14.189 1.00 41.53 ? 2088 HOH A O     1 
HETATM 1462 O  O     . HOH D 4 .   ? 2.268   0.870   -18.643 1.00 46.91 ? 2089 HOH A O     1 
HETATM 1463 O  O     . HOH D 4 .   ? -1.963  3.181   -16.076 1.00 44.02 ? 2090 HOH A O     1 
HETATM 1464 O  O     . HOH D 4 .   ? 0.370   0.045   -17.141 1.00 46.48 ? 2091 HOH A O     1 
HETATM 1465 O  O     . HOH D 4 .   ? 6.720   7.647   -12.813 1.00 34.09 ? 2092 HOH A O     1 
HETATM 1466 O  O     . HOH D 4 .   ? 12.018  -2.916  -15.711 1.00 50.63 ? 2093 HOH A O     1 
HETATM 1467 O  O     . HOH D 4 .   ? 0.056   9.149   -15.678 1.00 37.97 ? 2094 HOH A O     1 
HETATM 1468 O  O     . HOH D 4 .   ? 0.975   6.312   -18.340 1.00 45.84 ? 2095 HOH A O     1 
HETATM 1469 O  O     . HOH D 4 .   ? -1.202  9.440   -13.289 1.00 30.69 ? 2096 HOH A O     1 
HETATM 1470 O  O     . HOH D 4 .   ? -6.333  5.722   -15.747 1.00 42.75 ? 2097 HOH A O     1 
HETATM 1471 O  O     . HOH D 4 .   ? -0.969  12.379  -12.689 1.00 47.93 ? 2098 HOH A O     1 
HETATM 1472 O  O     . HOH D 4 .   ? 1.292   13.713  -13.441 1.00 52.75 ? 2099 HOH A O     1 
HETATM 1473 O  O     . HOH D 4 .   ? -3.754  9.623   -12.590 1.00 29.41 ? 2100 HOH A O     1 
HETATM 1474 O  O     . HOH D 4 .   ? -4.934  13.655  -10.799 1.00 39.17 ? 2101 HOH A O     1 
HETATM 1475 O  O     . HOH D 4 .   ? 8.391   16.417  3.238   1.00 63.29 ? 2102 HOH A O     1 
HETATM 1476 O  O     . HOH D 4 .   ? 3.419   18.105  -0.442  1.00 50.87 ? 2103 HOH A O     1 
HETATM 1477 O  O     . HOH D 4 .   ? 4.525   17.041  3.128   1.00 56.69 ? 2104 HOH A O     1 
HETATM 1478 O  O     . HOH D 4 .   ? 9.373   9.510   -0.572  1.00 39.87 ? 2105 HOH A O     1 
HETATM 1479 O  O     . HOH D 4 .   ? -0.624  -7.739  1.763   1.00 34.98 ? 2106 HOH A O     1 
HETATM 1480 O  O     . HOH D 4 .   ? 8.891   -15.573 -1.232  1.00 49.93 ? 2107 HOH A O     1 
HETATM 1481 O  O     . HOH D 4 .   ? 4.934   -16.991 -0.278  1.00 45.66 ? 2108 HOH A O     1 
HETATM 1482 O  O     . HOH D 4 .   ? -1.908  -23.384 -4.211  1.00 66.52 ? 2109 HOH A O     1 
HETATM 1483 O  O     . HOH D 4 .   ? 0.655   -24.486 -3.628  1.00 65.96 ? 2110 HOH A O     1 
HETATM 1484 O  O     . HOH D 4 .   ? -1.094  -27.164 -6.401  1.00 66.88 ? 2111 HOH A O     1 
HETATM 1485 O  O     . HOH D 4 .   ? 4.971   -17.486 -12.499 1.00 51.50 ? 2112 HOH A O     1 
HETATM 1486 O  O     . HOH D 4 .   ? -2.570  -25.591 -10.051 1.00 72.31 ? 2113 HOH A O     1 
HETATM 1487 O  O     . HOH D 4 .   ? 7.383   -10.467 -13.501 1.00 48.41 ? 2114 HOH A O     1 
HETATM 1488 O  O     . HOH D 4 .   ? 9.694   -14.495 -9.168  1.00 49.96 ? 2115 HOH A O     1 
HETATM 1489 O  O     . HOH D 4 .   ? 11.947  -12.615 -3.600  1.00 42.31 ? 2116 HOH A O     1 
HETATM 1490 O  O     . HOH D 4 .   ? 17.429  -4.041  -6.486  1.00 30.27 ? 2117 HOH A O     1 
HETATM 1491 O  O     . HOH D 4 .   ? 10.862  5.878   -13.286 1.00 48.37 ? 2118 HOH A O     1 
HETATM 1492 O  O     . HOH D 4 .   ? 11.463  8.927   -10.896 1.00 48.10 ? 2119 HOH A O     1 
HETATM 1493 O  O     . HOH D 4 .   ? 9.820   10.150  -3.957  1.00 47.98 ? 2120 HOH A O     1 
HETATM 1494 O  O     . HOH D 4 .   ? 11.916  -4.567  3.062   1.00 42.17 ? 2121 HOH A O     1 
HETATM 1495 O  O     . HOH D 4 .   ? 13.719  -0.105  1.833   1.00 38.13 ? 2122 HOH A O     1 
HETATM 1496 O  O     . HOH D 4 .   ? 7.087   -5.003  5.815   1.00 30.03 ? 2123 HOH A O     1 
HETATM 1497 O  O     . HOH D 4 .   ? 8.788   -8.078  5.471   1.00 47.46 ? 2124 HOH A O     1 
HETATM 1498 O  O     . HOH D 4 .   ? 10.082  -8.654  2.584   1.00 42.24 ? 2125 HOH A O     1 
HETATM 1499 O  O     . HOH D 4 .   ? 10.091  -6.228  3.428   1.00 37.59 ? 2126 HOH A O     1 
HETATM 1500 O  O     . HOH D 4 .   ? 3.364   -14.233 4.546   1.00 35.95 ? 2127 HOH A O     1 
HETATM 1501 O  O     . HOH D 4 .   ? -1.496  -9.206  14.748  1.00 55.52 ? 2128 HOH A O     1 
HETATM 1502 O  O     . HOH D 4 .   ? 3.113   -7.339  11.471  1.00 44.02 ? 2129 HOH A O     1 
HETATM 1503 O  O     . HOH D 4 .   ? 10.640  5.160   7.331   1.00 52.93 ? 2130 HOH A O     1 
HETATM 1504 O  O     . HOH D 4 .   ? 13.271  4.703   9.363   1.00 62.47 ? 2131 HOH A O     1 
HETATM 1505 O  O     . HOH D 4 .   ? 10.586  10.361  5.376   1.00 61.38 ? 2132 HOH A O     1 
HETATM 1506 O  O     . HOH D 4 .   ? 12.437  7.432   7.344   1.00 55.22 ? 2133 HOH A O     1 
HETATM 1507 O  O     . HOH D 4 .   ? -3.413  -6.919  1.259   1.00 26.17 ? 2134 HOH A O     1 
HETATM 1508 O  O     . HOH D 4 .   ? -11.642 -3.577  -1.680  1.00 26.90 ? 2135 HOH A O     1 
HETATM 1509 O  O     . HOH D 4 .   ? -11.107 -5.071  -5.106  1.00 32.59 ? 2136 HOH A O     1 
HETATM 1510 O  O     . HOH D 4 .   ? -12.203 -7.036  -3.357  1.00 30.33 ? 2137 HOH A O     1 
HETATM 1511 O  O     . HOH D 4 .   ? -10.955 -1.565  -3.871  1.00 23.13 ? 2138 HOH A O     1 
# 
